data_7E3T
# 
_entry.id   7E3T 
# 
_audit_conform.dict_name       mmcif_pdbx.dic 
_audit_conform.dict_version    5.380 
_audit_conform.dict_location   http://mmcif.pdb.org/dictionaries/ascii/mmcif_pdbx.dic 
# 
loop_
_database_2.database_id 
_database_2.database_code 
_database_2.pdbx_database_accession 
_database_2.pdbx_DOI 
PDB   7E3T         pdb_00007e3t 10.2210/pdb7e3t/pdb 
WWPDB D_1300019350 ?            ?                   
# 
_pdbx_database_status.status_code                     REL 
_pdbx_database_status.status_code_sf                  REL 
_pdbx_database_status.status_code_mr                  ? 
_pdbx_database_status.entry_id                        7E3T 
_pdbx_database_status.recvd_initial_deposition_date   2021-02-09 
_pdbx_database_status.SG_entry                        N 
_pdbx_database_status.deposit_site                    PDBJ 
_pdbx_database_status.process_site                    PDBJ 
_pdbx_database_status.status_code_cs                  ? 
_pdbx_database_status.status_code_nmr_data            ? 
_pdbx_database_status.methods_development_category    ? 
_pdbx_database_status.pdb_format_compatible           Y 
# 
loop_
_audit_author.name 
_audit_author.pdbx_ordinal 
_audit_author.identifier_ORCID 
'Kim, J.' 1 0000-0001-5213-9299 
'Son, J.' 2 0000-0001-9265-3495 
# 
_citation.abstract                  ? 
_citation.abstract_id_CAS           ? 
_citation.book_id_ISBN              ? 
_citation.book_publisher            ? 
_citation.book_publisher_city       ? 
_citation.book_title                ? 
_citation.coordinate_linkage        ? 
_citation.country                   ? 
_citation.database_id_Medline       ? 
_citation.details                   ? 
_citation.id                        primary 
_citation.journal_abbrev            'To Be Published' 
_citation.journal_id_ASTM           ? 
_citation.journal_id_CSD            0353 
_citation.journal_id_ISSN           ? 
_citation.journal_full              ? 
_citation.journal_issue             ? 
_citation.journal_volume            ? 
_citation.language                  ? 
_citation.page_first                ? 
_citation.page_last                 ? 
_citation.title                     'Crystal structure of TrmL from Mycoplasma capricolum' 
_citation.year                      ? 
_citation.database_id_CSD           ? 
_citation.pdbx_database_id_DOI      ? 
_citation.pdbx_database_id_PubMed   ? 
_citation.unpublished_flag          ? 
# 
loop_
_citation_author.citation_id 
_citation_author.name 
_citation_author.ordinal 
_citation_author.identifier_ORCID 
primary 'Kim, J.' 1 0000-0001-5213-9299 
primary 'Son, J.' 2 0000-0001-9265-3495 
# 
_cell.angle_alpha                  90.000 
_cell.angle_alpha_esd              ? 
_cell.angle_beta                   90.000 
_cell.angle_beta_esd               ? 
_cell.angle_gamma                  120.000 
_cell.angle_gamma_esd              ? 
_cell.entry_id                     7E3T 
_cell.details                      ? 
_cell.formula_units_Z              ? 
_cell.length_a                     79.824 
_cell.length_a_esd                 ? 
_cell.length_b                     79.824 
_cell.length_b_esd                 ? 
_cell.length_c                     117.333 
_cell.length_c_esd                 ? 
_cell.volume                       ? 
_cell.volume_esd                   ? 
_cell.Z_PDB                        12 
_cell.reciprocal_angle_alpha       ? 
_cell.reciprocal_angle_beta        ? 
_cell.reciprocal_angle_gamma       ? 
_cell.reciprocal_angle_alpha_esd   ? 
_cell.reciprocal_angle_beta_esd    ? 
_cell.reciprocal_angle_gamma_esd   ? 
_cell.reciprocal_length_a          ? 
_cell.reciprocal_length_b          ? 
_cell.reciprocal_length_c          ? 
_cell.reciprocal_length_a_esd      ? 
_cell.reciprocal_length_b_esd      ? 
_cell.reciprocal_length_c_esd      ? 
_cell.pdbx_unique_axis             ? 
# 
_symmetry.entry_id                         7E3T 
_symmetry.cell_setting                     ? 
_symmetry.Int_Tables_number                181 
_symmetry.space_group_name_Hall            ? 
_symmetry.space_group_name_H-M             'P 64 2 2' 
_symmetry.pdbx_full_space_group_name_H-M   ? 
# 
loop_
_entity.id 
_entity.type 
_entity.src_method 
_entity.pdbx_description 
_entity.formula_weight 
_entity.pdbx_number_of_molecules 
_entity.pdbx_ec 
_entity.pdbx_mutation 
_entity.pdbx_fragment 
_entity.details 
1 polymer man 
;Putative tRNA (cytidine(34)-2'-O)-methyltransferase
;
22213.275 1  2.1.1.207 ? ? ? 
2 water   nat water                                                 18.015    32 ?         ? ? ? 
# 
_entity_name_com.entity_id   1 
_entity_name_com.name        
;tRNA_Leu(C/U34) methyltransferase, tRNA (cytidine/uridine-2'-O-)-methyltransferase
;
# 
_entity_poly.entity_id                      1 
_entity_poly.type                           'polypeptide(L)' 
_entity_poly.nstd_linkage                   no 
_entity_poly.nstd_monomer                   no 
_entity_poly.pdbx_seq_one_letter_code       
;MNKRKINIVLYQPEIAQNVGAIMRTCVAINARLHIIEPLGFIFDDRHLSRSSANEYKYVDCIRYDDWNDFITKHQNITLF
CLSRYGQKPISDFDFSKINDNVYLVFGKESTGIAKPILKEHYNTTFRIPMISETRSLNIANTVGIASYEVLRQWDYLDLV
KYETQKGKDYILSERWKGIEEGHHHHHHG
;
_entity_poly.pdbx_seq_one_letter_code_can   
;MNKRKINIVLYQPEIAQNVGAIMRTCVAINARLHIIEPLGFIFDDRHLSRSSANEYKYVDCIRYDDWNDFITKHQNITLF
CLSRYGQKPISDFDFSKINDNVYLVFGKESTGIAKPILKEHYNTTFRIPMISETRSLNIANTVGIASYEVLRQWDYLDLV
KYETQKGKDYILSERWKGIEEGHHHHHHG
;
_entity_poly.pdbx_strand_id                 A 
_entity_poly.pdbx_target_identifier         ? 
# 
loop_
_entity_poly_seq.entity_id 
_entity_poly_seq.num 
_entity_poly_seq.mon_id 
_entity_poly_seq.hetero 
1 1   MET n 
1 2   ASN n 
1 3   LYS n 
1 4   ARG n 
1 5   LYS n 
1 6   ILE n 
1 7   ASN n 
1 8   ILE n 
1 9   VAL n 
1 10  LEU n 
1 11  TYR n 
1 12  GLN n 
1 13  PRO n 
1 14  GLU n 
1 15  ILE n 
1 16  ALA n 
1 17  GLN n 
1 18  ASN n 
1 19  VAL n 
1 20  GLY n 
1 21  ALA n 
1 22  ILE n 
1 23  MET n 
1 24  ARG n 
1 25  THR n 
1 26  CYS n 
1 27  VAL n 
1 28  ALA n 
1 29  ILE n 
1 30  ASN n 
1 31  ALA n 
1 32  ARG n 
1 33  LEU n 
1 34  HIS n 
1 35  ILE n 
1 36  ILE n 
1 37  GLU n 
1 38  PRO n 
1 39  LEU n 
1 40  GLY n 
1 41  PHE n 
1 42  ILE n 
1 43  PHE n 
1 44  ASP n 
1 45  ASP n 
1 46  ARG n 
1 47  HIS n 
1 48  LEU n 
1 49  SER n 
1 50  ARG n 
1 51  SER n 
1 52  SER n 
1 53  ALA n 
1 54  ASN n 
1 55  GLU n 
1 56  TYR n 
1 57  LYS n 
1 58  TYR n 
1 59  VAL n 
1 60  ASP n 
1 61  CYS n 
1 62  ILE n 
1 63  ARG n 
1 64  TYR n 
1 65  ASP n 
1 66  ASP n 
1 67  TRP n 
1 68  ASN n 
1 69  ASP n 
1 70  PHE n 
1 71  ILE n 
1 72  THR n 
1 73  LYS n 
1 74  HIS n 
1 75  GLN n 
1 76  ASN n 
1 77  ILE n 
1 78  THR n 
1 79  LEU n 
1 80  PHE n 
1 81  CYS n 
1 82  LEU n 
1 83  SER n 
1 84  ARG n 
1 85  TYR n 
1 86  GLY n 
1 87  GLN n 
1 88  LYS n 
1 89  PRO n 
1 90  ILE n 
1 91  SER n 
1 92  ASP n 
1 93  PHE n 
1 94  ASP n 
1 95  PHE n 
1 96  SER n 
1 97  LYS n 
1 98  ILE n 
1 99  ASN n 
1 100 ASP n 
1 101 ASN n 
1 102 VAL n 
1 103 TYR n 
1 104 LEU n 
1 105 VAL n 
1 106 PHE n 
1 107 GLY n 
1 108 LYS n 
1 109 GLU n 
1 110 SER n 
1 111 THR n 
1 112 GLY n 
1 113 ILE n 
1 114 ALA n 
1 115 LYS n 
1 116 PRO n 
1 117 ILE n 
1 118 LEU n 
1 119 LYS n 
1 120 GLU n 
1 121 HIS n 
1 122 TYR n 
1 123 ASN n 
1 124 THR n 
1 125 THR n 
1 126 PHE n 
1 127 ARG n 
1 128 ILE n 
1 129 PRO n 
1 130 MET n 
1 131 ILE n 
1 132 SER n 
1 133 GLU n 
1 134 THR n 
1 135 ARG n 
1 136 SER n 
1 137 LEU n 
1 138 ASN n 
1 139 ILE n 
1 140 ALA n 
1 141 ASN n 
1 142 THR n 
1 143 VAL n 
1 144 GLY n 
1 145 ILE n 
1 146 ALA n 
1 147 SER n 
1 148 TYR n 
1 149 GLU n 
1 150 VAL n 
1 151 LEU n 
1 152 ARG n 
1 153 GLN n 
1 154 TRP n 
1 155 ASP n 
1 156 TYR n 
1 157 LEU n 
1 158 ASP n 
1 159 LEU n 
1 160 VAL n 
1 161 LYS n 
1 162 TYR n 
1 163 GLU n 
1 164 THR n 
1 165 GLN n 
1 166 LYS n 
1 167 GLY n 
1 168 LYS n 
1 169 ASP n 
1 170 TYR n 
1 171 ILE n 
1 172 LEU n 
1 173 SER n 
1 174 GLU n 
1 175 ARG n 
1 176 TRP n 
1 177 LYS n 
1 178 GLY n 
1 179 ILE n 
1 180 GLU n 
1 181 GLU n 
1 182 GLY n 
1 183 HIS n 
1 184 HIS n 
1 185 HIS n 
1 186 HIS n 
1 187 HIS n 
1 188 HIS n 
1 189 GLY n 
# 
_entity_src_gen.entity_id                          1 
_entity_src_gen.pdbx_src_id                        1 
_entity_src_gen.pdbx_alt_source_flag               sample 
_entity_src_gen.pdbx_seq_type                      'Biological sequence' 
_entity_src_gen.pdbx_beg_seq_num                   1 
_entity_src_gen.pdbx_end_seq_num                   189 
_entity_src_gen.gene_src_common_name               ? 
_entity_src_gen.gene_src_genus                     ? 
_entity_src_gen.pdbx_gene_src_gene                 'trmL-1, trmL-2, MCGM508_00050, MCGM508_04410' 
_entity_src_gen.gene_src_species                   ? 
_entity_src_gen.gene_src_strain                    ? 
_entity_src_gen.gene_src_tissue                    ? 
_entity_src_gen.gene_src_tissue_fraction           ? 
_entity_src_gen.gene_src_details                   ? 
_entity_src_gen.pdbx_gene_src_fragment             ? 
_entity_src_gen.pdbx_gene_src_scientific_name      'Mycoplasma capricolum subsp. capricolum' 
_entity_src_gen.pdbx_gene_src_ncbi_taxonomy_id     40479 
_entity_src_gen.pdbx_gene_src_variant              ? 
_entity_src_gen.pdbx_gene_src_cell_line            ? 
_entity_src_gen.pdbx_gene_src_atcc                 ? 
_entity_src_gen.pdbx_gene_src_organ                ? 
_entity_src_gen.pdbx_gene_src_organelle            ? 
_entity_src_gen.pdbx_gene_src_cell                 ? 
_entity_src_gen.pdbx_gene_src_cellular_location    ? 
_entity_src_gen.host_org_common_name               ? 
_entity_src_gen.pdbx_host_org_scientific_name      'Escherichia coli BL21(DE3)' 
_entity_src_gen.pdbx_host_org_ncbi_taxonomy_id     469008 
_entity_src_gen.host_org_genus                     ? 
_entity_src_gen.pdbx_host_org_gene                 ? 
_entity_src_gen.pdbx_host_org_organ                ? 
_entity_src_gen.host_org_species                   ? 
_entity_src_gen.pdbx_host_org_tissue               ? 
_entity_src_gen.pdbx_host_org_tissue_fraction      ? 
_entity_src_gen.pdbx_host_org_strain               'BL21(DE3)' 
_entity_src_gen.pdbx_host_org_variant              ? 
_entity_src_gen.pdbx_host_org_cell_line            ? 
_entity_src_gen.pdbx_host_org_atcc                 ? 
_entity_src_gen.pdbx_host_org_culture_collection   ? 
_entity_src_gen.pdbx_host_org_cell                 ? 
_entity_src_gen.pdbx_host_org_organelle            ? 
_entity_src_gen.pdbx_host_org_cellular_location    ? 
_entity_src_gen.pdbx_host_org_vector_type          ? 
_entity_src_gen.pdbx_host_org_vector               ? 
_entity_src_gen.host_org_details                   ? 
_entity_src_gen.expression_system_id               ? 
_entity_src_gen.plasmid_name                       ? 
_entity_src_gen.plasmid_details                    ? 
_entity_src_gen.pdbx_description                   ? 
# 
_struct_ref.id                         1 
_struct_ref.db_name                    UNP 
_struct_ref.db_code                    A0A0C2ZKK6_MYCCA 
_struct_ref.pdbx_db_accession          A0A0C2ZKK6 
_struct_ref.pdbx_db_isoform            ? 
_struct_ref.entity_id                  1 
_struct_ref.pdbx_seq_one_letter_code   
;MNKRKINIVLYQPEIAQNVGAIMRTCVAINARLHIIEPLGFIFDDRHLSRSSANEYKYVDCIRYDDWNDFITKHQNITLF
CLSRYGQKPISDFDFSKINDNVYLVFGKESTGIAKPILKEHYNTTFRIPMISETRSLNIANTVGIASYEVLRQWDYLDLV
KYETQKGKDYILSERWKGIEE
;
_struct_ref.pdbx_align_begin           1 
# 
_struct_ref_seq.align_id                      1 
_struct_ref_seq.ref_id                        1 
_struct_ref_seq.pdbx_PDB_id_code              7E3T 
_struct_ref_seq.pdbx_strand_id                A 
_struct_ref_seq.seq_align_beg                 1 
_struct_ref_seq.pdbx_seq_align_beg_ins_code   ? 
_struct_ref_seq.seq_align_end                 181 
_struct_ref_seq.pdbx_seq_align_end_ins_code   ? 
_struct_ref_seq.pdbx_db_accession             A0A0C2ZKK6 
_struct_ref_seq.db_align_beg                  1 
_struct_ref_seq.pdbx_db_align_beg_ins_code    ? 
_struct_ref_seq.db_align_end                  181 
_struct_ref_seq.pdbx_db_align_end_ins_code    ? 
_struct_ref_seq.pdbx_auth_seq_align_beg       1 
_struct_ref_seq.pdbx_auth_seq_align_end       181 
# 
loop_
_struct_ref_seq_dif.align_id 
_struct_ref_seq_dif.pdbx_pdb_id_code 
_struct_ref_seq_dif.mon_id 
_struct_ref_seq_dif.pdbx_pdb_strand_id 
_struct_ref_seq_dif.seq_num 
_struct_ref_seq_dif.pdbx_pdb_ins_code 
_struct_ref_seq_dif.pdbx_seq_db_name 
_struct_ref_seq_dif.pdbx_seq_db_accession_code 
_struct_ref_seq_dif.db_mon_id 
_struct_ref_seq_dif.pdbx_seq_db_seq_num 
_struct_ref_seq_dif.details 
_struct_ref_seq_dif.pdbx_auth_seq_num 
_struct_ref_seq_dif.pdbx_ordinal 
1 7E3T GLY A 182 ? UNP A0A0C2ZKK6 ? ? 'expression tag' 182 1 
1 7E3T HIS A 183 ? UNP A0A0C2ZKK6 ? ? 'expression tag' 183 2 
1 7E3T HIS A 184 ? UNP A0A0C2ZKK6 ? ? 'expression tag' 184 3 
1 7E3T HIS A 185 ? UNP A0A0C2ZKK6 ? ? 'expression tag' 185 4 
1 7E3T HIS A 186 ? UNP A0A0C2ZKK6 ? ? 'expression tag' 186 5 
1 7E3T HIS A 187 ? UNP A0A0C2ZKK6 ? ? 'expression tag' 187 6 
1 7E3T HIS A 188 ? UNP A0A0C2ZKK6 ? ? 'expression tag' 188 7 
1 7E3T GLY A 189 ? UNP A0A0C2ZKK6 ? ? 'expression tag' 189 8 
# 
loop_
_chem_comp.id 
_chem_comp.type 
_chem_comp.mon_nstd_flag 
_chem_comp.name 
_chem_comp.pdbx_synonyms 
_chem_comp.formula 
_chem_comp.formula_weight 
ALA 'L-peptide linking' y ALANINE         ? 'C3 H7 N O2'     89.093  
ARG 'L-peptide linking' y ARGININE        ? 'C6 H15 N4 O2 1' 175.209 
ASN 'L-peptide linking' y ASPARAGINE      ? 'C4 H8 N2 O3'    132.118 
ASP 'L-peptide linking' y 'ASPARTIC ACID' ? 'C4 H7 N O4'     133.103 
CYS 'L-peptide linking' y CYSTEINE        ? 'C3 H7 N O2 S'   121.158 
GLN 'L-peptide linking' y GLUTAMINE       ? 'C5 H10 N2 O3'   146.144 
GLU 'L-peptide linking' y 'GLUTAMIC ACID' ? 'C5 H9 N O4'     147.129 
GLY 'peptide linking'   y GLYCINE         ? 'C2 H5 N O2'     75.067  
HIS 'L-peptide linking' y HISTIDINE       ? 'C6 H10 N3 O2 1' 156.162 
HOH non-polymer         . WATER           ? 'H2 O'           18.015  
ILE 'L-peptide linking' y ISOLEUCINE      ? 'C6 H13 N O2'    131.173 
LEU 'L-peptide linking' y LEUCINE         ? 'C6 H13 N O2'    131.173 
LYS 'L-peptide linking' y LYSINE          ? 'C6 H15 N2 O2 1' 147.195 
MET 'L-peptide linking' y METHIONINE      ? 'C5 H11 N O2 S'  149.211 
PHE 'L-peptide linking' y PHENYLALANINE   ? 'C9 H11 N O2'    165.189 
PRO 'L-peptide linking' y PROLINE         ? 'C5 H9 N O2'     115.130 
SER 'L-peptide linking' y SERINE          ? 'C3 H7 N O3'     105.093 
THR 'L-peptide linking' y THREONINE       ? 'C4 H9 N O3'     119.119 
TRP 'L-peptide linking' y TRYPTOPHAN      ? 'C11 H12 N2 O2'  204.225 
TYR 'L-peptide linking' y TYROSINE        ? 'C9 H11 N O3'    181.189 
VAL 'L-peptide linking' y VALINE          ? 'C5 H11 N O2'    117.146 
# 
_exptl.absorpt_coefficient_mu     ? 
_exptl.absorpt_correction_T_max   ? 
_exptl.absorpt_correction_T_min   ? 
_exptl.absorpt_correction_type    ? 
_exptl.absorpt_process_details    ? 
_exptl.entry_id                   7E3T 
_exptl.crystals_number            1 
_exptl.details                    ? 
_exptl.method                     'X-RAY DIFFRACTION' 
_exptl.method_details             ? 
# 
_exptl_crystal.colour                      ? 
_exptl_crystal.density_diffrn              ? 
_exptl_crystal.density_Matthews            2.42 
_exptl_crystal.density_method              ? 
_exptl_crystal.density_percent_sol         49.21 
_exptl_crystal.description                 ? 
_exptl_crystal.F_000                       ? 
_exptl_crystal.id                          1 
_exptl_crystal.preparation                 ? 
_exptl_crystal.size_max                    ? 
_exptl_crystal.size_mid                    ? 
_exptl_crystal.size_min                    ? 
_exptl_crystal.size_rad                    ? 
_exptl_crystal.colour_lustre               ? 
_exptl_crystal.colour_modifier             ? 
_exptl_crystal.colour_primary              ? 
_exptl_crystal.density_meas                ? 
_exptl_crystal.density_meas_esd            ? 
_exptl_crystal.density_meas_gt             ? 
_exptl_crystal.density_meas_lt             ? 
_exptl_crystal.density_meas_temp           ? 
_exptl_crystal.density_meas_temp_esd       ? 
_exptl_crystal.density_meas_temp_gt        ? 
_exptl_crystal.density_meas_temp_lt        ? 
_exptl_crystal.pdbx_crystal_image_url      ? 
_exptl_crystal.pdbx_crystal_image_format   ? 
_exptl_crystal.pdbx_mosaicity              ? 
_exptl_crystal.pdbx_mosaicity_esd          ? 
# 
_exptl_crystal_grow.apparatus       ? 
_exptl_crystal_grow.atmosphere      ? 
_exptl_crystal_grow.crystal_id      1 
_exptl_crystal_grow.details         ? 
_exptl_crystal_grow.method          'VAPOR DIFFUSION, SITTING DROP' 
_exptl_crystal_grow.method_ref      ? 
_exptl_crystal_grow.pH              6.5 
_exptl_crystal_grow.pressure        ? 
_exptl_crystal_grow.pressure_esd    ? 
_exptl_crystal_grow.seeding         ? 
_exptl_crystal_grow.seeding_ref     ? 
_exptl_crystal_grow.temp            298 
_exptl_crystal_grow.temp_details    ? 
_exptl_crystal_grow.temp_esd        ? 
_exptl_crystal_grow.time            ? 
_exptl_crystal_grow.pdbx_details    '0.1M MES monohydrate pH 6.5, 0.05M Cesium chloride, 30%v/v Jeffamine M-600' 
_exptl_crystal_grow.pdbx_pH_range   ? 
# 
_diffrn.ambient_environment              ? 
_diffrn.ambient_temp                     100 
_diffrn.ambient_temp_details             ? 
_diffrn.ambient_temp_esd                 ? 
_diffrn.crystal_id                       1 
_diffrn.crystal_support                  ? 
_diffrn.crystal_treatment                ? 
_diffrn.details                          ? 
_diffrn.id                               1 
_diffrn.ambient_pressure                 ? 
_diffrn.ambient_pressure_esd             ? 
_diffrn.ambient_pressure_gt              ? 
_diffrn.ambient_pressure_lt              ? 
_diffrn.ambient_temp_gt                  ? 
_diffrn.ambient_temp_lt                  ? 
_diffrn.pdbx_serial_crystal_experiment   N 
# 
_diffrn_detector.details                      ? 
_diffrn_detector.detector                     PIXEL 
_diffrn_detector.diffrn_id                    1 
_diffrn_detector.type                         'DECTRIS EIGER X 9M' 
_diffrn_detector.area_resol_mean              ? 
_diffrn_detector.dtime                        ? 
_diffrn_detector.pdbx_frames_total            ? 
_diffrn_detector.pdbx_collection_time_total   ? 
_diffrn_detector.pdbx_collection_date         2020-07-28 
_diffrn_detector.pdbx_frequency               ? 
# 
_diffrn_radiation.collimation                      ? 
_diffrn_radiation.diffrn_id                        1 
_diffrn_radiation.filter_edge                      ? 
_diffrn_radiation.inhomogeneity                    ? 
_diffrn_radiation.monochromator                    ? 
_diffrn_radiation.polarisn_norm                    ? 
_diffrn_radiation.polarisn_ratio                   ? 
_diffrn_radiation.probe                            ? 
_diffrn_radiation.type                             ? 
_diffrn_radiation.xray_symbol                      ? 
_diffrn_radiation.wavelength_id                    1 
_diffrn_radiation.pdbx_monochromatic_or_laue_m_l   M 
_diffrn_radiation.pdbx_wavelength_list             ? 
_diffrn_radiation.pdbx_wavelength                  ? 
_diffrn_radiation.pdbx_diffrn_protocol             'SINGLE WAVELENGTH' 
_diffrn_radiation.pdbx_analyzer                    ? 
_diffrn_radiation.pdbx_scattering_type             x-ray 
# 
_diffrn_radiation_wavelength.id           1 
_diffrn_radiation_wavelength.wavelength   0.9794 
_diffrn_radiation_wavelength.wt           1.0 
# 
_diffrn_source.current                     ? 
_diffrn_source.details                     ? 
_diffrn_source.diffrn_id                   1 
_diffrn_source.power                       ? 
_diffrn_source.size                        ? 
_diffrn_source.source                      SYNCHROTRON 
_diffrn_source.target                      ? 
_diffrn_source.type                        'PAL/PLS BEAMLINE 11C' 
_diffrn_source.voltage                     ? 
_diffrn_source.take-off_angle              ? 
_diffrn_source.pdbx_wavelength_list        0.9794 
_diffrn_source.pdbx_wavelength             ? 
_diffrn_source.pdbx_synchrotron_beamline   11C 
_diffrn_source.pdbx_synchrotron_site       PAL/PLS 
# 
_reflns.B_iso_Wilson_estimate            ? 
_reflns.entry_id                         7E3T 
_reflns.data_reduction_details           ? 
_reflns.data_reduction_method            ? 
_reflns.d_resolution_high                2.100 
_reflns.d_resolution_low                 50.000 
_reflns.details                          ? 
_reflns.limit_h_max                      ? 
_reflns.limit_h_min                      ? 
_reflns.limit_k_max                      ? 
_reflns.limit_k_min                      ? 
_reflns.limit_l_max                      ? 
_reflns.limit_l_min                      ? 
_reflns.number_all                       ? 
_reflns.number_obs                       13552 
_reflns.observed_criterion               ? 
_reflns.observed_criterion_F_max         ? 
_reflns.observed_criterion_F_min         ? 
_reflns.observed_criterion_I_max         ? 
_reflns.observed_criterion_I_min         ? 
_reflns.observed_criterion_sigma_F       ? 
_reflns.observed_criterion_sigma_I       ? 
_reflns.percent_possible_obs             99.900 
_reflns.R_free_details                   ? 
_reflns.Rmerge_F_all                     ? 
_reflns.Rmerge_F_obs                     ? 
_reflns.Friedel_coverage                 ? 
_reflns.number_gt                        ? 
_reflns.threshold_expression             ? 
_reflns.pdbx_redundancy                  10.200 
_reflns.pdbx_Rmerge_I_obs                0.096 
_reflns.pdbx_Rmerge_I_all                ? 
_reflns.pdbx_Rsym_value                  ? 
_reflns.pdbx_netI_over_av_sigmaI         ? 
_reflns.pdbx_netI_over_sigmaI            3.900 
_reflns.pdbx_res_netI_over_av_sigmaI_2   ? 
_reflns.pdbx_res_netI_over_sigmaI_2      ? 
_reflns.pdbx_chi_squared                 0.668 
_reflns.pdbx_scaling_rejects             ? 
_reflns.pdbx_d_res_high_opt              ? 
_reflns.pdbx_d_res_low_opt               ? 
_reflns.pdbx_d_res_opt_method            ? 
_reflns.phase_calculation_details        ? 
_reflns.pdbx_Rrim_I_all                  0.101 
_reflns.pdbx_Rpim_I_all                  0.031 
_reflns.pdbx_d_opt                       ? 
_reflns.pdbx_number_measured_all         137705 
_reflns.pdbx_diffrn_id                   1 
_reflns.pdbx_ordinal                     1 
_reflns.pdbx_CC_half                     ? 
_reflns.pdbx_CC_star                     ? 
_reflns.pdbx_R_split                     ? 
# 
loop_
_reflns_shell.d_res_high 
_reflns_shell.d_res_low 
_reflns_shell.meanI_over_sigI_all 
_reflns_shell.meanI_over_sigI_obs 
_reflns_shell.number_measured_all 
_reflns_shell.number_measured_obs 
_reflns_shell.number_possible 
_reflns_shell.number_unique_all 
_reflns_shell.number_unique_obs 
_reflns_shell.percent_possible_all 
_reflns_shell.percent_possible_obs 
_reflns_shell.Rmerge_F_all 
_reflns_shell.Rmerge_F_obs 
_reflns_shell.Rmerge_I_all 
_reflns_shell.Rmerge_I_obs 
_reflns_shell.meanI_over_sigI_gt 
_reflns_shell.meanI_over_uI_all 
_reflns_shell.meanI_over_uI_gt 
_reflns_shell.number_measured_gt 
_reflns_shell.number_unique_gt 
_reflns_shell.percent_possible_gt 
_reflns_shell.Rmerge_F_gt 
_reflns_shell.Rmerge_I_gt 
_reflns_shell.pdbx_redundancy 
_reflns_shell.pdbx_Rsym_value 
_reflns_shell.pdbx_chi_squared 
_reflns_shell.pdbx_netI_over_sigmaI_all 
_reflns_shell.pdbx_netI_over_sigmaI_obs 
_reflns_shell.pdbx_Rrim_I_all 
_reflns_shell.pdbx_Rpim_I_all 
_reflns_shell.pdbx_rejects 
_reflns_shell.pdbx_ordinal 
_reflns_shell.pdbx_diffrn_id 
_reflns_shell.pdbx_CC_half 
_reflns_shell.pdbx_CC_star 
_reflns_shell.pdbx_R_split 
2.100 2.140  ? ? ? ? ? ? 652 99.800  ? ? ? ? 1.388 ? ? ? ? ? ? ? ? 8.600  ? 0.482 ? ? 1.474 0.482 ? 1  1 0.714 ? ? 
2.140 2.180  ? ? ? ? ? ? 659 100.000 ? ? ? ? 1.213 ? ? ? ? ? ? ? ? 9.200  ? 0.485 ? ? 1.283 0.405 ? 2  1 0.706 ? ? 
2.180 2.220  ? ? ? ? ? ? 659 100.000 ? ? ? ? 1.001 ? ? ? ? ? ? ? ? 9.000  ? 0.462 ? ? 1.060 0.339 ? 3  1 0.770 ? ? 
2.220 2.260  ? ? ? ? ? ? 648 100.000 ? ? ? ? 0.952 ? ? ? ? ? ? ? ? 10.600 ? 0.482 ? ? 1.000 0.293 ? 4  1 0.857 ? ? 
2.260 2.310  ? ? ? ? ? ? 654 100.000 ? ? ? ? 0.832 ? ? ? ? ? ? ? ? 11.000 ? 0.522 ? ? 0.871 0.248 ? 5  1 0.884 ? ? 
2.310 2.370  ? ? ? ? ? ? 673 100.000 ? ? ? ? 0.765 ? ? ? ? ? ? ? ? 10.900 ? 0.529 ? ? 0.801 0.230 ? 6  1 0.886 ? ? 
2.370 2.420  ? ? ? ? ? ? 663 100.000 ? ? ? ? 0.563 ? ? ? ? ? ? ? ? 10.900 ? 0.568 ? ? 0.590 0.170 ? 7  1 0.947 ? ? 
2.420 2.490  ? ? ? ? ? ? 671 100.000 ? ? ? ? 0.486 ? ? ? ? ? ? ? ? 10.800 ? 0.566 ? ? 0.511 0.149 ? 8  1 0.942 ? ? 
2.490 2.560  ? ? ? ? ? ? 647 99.800  ? ? ? ? 0.405 ? ? ? ? ? ? ? ? 10.500 ? 0.573 ? ? 0.425 0.125 ? 9  1 0.954 ? ? 
2.560 2.650  ? ? ? ? ? ? 671 100.000 ? ? ? ? 0.341 ? ? ? ? ? ? ? ? 10.300 ? 0.579 ? ? 0.359 0.108 ? 10 1 0.961 ? ? 
2.650 2.740  ? ? ? ? ? ? 664 100.000 ? ? ? ? 0.275 ? ? ? ? ? ? ? ? 9.700  ? 0.557 ? ? 0.290 0.090 ? 11 1 0.975 ? ? 
2.740 2.850  ? ? ? ? ? ? 677 100.000 ? ? ? ? 0.235 ? ? ? ? ? ? ? ? 10.800 ? 0.645 ? ? 0.247 0.072 ? 12 1 0.980 ? ? 
2.850 2.980  ? ? ? ? ? ? 671 99.900  ? ? ? ? 0.188 ? ? ? ? ? ? ? ? 10.800 ? 0.676 ? ? 0.198 0.059 ? 13 1 0.984 ? ? 
2.980 3.140  ? ? ? ? ? ? 677 100.000 ? ? ? ? 0.147 ? ? ? ? ? ? ? ? 10.700 ? 0.742 ? ? 0.155 0.047 ? 14 1 0.989 ? ? 
3.140 3.330  ? ? ? ? ? ? 678 99.900  ? ? ? ? 0.114 ? ? ? ? ? ? ? ? 10.300 ? 0.844 ? ? 0.120 0.037 ? 15 1 0.991 ? ? 
3.330 3.590  ? ? ? ? ? ? 684 100.000 ? ? ? ? 0.088 ? ? ? ? ? ? ? ? 9.500  ? 0.897 ? ? 0.094 0.030 ? 16 1 0.994 ? ? 
3.590 3.950  ? ? ? ? ? ? 693 99.700  ? ? ? ? 0.072 ? ? ? ? ? ? ? ? 10.800 ? 0.994 ? ? 0.076 0.023 ? 17 1 0.995 ? ? 
3.950 4.520  ? ? ? ? ? ? 697 100.000 ? ? ? ? 0.065 ? ? ? ? ? ? ? ? 10.300 ? 1.083 ? ? 0.069 0.022 ? 18 1 0.997 ? ? 
4.520 5.700  ? ? ? ? ? ? 722 99.700  ? ? ? ? 0.061 ? ? ? ? ? ? ? ? 9.400  ? 0.984 ? ? 0.064 0.021 ? 19 1 0.997 ? ? 
5.700 50.000 ? ? ? ? ? ? 792 99.400  ? ? ? ? 0.039 ? ? ? ? ? ? ? ? 9.100  ? 0.596 ? ? 0.042 0.014 ? 20 1 0.999 ? ? 
# 
_refine.aniso_B[1][1]                            -0.5200 
_refine.aniso_B[1][2]                            -0.2600 
_refine.aniso_B[1][3]                            -0.0000 
_refine.aniso_B[2][2]                            -0.5200 
_refine.aniso_B[2][3]                            0.0000 
_refine.aniso_B[3][3]                            1.6700 
_refine.B_iso_max                                120.400 
_refine.B_iso_mean                               47.8850 
_refine.B_iso_min                                31.560 
_refine.correlation_coeff_Fo_to_Fc               0.9620 
_refine.correlation_coeff_Fo_to_Fc_free          0.9500 
_refine.details                                  
'HYDROGENS HAVE BEEN ADDED IN THE RIDING POSITIONS U VALUES      : REFINED INDIVIDUALLY' 
_refine.diff_density_max                         ? 
_refine.diff_density_max_esd                     ? 
_refine.diff_density_min                         ? 
_refine.diff_density_min_esd                     ? 
_refine.diff_density_rms                         ? 
_refine.diff_density_rms_esd                     ? 
_refine.entry_id                                 7E3T 
_refine.pdbx_refine_id                           'X-RAY DIFFRACTION' 
_refine.ls_abs_structure_details                 ? 
_refine.ls_abs_structure_Flack                   ? 
_refine.ls_abs_structure_Flack_esd               ? 
_refine.ls_abs_structure_Rogers                  ? 
_refine.ls_abs_structure_Rogers_esd              ? 
_refine.ls_d_res_high                            2.1000 
_refine.ls_d_res_low                             44.7700 
_refine.ls_extinction_coef                       ? 
_refine.ls_extinction_coef_esd                   ? 
_refine.ls_extinction_expression                 ? 
_refine.ls_extinction_method                     ? 
_refine.ls_goodness_of_fit_all                   ? 
_refine.ls_goodness_of_fit_all_esd               ? 
_refine.ls_goodness_of_fit_obs                   ? 
_refine.ls_goodness_of_fit_obs_esd               ? 
_refine.ls_hydrogen_treatment                    ? 
_refine.ls_matrix_type                           ? 
_refine.ls_number_constraints                    ? 
_refine.ls_number_parameters                     ? 
_refine.ls_number_reflns_all                     ? 
_refine.ls_number_reflns_obs                     12811 
_refine.ls_number_reflns_R_free                  708 
_refine.ls_number_reflns_R_work                  ? 
_refine.ls_number_restraints                     ? 
_refine.ls_percent_reflns_obs                    99.5900 
_refine.ls_percent_reflns_R_free                 5.2000 
_refine.ls_R_factor_all                          ? 
_refine.ls_R_factor_obs                          0.1971 
_refine.ls_R_factor_R_free                       0.2395 
_refine.ls_R_factor_R_free_error                 ? 
_refine.ls_R_factor_R_free_error_details         ? 
_refine.ls_R_factor_R_work                       0.1947 
_refine.ls_R_Fsqd_factor_obs                     ? 
_refine.ls_R_I_factor_obs                        ? 
_refine.ls_redundancy_reflns_all                 ? 
_refine.ls_redundancy_reflns_obs                 ? 
_refine.ls_restrained_S_all                      ? 
_refine.ls_restrained_S_obs                      ? 
_refine.ls_shift_over_esd_max                    ? 
_refine.ls_shift_over_esd_mean                   ? 
_refine.ls_structure_factor_coef                 ? 
_refine.ls_weighting_details                     ? 
_refine.ls_weighting_scheme                      ? 
_refine.ls_wR_factor_all                         ? 
_refine.ls_wR_factor_obs                         ? 
_refine.ls_wR_factor_R_free                      ? 
_refine.ls_wR_factor_R_work                      ? 
_refine.occupancy_max                            ? 
_refine.occupancy_min                            ? 
_refine.solvent_model_details                    MASK 
_refine.solvent_model_param_bsol                 ? 
_refine.solvent_model_param_ksol                 ? 
_refine.pdbx_R_complete                          ? 
_refine.ls_R_factor_gt                           ? 
_refine.ls_goodness_of_fit_gt                    ? 
_refine.ls_goodness_of_fit_ref                   ? 
_refine.ls_shift_over_su_max                     ? 
_refine.ls_shift_over_su_max_lt                  ? 
_refine.ls_shift_over_su_mean                    ? 
_refine.ls_shift_over_su_mean_lt                 ? 
_refine.pdbx_ls_sigma_I                          ? 
_refine.pdbx_ls_sigma_F                          0.000 
_refine.pdbx_ls_sigma_Fsqd                       ? 
_refine.pdbx_data_cutoff_high_absF               ? 
_refine.pdbx_data_cutoff_high_rms_absF           ? 
_refine.pdbx_data_cutoff_low_absF                ? 
_refine.pdbx_isotropic_thermal_model             ? 
_refine.pdbx_ls_cross_valid_method               THROUGHOUT 
_refine.pdbx_method_to_determine_struct          'MOLECULAR REPLACEMENT' 
_refine.pdbx_starting_model                      4KDZ 
_refine.pdbx_stereochemistry_target_values       'MAXIMUM LIKELIHOOD' 
_refine.pdbx_R_Free_selection_details            RANDOM 
_refine.pdbx_stereochem_target_val_spec_case     ? 
_refine.pdbx_overall_ESU_R                       0.1840 
_refine.pdbx_overall_ESU_R_Free                  0.1690 
_refine.pdbx_solvent_vdw_probe_radii             1.2000 
_refine.pdbx_solvent_ion_probe_radii             0.8000 
_refine.pdbx_solvent_shrinkage_radii             0.8000 
_refine.pdbx_real_space_R                        ? 
_refine.pdbx_density_correlation                 ? 
_refine.pdbx_pd_number_of_powder_patterns        ? 
_refine.pdbx_pd_number_of_points                 ? 
_refine.pdbx_pd_meas_number_of_points            ? 
_refine.pdbx_pd_proc_ls_prof_R_factor            ? 
_refine.pdbx_pd_proc_ls_prof_wR_factor           ? 
_refine.pdbx_pd_Marquardt_correlation_coeff      ? 
_refine.pdbx_pd_Fsqrd_R_factor                   ? 
_refine.pdbx_pd_ls_matrix_band_width             ? 
_refine.pdbx_overall_phase_error                 ? 
_refine.pdbx_overall_SU_R_free_Cruickshank_DPI   ? 
_refine.pdbx_overall_SU_R_free_Blow_DPI          ? 
_refine.pdbx_overall_SU_R_Blow_DPI               ? 
_refine.pdbx_TLS_residual_ADP_flag               ? 
_refine.pdbx_diffrn_id                           1 
_refine.overall_SU_B                             5.2580 
_refine.overall_SU_ML                            0.1360 
_refine.overall_SU_R_Cruickshank_DPI             ? 
_refine.overall_SU_R_free                        ? 
_refine.overall_FOM_free_R_set                   ? 
_refine.overall_FOM_work_R_set                   ? 
_refine.pdbx_average_fsc_overall                 ? 
_refine.pdbx_average_fsc_work                    ? 
_refine.pdbx_average_fsc_free                    ? 
# 
_refine_hist.pdbx_refine_id                   'X-RAY DIFFRACTION' 
_refine_hist.cycle_id                         final 
_refine_hist.details                          ? 
_refine_hist.d_res_high                       2.1000 
_refine_hist.d_res_low                        44.7700 
_refine_hist.number_atoms_solvent             33 
_refine_hist.number_atoms_total               1402 
_refine_hist.number_reflns_all                ? 
_refine_hist.number_reflns_obs                ? 
_refine_hist.number_reflns_R_free             ? 
_refine_hist.number_reflns_R_work             ? 
_refine_hist.R_factor_all                     ? 
_refine_hist.R_factor_obs                     ? 
_refine_hist.R_factor_R_free                  ? 
_refine_hist.R_factor_R_work                  ? 
_refine_hist.pdbx_number_residues_total       174 
_refine_hist.pdbx_B_iso_mean_ligand           ? 
_refine_hist.pdbx_B_iso_mean_solvent          50.83 
_refine_hist.pdbx_number_atoms_protein        1369 
_refine_hist.pdbx_number_atoms_nucleic_acid   0 
_refine_hist.pdbx_number_atoms_ligand         0 
_refine_hist.pdbx_number_atoms_lipid          ? 
_refine_hist.pdbx_number_atoms_carb           ? 
_refine_hist.pdbx_pseudo_atom_details         ? 
# 
loop_
_refine_ls_restr.pdbx_refine_id 
_refine_ls_restr.criterion 
_refine_ls_restr.dev_ideal 
_refine_ls_restr.dev_ideal_target 
_refine_ls_restr.number 
_refine_ls_restr.rejects 
_refine_ls_restr.type 
_refine_ls_restr.weight 
_refine_ls_restr.pdbx_restraint_function 
'X-RAY DIFFRACTION' ? 0.009  0.013  1400 ? r_bond_refined_d       ? ? 
'X-RAY DIFFRACTION' ? 0.001  0.017  1291 ? r_bond_other_d         ? ? 
'X-RAY DIFFRACTION' ? 1.499  1.638  1905 ? r_angle_refined_deg    ? ? 
'X-RAY DIFFRACTION' ? 1.336  1.579  2941 ? r_angle_other_deg      ? ? 
'X-RAY DIFFRACTION' ? 7.322  5.000  173  ? r_dihedral_angle_1_deg ? ? 
'X-RAY DIFFRACTION' ? 34.824 22.083 72   ? r_dihedral_angle_2_deg ? ? 
'X-RAY DIFFRACTION' ? 13.713 15.000 222  ? r_dihedral_angle_3_deg ? ? 
'X-RAY DIFFRACTION' ? 17.941 15.000 8    ? r_dihedral_angle_4_deg ? ? 
'X-RAY DIFFRACTION' ? 0.068  0.200  196  ? r_chiral_restr         ? ? 
'X-RAY DIFFRACTION' ? 0.008  0.020  1602 ? r_gen_planes_refined   ? ? 
'X-RAY DIFFRACTION' ? 0.001  0.020  346  ? r_gen_planes_other     ? ? 
# 
_refine_ls_shell.pdbx_refine_id                   'X-RAY DIFFRACTION' 
_refine_ls_shell.d_res_high                       2.1000 
_refine_ls_shell.d_res_low                        2.1510 
_refine_ls_shell.number_reflns_all                ? 
_refine_ls_shell.number_reflns_obs                ? 
_refine_ls_shell.number_reflns_R_free             50 
_refine_ls_shell.number_reflns_R_work             882 
_refine_ls_shell.percent_reflns_obs               95.8800 
_refine_ls_shell.percent_reflns_R_free            ? 
_refine_ls_shell.R_factor_all                     ? 
_refine_ls_shell.R_factor_obs                     ? 
_refine_ls_shell.R_factor_R_free                  0.2430 
_refine_ls_shell.R_factor_R_free_error            0.0000 
_refine_ls_shell.R_factor_R_work                  0.2430 
_refine_ls_shell.redundancy_reflns_all            ? 
_refine_ls_shell.redundancy_reflns_obs            ? 
_refine_ls_shell.wR_factor_all                    ? 
_refine_ls_shell.wR_factor_obs                    ? 
_refine_ls_shell.wR_factor_R_free                 ? 
_refine_ls_shell.wR_factor_R_work                 ? 
_refine_ls_shell.pdbx_R_complete                  ? 
_refine_ls_shell.pdbx_total_number_of_bins_used   ? 
_refine_ls_shell.pdbx_phase_error                 ? 
_refine_ls_shell.pdbx_fsc_work                    ? 
_refine_ls_shell.pdbx_fsc_free                    ? 
# 
_struct.entry_id                     7E3T 
_struct.title                        'Crystal structure of TrmL from Mycoplasma capricolum' 
_struct.pdbx_model_details           ? 
_struct.pdbx_formula_weight          ? 
_struct.pdbx_formula_weight_method   ? 
_struct.pdbx_model_type_details      ? 
_struct.pdbx_CASP_flag               N 
# 
_struct_keywords.entry_id        7E3T 
_struct_keywords.text            
;tRNA modification, methyltransferase, SAM, SAH, tRNA_Leu, cytidine/uridine-2'-O-methyltransferase, TRANSFERASE
;
_struct_keywords.pdbx_keywords   TRANSFERASE 
# 
loop_
_struct_asym.id 
_struct_asym.pdbx_blank_PDB_chainid_flag 
_struct_asym.pdbx_modified 
_struct_asym.entity_id 
_struct_asym.details 
A N N 1 ? 
B N N 2 ? 
# 
loop_
_struct_conf.conf_type_id 
_struct_conf.id 
_struct_conf.pdbx_PDB_helix_id 
_struct_conf.beg_label_comp_id 
_struct_conf.beg_label_asym_id 
_struct_conf.beg_label_seq_id 
_struct_conf.pdbx_beg_PDB_ins_code 
_struct_conf.end_label_comp_id 
_struct_conf.end_label_asym_id 
_struct_conf.end_label_seq_id 
_struct_conf.pdbx_end_PDB_ins_code 
_struct_conf.beg_auth_comp_id 
_struct_conf.beg_auth_asym_id 
_struct_conf.beg_auth_seq_id 
_struct_conf.end_auth_comp_id 
_struct_conf.end_auth_asym_id 
_struct_conf.end_auth_seq_id 
_struct_conf.pdbx_PDB_helix_class 
_struct_conf.details 
_struct_conf.pdbx_PDB_helix_length 
HELX_P HELX_P1 AA1 ILE A 15  ? ILE A 29  ? ILE A 15  ILE A 29  1 ? 15 
HELX_P HELX_P2 AA2 ASP A 44  ? SER A 49  ? ASP A 44  SER A 49  1 ? 6  
HELX_P HELX_P3 AA3 ASN A 54  ? TYR A 58  ? ASN A 54  TYR A 58  5 ? 5  
HELX_P HELX_P4 AA4 ASP A 66  ? LYS A 73  ? ASP A 66  LYS A 73  1 ? 8  
HELX_P HELX_P5 AA5 SER A 91  ? PHE A 93  ? SER A 91  PHE A 93  5 ? 3  
HELX_P HELX_P6 AA6 ASP A 94  ? ILE A 98  ? ASP A 94  ILE A 98  5 ? 5  
HELX_P HELX_P7 AA7 ALA A 114 ? HIS A 121 ? ALA A 114 HIS A 121 1 ? 8  
HELX_P HELX_P8 AA8 ASN A 138 ? TRP A 154 ? ASN A 138 TRP A 154 1 ? 17 
HELX_P HELX_P9 AA9 THR A 164 ? LEU A 172 ? THR A 164 LEU A 172 1 ? 9  
# 
_struct_conf_type.id          HELX_P 
_struct_conf_type.criteria    ? 
_struct_conf_type.reference   ? 
# 
_struct_mon_prot_cis.pdbx_id                1 
_struct_mon_prot_cis.label_comp_id          GLU 
_struct_mon_prot_cis.label_seq_id           37 
_struct_mon_prot_cis.label_asym_id          A 
_struct_mon_prot_cis.label_alt_id           . 
_struct_mon_prot_cis.pdbx_PDB_ins_code      ? 
_struct_mon_prot_cis.auth_comp_id           GLU 
_struct_mon_prot_cis.auth_seq_id            37 
_struct_mon_prot_cis.auth_asym_id           A 
_struct_mon_prot_cis.pdbx_label_comp_id_2   PRO 
_struct_mon_prot_cis.pdbx_label_seq_id_2    38 
_struct_mon_prot_cis.pdbx_label_asym_id_2   A 
_struct_mon_prot_cis.pdbx_PDB_ins_code_2    ? 
_struct_mon_prot_cis.pdbx_auth_comp_id_2    PRO 
_struct_mon_prot_cis.pdbx_auth_seq_id_2     38 
_struct_mon_prot_cis.pdbx_auth_asym_id_2    A 
_struct_mon_prot_cis.pdbx_PDB_model_num     1 
_struct_mon_prot_cis.pdbx_omega_angle       -1.33 
# 
_struct_sheet.id               AA1 
_struct_sheet.type             ? 
_struct_sheet.number_strands   7 
_struct_sheet.details          ? 
# 
loop_
_struct_sheet_order.sheet_id 
_struct_sheet_order.range_id_1 
_struct_sheet_order.range_id_2 
_struct_sheet_order.offset 
_struct_sheet_order.sense 
AA1 1 2 ? parallel 
AA1 2 3 ? parallel 
AA1 3 4 ? parallel 
AA1 4 5 ? parallel 
AA1 5 6 ? parallel 
AA1 6 7 ? parallel 
# 
loop_
_struct_sheet_range.sheet_id 
_struct_sheet_range.id 
_struct_sheet_range.beg_label_comp_id 
_struct_sheet_range.beg_label_asym_id 
_struct_sheet_range.beg_label_seq_id 
_struct_sheet_range.pdbx_beg_PDB_ins_code 
_struct_sheet_range.end_label_comp_id 
_struct_sheet_range.end_label_asym_id 
_struct_sheet_range.end_label_seq_id 
_struct_sheet_range.pdbx_end_PDB_ins_code 
_struct_sheet_range.beg_auth_comp_id 
_struct_sheet_range.beg_auth_asym_id 
_struct_sheet_range.beg_auth_seq_id 
_struct_sheet_range.end_auth_comp_id 
_struct_sheet_range.end_auth_asym_id 
_struct_sheet_range.end_auth_seq_id 
AA1 1 ASP A 60  ? TYR A 64  ? ASP A 60  TYR A 64  
AA1 2 ARG A 32  ? ILE A 36  ? ARG A 32  ILE A 36  
AA1 3 LYS A 5   ? TYR A 11  ? LYS A 5   TYR A 11  
AA1 4 ASN A 101 ? PHE A 106 ? ASN A 101 PHE A 106 
AA1 5 LEU A 79  ? LEU A 82  ? LEU A 79  LEU A 82  
AA1 6 THR A 125 ? ARG A 127 ? THR A 125 ARG A 127 
AA1 7 LYS A 88  ? PRO A 89  ? LYS A 88  PRO A 89  
# 
loop_
_pdbx_struct_sheet_hbond.sheet_id 
_pdbx_struct_sheet_hbond.range_id_1 
_pdbx_struct_sheet_hbond.range_id_2 
_pdbx_struct_sheet_hbond.range_1_label_atom_id 
_pdbx_struct_sheet_hbond.range_1_label_comp_id 
_pdbx_struct_sheet_hbond.range_1_label_asym_id 
_pdbx_struct_sheet_hbond.range_1_label_seq_id 
_pdbx_struct_sheet_hbond.range_1_PDB_ins_code 
_pdbx_struct_sheet_hbond.range_1_auth_atom_id 
_pdbx_struct_sheet_hbond.range_1_auth_comp_id 
_pdbx_struct_sheet_hbond.range_1_auth_asym_id 
_pdbx_struct_sheet_hbond.range_1_auth_seq_id 
_pdbx_struct_sheet_hbond.range_2_label_atom_id 
_pdbx_struct_sheet_hbond.range_2_label_comp_id 
_pdbx_struct_sheet_hbond.range_2_label_asym_id 
_pdbx_struct_sheet_hbond.range_2_label_seq_id 
_pdbx_struct_sheet_hbond.range_2_PDB_ins_code 
_pdbx_struct_sheet_hbond.range_2_auth_atom_id 
_pdbx_struct_sheet_hbond.range_2_auth_comp_id 
_pdbx_struct_sheet_hbond.range_2_auth_asym_id 
_pdbx_struct_sheet_hbond.range_2_auth_seq_id 
AA1 1 2 O ILE A 62  ? O ILE A 62  N ILE A 35  ? N ILE A 35  
AA1 2 3 O HIS A 34  ? O HIS A 34  N ILE A 8   ? N ILE A 8   
AA1 3 4 N ASN A 7   ? N ASN A 7   O LEU A 104 ? O LEU A 104 
AA1 4 5 O VAL A 105 ? O VAL A 105 N PHE A 80  ? N PHE A 80  
AA1 5 6 N CYS A 81  ? N CYS A 81  O PHE A 126 ? O PHE A 126 
AA1 6 7 O ARG A 127 ? O ARG A 127 N LYS A 88  ? N LYS A 88  
# 
_atom_sites.entry_id                    7E3T 
_atom_sites.Cartn_transf_matrix[1][1]   ? 
_atom_sites.Cartn_transf_matrix[1][2]   ? 
_atom_sites.Cartn_transf_matrix[1][3]   ? 
_atom_sites.Cartn_transf_matrix[2][1]   ? 
_atom_sites.Cartn_transf_matrix[2][2]   ? 
_atom_sites.Cartn_transf_matrix[2][3]   ? 
_atom_sites.Cartn_transf_matrix[3][1]   ? 
_atom_sites.Cartn_transf_matrix[3][2]   ? 
_atom_sites.Cartn_transf_matrix[3][3]   ? 
_atom_sites.Cartn_transf_vector[1]      ? 
_atom_sites.Cartn_transf_vector[2]      ? 
_atom_sites.Cartn_transf_vector[3]      ? 
_atom_sites.fract_transf_matrix[1][1]   -0.00838624 
_atom_sites.fract_transf_matrix[1][2]   -0.00809599 
_atom_sites.fract_transf_matrix[1][3]   -0.00856697 
_atom_sites.fract_transf_matrix[2][1]   -0.00634393 
_atom_sites.fract_transf_matrix[2][2]   0.00590403 
_atom_sites.fract_transf_matrix[2][3]   -0.01158284 
_atom_sites.fract_transf_matrix[3][1]   0.00678878 
_atom_sites.fract_transf_matrix[3][2]   -0.00201227 
_atom_sites.fract_transf_matrix[3][3]   -0.00474392 
_atom_sites.fract_transf_vector[1]      -0.495055 
_atom_sites.fract_transf_vector[2]      -0.372022 
_atom_sites.fract_transf_vector[3]      -0.014827 
_atom_sites.solution_primary            ? 
_atom_sites.solution_secondary          ? 
_atom_sites.solution_hydrogens          ? 
_atom_sites.special_details             ? 
# 
loop_
_atom_type.symbol 
C 
N 
O 
S 
# 
loop_
_atom_site.group_PDB 
_atom_site.id 
_atom_site.type_symbol 
_atom_site.label_atom_id 
_atom_site.label_alt_id 
_atom_site.label_comp_id 
_atom_site.label_asym_id 
_atom_site.label_entity_id 
_atom_site.label_seq_id 
_atom_site.pdbx_PDB_ins_code 
_atom_site.Cartn_x 
_atom_site.Cartn_y 
_atom_site.Cartn_z 
_atom_site.occupancy 
_atom_site.B_iso_or_equiv 
_atom_site.pdbx_formal_charge 
_atom_site.auth_seq_id 
_atom_site.auth_comp_id 
_atom_site.auth_asym_id 
_atom_site.auth_atom_id 
_atom_site.pdbx_PDB_model_num 
ATOM   1    N N   . MET A 1 1   ? 19.499  11.885  -7.976  1.00 93.74  ? 1   MET A N   1 
ATOM   2    C CA  . MET A 1 1   ? 18.667  11.992  -6.735  1.00 92.02  ? 1   MET A CA  1 
ATOM   3    C C   . MET A 1 1   ? 17.833  10.719  -6.601  1.00 86.46  ? 1   MET A C   1 
ATOM   4    O O   . MET A 1 1   ? 17.499  10.119  -7.641  1.00 76.62  ? 1   MET A O   1 
ATOM   5    C CB  . MET A 1 1   ? 17.702  13.188  -6.788  1.00 96.31  ? 1   MET A CB  1 
ATOM   6    C CG  . MET A 1 1   ? 18.384  14.532  -6.944  1.00 92.07  ? 1   MET A CG  1 
ATOM   7    S SD  . MET A 1 1   ? 19.737  14.720  -5.772  1.00 95.49  ? 1   MET A SD  1 
ATOM   8    C CE  . MET A 1 1   ? 18.959  15.791  -4.572  1.00 92.93  ? 1   MET A CE  1 
ATOM   9    N N   . ASN A 1 2   ? 17.503  10.340  -5.369  1.00 74.44  ? 2   ASN A N   1 
ATOM   10   C CA  . ASN A 1 2   ? 16.449  9.332   -5.106  1.00 66.29  ? 2   ASN A CA  1 
ATOM   11   C C   . ASN A 1 2   ? 15.089  9.934   -5.474  1.00 63.95  ? 2   ASN A C   1 
ATOM   12   O O   . ASN A 1 2   ? 14.736  10.983  -4.857  1.00 56.95  ? 2   ASN A O   1 
ATOM   13   C CB  . ASN A 1 2   ? 16.408  8.879   -3.648  1.00 68.26  ? 2   ASN A CB  1 
ATOM   14   C CG  . ASN A 1 2   ? 15.342  7.827   -3.468  1.00 64.37  ? 2   ASN A CG  1 
ATOM   15   O OD1 . ASN A 1 2   ? 15.384  6.803   -4.152  1.00 61.23  ? 2   ASN A OD1 1 
ATOM   16   N ND2 . ASN A 1 2   ? 14.345  8.130   -2.651  1.00 56.91  ? 2   ASN A ND2 1 
ATOM   17   N N   . LYS A 1 3   ? 14.387  9.327   -6.445  1.00 48.44  ? 3   LYS A N   1 
ATOM   18   C CA  . LYS A 1 3   ? 12.935  9.569   -6.718  1.00 52.59  ? 3   LYS A CA  1 
ATOM   19   C C   . LYS A 1 3   ? 12.070  8.345   -6.338  1.00 45.75  ? 3   LYS A C   1 
ATOM   20   O O   . LYS A 1 3   ? 10.865  8.354   -6.622  1.00 43.24  ? 3   LYS A O   1 
ATOM   21   C CB  . LYS A 1 3   ? 12.749  9.935   -8.195  1.00 55.28  ? 3   LYS A CB  1 
ATOM   22   C CG  . LYS A 1 3   ? 13.349  11.276  -8.604  1.00 64.07  ? 3   LYS A CG  1 
ATOM   23   C CD  . LYS A 1 3   ? 12.557  12.480  -8.090  1.00 71.58  ? 3   LYS A CD  1 
ATOM   24   C CE  . LYS A 1 3   ? 13.211  13.821  -8.368  1.00 78.92  ? 3   LYS A CE  1 
ATOM   25   N NZ  . LYS A 1 3   ? 14.561  13.920  -7.759  1.00 83.17  ? 3   LYS A NZ  1 
ATOM   26   N N   . ARG A 1 4   ? 12.646  7.336   -5.692  1.00 43.43  ? 4   ARG A N   1 
ATOM   27   C CA  . ARG A 1 4   ? 11.908  6.133   -5.212  1.00 45.57  ? 4   ARG A CA  1 
ATOM   28   C C   . ARG A 1 4   ? 10.977  6.497   -4.055  1.00 45.30  ? 4   ARG A C   1 
ATOM   29   O O   . ARG A 1 4   ? 11.483  6.924   -3.038  1.00 45.69  ? 4   ARG A O   1 
ATOM   30   C CB  . ARG A 1 4   ? 12.902  5.053   -4.795  1.00 43.22  ? 4   ARG A CB  1 
ATOM   31   C CG  . ARG A 1 4   ? 13.575  4.408   -5.997  1.00 43.70  ? 4   ARG A CG  1 
ATOM   32   C CD  . ARG A 1 4   ? 14.758  3.585   -5.610  1.00 45.25  ? 4   ARG A CD  1 
ATOM   33   N NE  . ARG A 1 4   ? 15.164  2.786   -6.757  1.00 52.79  ? 4   ARG A NE  1 
ATOM   34   C CZ  . ARG A 1 4   ? 16.067  1.803   -6.712  1.00 52.59  ? 4   ARG A CZ  1 
ATOM   35   N NH1 . ARG A 1 4   ? 16.676  1.504   -5.577  1.00 58.29  ? 4   ARG A NH1 1 
ATOM   36   N NH2 . ARG A 1 4   ? 16.357  1.117   -7.804  1.00 52.27  ? 4   ARG A NH2 1 
ATOM   37   N N   . LYS A 1 5   ? 9.683   6.209   -4.193  1.00 42.62  ? 5   LYS A N   1 
ATOM   38   C CA  . LYS A 1 5   ? 8.644   6.485   -3.169  1.00 45.41  ? 5   LYS A CA  1 
ATOM   39   C C   . LYS A 1 5   ? 7.509   5.448   -3.296  1.00 43.83  ? 5   LYS A C   1 
ATOM   40   O O   . LYS A 1 5   ? 7.012   5.267   -4.413  1.00 38.40  ? 5   LYS A O   1 
ATOM   41   C CB  . LYS A 1 5   ? 8.133   7.897   -3.462  1.00 49.66  ? 5   LYS A CB  1 
ATOM   42   C CG  . LYS A 1 5   ? 7.064   8.457   -2.548  1.00 49.00  ? 5   LYS A CG  1 
ATOM   43   C CD  . LYS A 1 5   ? 7.520   8.633   -1.151  1.00 48.88  ? 5   LYS A CD  1 
ATOM   44   C CE  . LYS A 1 5   ? 6.667   9.658   -0.442  1.00 49.35  ? 5   LYS A CE  1 
ATOM   45   N NZ  . LYS A 1 5   ? 6.964   9.636   0.999   1.00 44.83  ? 5   LYS A NZ  1 
ATOM   46   N N   . ILE A 1 6   ? 7.102   4.801   -2.206  1.00 42.17  ? 6   ILE A N   1 
ATOM   47   C CA  . ILE A 1 6   ? 5.897   3.914   -2.198  1.00 36.97  ? 6   ILE A CA  1 
ATOM   48   C C   . ILE A 1 6   ? 4.669   4.815   -2.159  1.00 38.38  ? 6   ILE A C   1 
ATOM   49   O O   . ILE A 1 6   ? 4.626   5.758   -1.297  1.00 40.76  ? 6   ILE A O   1 
ATOM   50   C CB  . ILE A 1 6   ? 5.910   2.945   -0.999  1.00 42.96  ? 6   ILE A CB  1 
ATOM   51   C CG1 . ILE A 1 6   ? 7.198   2.118   -0.929  1.00 44.83  ? 6   ILE A CG1 1 
ATOM   52   C CG2 . ILE A 1 6   ? 4.690   2.035   -1.029  1.00 41.26  ? 6   ILE A CG2 1 
ATOM   53   C CD1 . ILE A 1 6   ? 7.378   1.192   -2.104  1.00 45.34  ? 6   ILE A CD1 1 
ATOM   54   N N   . ASN A 1 7   ? 3.769   4.617   -3.108  1.00 37.83  ? 7   ASN A N   1 
ATOM   55   C CA  . ASN A 1 7   ? 2.424   5.242   -3.152  1.00 35.25  ? 7   ASN A CA  1 
ATOM   56   C C   . ASN A 1 7   ? 1.396   4.124   -3.043  1.00 42.21  ? 7   ASN A C   1 
ATOM   57   O O   . ASN A 1 7   ? 1.432   3.181   -3.874  1.00 40.84  ? 7   ASN A O   1 
ATOM   58   C CB  . ASN A 1 7   ? 2.193   6.041   -4.430  1.00 36.22  ? 7   ASN A CB  1 
ATOM   59   C CG  . ASN A 1 7   ? 3.081   7.269   -4.543  1.00 40.45  ? 7   ASN A CG  1 
ATOM   60   O OD1 . ASN A 1 7   ? 2.629   8.393   -4.316  1.00 41.09  ? 7   ASN A OD1 1 
ATOM   61   N ND2 . ASN A 1 7   ? 4.340   7.065   -4.892  1.00 43.53  ? 7   ASN A ND2 1 
ATOM   62   N N   . ILE A 1 8   ? 0.529   4.215   -2.039  1.00 37.83  ? 8   ILE A N   1 
ATOM   63   C CA  . ILE A 1 8   ? -0.576  3.250   -1.805  1.00 37.94  ? 8   ILE A CA  1 
ATOM   64   C C   . ILE A 1 8   ? -1.849  3.911   -2.279  1.00 39.86  ? 8   ILE A C   1 
ATOM   65   O O   . ILE A 1 8   ? -2.092  5.053   -1.849  1.00 39.85  ? 8   ILE A O   1 
ATOM   66   C CB  . ILE A 1 8   ? -0.640  2.907   -0.310  1.00 39.44  ? 8   ILE A CB  1 
ATOM   67   C CG1 . ILE A 1 8   ? 0.711   2.360   0.151   1.00 41.16  ? 8   ILE A CG1 1 
ATOM   68   C CG2 . ILE A 1 8   ? -1.787  1.950   -0.015  1.00 39.75  ? 8   ILE A CG2 1 
ATOM   69   C CD1 . ILE A 1 8   ? 1.157   1.120   -0.616  1.00 39.11  ? 8   ILE A CD1 1 
ATOM   70   N N   . VAL A 1 9   ? -2.582  3.263   -3.181  1.00 34.08  ? 9   VAL A N   1 
ATOM   71   C CA  . VAL A 1 9   ? -3.861  3.797   -3.726  1.00 36.82  ? 9   VAL A CA  1 
ATOM   72   C C   . VAL A 1 9   ? -4.965  2.882   -3.220  1.00 37.37  ? 9   VAL A C   1 
ATOM   73   O O   . VAL A 1 9   ? -4.884  1.628   -3.494  1.00 36.41  ? 9   VAL A O   1 
ATOM   74   C CB  . VAL A 1 9   ? -3.846  3.851   -5.266  1.00 42.00  ? 9   VAL A CB  1 
ATOM   75   C CG1 . VAL A 1 9   ? -5.119  4.457   -5.827  1.00 42.99  ? 9   VAL A CG1 1 
ATOM   76   C CG2 . VAL A 1 9   ? -2.616  4.580   -5.779  1.00 41.91  ? 9   VAL A CG2 1 
ATOM   77   N N   . LEU A 1 10  ? -5.919  3.434   -2.478  1.00 33.31  ? 10  LEU A N   1 
ATOM   78   C CA  . LEU A 1 10  ? -7.097  2.652   -2.032  1.00 37.89  ? 10  LEU A CA  1 
ATOM   79   C C   . LEU A 1 10  ? -8.304  3.056   -2.880  1.00 40.68  ? 10  LEU A C   1 
ATOM   80   O O   . LEU A 1 10  ? -8.726  4.214   -2.802  1.00 38.62  ? 10  LEU A O   1 
ATOM   81   C CB  . LEU A 1 10  ? -7.357  2.897   -0.549  1.00 40.02  ? 10  LEU A CB  1 
ATOM   82   C CG  . LEU A 1 10  ? -6.195  2.636   0.407   1.00 37.68  ? 10  LEU A CG  1 
ATOM   83   C CD1 . LEU A 1 10  ? -6.662  2.828   1.861   1.00 40.39  ? 10  LEU A CD1 1 
ATOM   84   C CD2 . LEU A 1 10  ? -5.596  1.254   0.232   1.00 40.08  ? 10  LEU A CD2 1 
ATOM   85   N N   . TYR A 1 11  ? -8.833  2.120   -3.656  1.00 42.88  ? 11  TYR A N   1 
ATOM   86   C CA  . TYR A 1 11  ? -10.033 2.299   -4.523  1.00 41.08  ? 11  TYR A CA  1 
ATOM   87   C C   . TYR A 1 11  ? -11.268 1.951   -3.697  1.00 39.83  ? 11  TYR A C   1 
ATOM   88   O O   . TYR A 1 11  ? -11.470 0.762   -3.365  1.00 42.83  ? 11  TYR A O   1 
ATOM   89   C CB  . TYR A 1 11  ? -9.943  1.419   -5.777  1.00 43.61  ? 11  TYR A CB  1 
ATOM   90   C CG  . TYR A 1 11  ? -11.115 1.530   -6.721  1.00 46.49  ? 11  TYR A CG  1 
ATOM   91   C CD1 . TYR A 1 11  ? -11.256 2.599   -7.589  1.00 55.24  ? 11  TYR A CD1 1 
ATOM   92   C CD2 . TYR A 1 11  ? -12.108 0.571   -6.715  1.00 52.64  ? 11  TYR A CD2 1 
ATOM   93   C CE1 . TYR A 1 11  ? -12.347 2.705   -8.442  1.00 56.55  ? 11  TYR A CE1 1 
ATOM   94   C CE2 . TYR A 1 11  ? -13.195 0.651   -7.571  1.00 62.63  ? 11  TYR A CE2 1 
ATOM   95   C CZ  . TYR A 1 11  ? -13.319 1.723   -8.438  1.00 59.87  ? 11  TYR A CZ  1 
ATOM   96   O OH  . TYR A 1 11  ? -14.404 1.782   -9.264  1.00 73.82  ? 11  TYR A OH  1 
ATOM   97   N N   . GLN A 1 12  ? -11.989 2.990   -3.287  1.00 38.59  ? 12  GLN A N   1 
ATOM   98   C CA  . GLN A 1 12  ? -13.289 2.966   -2.567  1.00 45.00  ? 12  GLN A CA  1 
ATOM   99   C C   . GLN A 1 12  ? -13.270 2.036   -1.367  1.00 46.13  ? 12  GLN A C   1 
ATOM   100  O O   . GLN A 1 12  ? -14.134 1.175   -1.274  1.00 44.97  ? 12  GLN A O   1 
ATOM   101  C CB  . GLN A 1 12  ? -14.374 2.521   -3.549  1.00 49.82  ? 12  GLN A CB  1 
ATOM   102  C CG  . GLN A 1 12  ? -14.418 3.424   -4.774  1.00 53.46  ? 12  GLN A CG  1 
ATOM   103  C CD  . GLN A 1 12  ? -15.393 2.967   -5.831  1.00 56.33  ? 12  GLN A CD  1 
ATOM   104  O OE1 . GLN A 1 12  ? -16.018 1.923   -5.725  1.00 55.79  ? 12  GLN A OE1 1 
ATOM   105  N NE2 . GLN A 1 12  ? -15.518 3.758   -6.874  1.00 56.35  ? 12  GLN A NE2 1 
ATOM   106  N N   . PRO A 1 13  ? -12.381 2.218   -0.364  1.00 43.22  ? 13  PRO A N   1 
ATOM   107  C CA  . PRO A 1 13  ? -12.375 1.324   0.795   1.00 43.73  ? 13  PRO A CA  1 
ATOM   108  C C   . PRO A 1 13  ? -13.678 1.485   1.594   1.00 41.48  ? 13  PRO A C   1 
ATOM   109  O O   . PRO A 1 13  ? -14.213 2.581   1.663   1.00 42.42  ? 13  PRO A O   1 
ATOM   110  C CB  . PRO A 1 13  ? -11.159 1.784   1.603   1.00 41.56  ? 13  PRO A CB  1 
ATOM   111  C CG  . PRO A 1 13  ? -11.018 3.242   1.230   1.00 46.56  ? 13  PRO A CG  1 
ATOM   112  C CD  . PRO A 1 13  ? -11.427 3.317   -0.232  1.00 46.01  ? 13  PRO A CD  1 
ATOM   113  N N   . GLU A 1 14  ? -14.122 0.390   2.204   1.00 46.06  ? 14  GLU A N   1 
ATOM   114  C CA  . GLU A 1 14  ? -15.434 0.229   2.878   1.00 47.87  ? 14  GLU A CA  1 
ATOM   115  C C   . GLU A 1 14  ? -15.232 0.404   4.381   1.00 47.66  ? 14  GLU A C   1 
ATOM   116  O O   . GLU A 1 14  ? -16.137 0.973   5.019   1.00 53.00  ? 14  GLU A O   1 
ATOM   117  C CB  . GLU A 1 14  ? -16.020 -1.166  2.584   1.00 43.92  ? 14  GLU A CB  1 
ATOM   118  N N   . ILE A 1 15  ? -14.097 -0.060  4.925   1.00 48.53  ? 15  ILE A N   1 
ATOM   119  C CA  . ILE A 1 15  ? -13.964 -0.340  6.392   1.00 52.50  ? 15  ILE A CA  1 
ATOM   120  C C   . ILE A 1 15  ? -12.931 0.598   7.041   1.00 50.98  ? 15  ILE A C   1 
ATOM   121  O O   . ILE A 1 15  ? -11.762 0.567   6.615   1.00 45.00  ? 15  ILE A O   1 
ATOM   122  C CB  . ILE A 1 15  ? -13.631 -1.824  6.617   1.00 53.48  ? 15  ILE A CB  1 
ATOM   123  C CG1 . ILE A 1 15  ? -14.661 -2.744  5.949   1.00 58.97  ? 15  ILE A CG1 1 
ATOM   124  C CG2 . ILE A 1 15  ? -13.496 -2.122  8.098   1.00 52.67  ? 15  ILE A CG2 1 
ATOM   125  C CD1 . ILE A 1 15  ? -16.078 -2.489  6.402   1.00 60.68  ? 15  ILE A CD1 1 
ATOM   126  N N   . ALA A 1 16  ? -13.369 1.402   8.028   1.00 46.16  ? 16  ALA A N   1 
ATOM   127  C CA  . ALA A 1 16  ? -12.566 2.469   8.679   1.00 48.01  ? 16  ALA A CA  1 
ATOM   128  C C   . ALA A 1 16  ? -11.302 1.859   9.287   1.00 45.30  ? 16  ALA A C   1 
ATOM   129  O O   . ALA A 1 16  ? -10.233 2.412   9.108   1.00 45.58  ? 16  ALA A O   1 
ATOM   130  C CB  . ALA A 1 16  ? -13.380 3.178   9.724   1.00 45.91  ? 16  ALA A CB  1 
ATOM   131  N N   . GLN A 1 17  ? -11.475 0.773   10.020  1.00 43.17  ? 17  GLN A N   1 
ATOM   132  C CA  . GLN A 1 17  ? -10.443 -0.090  10.631  1.00 47.68  ? 17  GLN A CA  1 
ATOM   133  C C   . GLN A 1 17  ? -9.348  -0.458  9.621   1.00 45.19  ? 17  GLN A C   1 
ATOM   134  O O   . GLN A 1 17  ? -8.163  -0.563  9.998   1.00 42.85  ? 17  GLN A O   1 
ATOM   135  C CB  . GLN A 1 17  ? -11.193 -1.331  11.107  1.00 58.67  ? 17  GLN A CB  1 
ATOM   136  C CG  . GLN A 1 17  ? -10.325 -2.534  11.388  1.00 69.22  ? 17  GLN A CG  1 
ATOM   137  C CD  . GLN A 1 17  ? -9.999  -2.619  12.857  1.00 89.89  ? 17  GLN A CD  1 
ATOM   138  O OE1 . GLN A 1 17  ? -10.878 -2.840  13.691  1.00 97.90  ? 17  GLN A OE1 1 
ATOM   139  N NE2 . GLN A 1 17  ? -8.727  -2.450  13.181  1.00 102.07 ? 17  GLN A NE2 1 
ATOM   140  N N   . ASN A 1 18  ? -9.702  -0.708  8.370   1.00 46.10  ? 18  ASN A N   1 
ATOM   141  C CA  . ASN A 1 18  ? -8.687  -1.115  7.366   1.00 46.59  ? 18  ASN A CA  1 
ATOM   142  C C   . ASN A 1 18  ? -7.867  0.115   6.955   1.00 45.36  ? 18  ASN A C   1 
ATOM   143  O O   . ASN A 1 18  ? -6.635  0.001   6.867   1.00 40.48  ? 18  ASN A O   1 
ATOM   144  C CB  . ASN A 1 18  ? -9.342  -1.814  6.176   1.00 51.65  ? 18  ASN A CB  1 
ATOM   145  C CG  . ASN A 1 18  ? -9.952  -3.157  6.535   1.00 58.15  ? 18  ASN A CG  1 
ATOM   146  O OD1 . ASN A 1 18  ? -9.588  -3.774  7.535   1.00 55.32  ? 18  ASN A OD1 1 
ATOM   147  N ND2 . ASN A 1 18  ? -10.887 -3.610  5.717   1.00 61.56  ? 18  ASN A ND2 1 
ATOM   148  N N   . VAL A 1 19  ? -8.533  1.231   6.700   1.00 36.80  ? 19  VAL A N   1 
ATOM   149  C CA  . VAL A 1 19  ? -7.872  2.492   6.270   1.00 40.34  ? 19  VAL A CA  1 
ATOM   150  C C   . VAL A 1 19  ? -6.990  2.965   7.424   1.00 39.74  ? 19  VAL A C   1 
ATOM   151  O O   . VAL A 1 19  ? -5.845  3.382   7.180   1.00 35.28  ? 19  VAL A O   1 
ATOM   152  C CB  . VAL A 1 19  ? -8.906  3.548   5.841   1.00 39.37  ? 19  VAL A CB  1 
ATOM   153  C CG1 . VAL A 1 19  ? -8.263  4.879   5.472   1.00 39.48  ? 19  VAL A CG1 1 
ATOM   154  C CG2 . VAL A 1 19  ? -9.731  3.042   4.676   1.00 39.76  ? 19  VAL A CG2 1 
ATOM   155  N N   . GLY A 1 20  ? -7.467  2.829   8.661   1.00 39.08  ? 20  GLY A N   1 
ATOM   156  C CA  . GLY A 1 20  ? -6.667  3.254   9.827   1.00 40.14  ? 20  GLY A CA  1 
ATOM   157  C C   . GLY A 1 20  ? -5.365  2.486   9.941   1.00 37.49  ? 20  GLY A C   1 
ATOM   158  O O   . GLY A 1 20  ? -4.275  3.107   10.136  1.00 38.34  ? 20  GLY A O   1 
ATOM   159  N N   . ALA A 1 21  ? -5.447  1.168   9.834   1.00 34.95  ? 21  ALA A N   1 
ATOM   160  C CA  . ALA A 1 21  ? -4.276  0.277   9.901   1.00 32.92  ? 21  ALA A CA  1 
ATOM   161  C C   . ALA A 1 21  ? -3.312  0.595   8.768   1.00 31.56  ? 21  ALA A C   1 
ATOM   162  O O   . ALA A 1 21  ? -2.096  0.602   9.002   1.00 35.55  ? 21  ALA A O   1 
ATOM   163  C CB  . ALA A 1 21  ? -4.711  -1.170  9.873   1.00 35.02  ? 21  ALA A CB  1 
ATOM   164  N N   . ILE A 1 22  ? -3.835  0.878   7.576   1.00 34.64  ? 22  ILE A N   1 
ATOM   165  C CA  . ILE A 1 22  ? -2.993  1.228   6.408   1.00 35.83  ? 22  ILE A CA  1 
ATOM   166  C C   . ILE A 1 22  ? -2.273  2.555   6.691   1.00 38.28  ? 22  ILE A C   1 
ATOM   167  O O   . ILE A 1 22  ? -1.077  2.685   6.334   1.00 37.62  ? 22  ILE A O   1 
ATOM   168  C CB  . ILE A 1 22  ? -3.858  1.267   5.146   1.00 35.67  ? 22  ILE A CB  1 
ATOM   169  C CG1 . ILE A 1 22  ? -4.327  -0.162  4.812   1.00 40.96  ? 22  ILE A CG1 1 
ATOM   170  C CG2 . ILE A 1 22  ? -3.104  1.899   3.989   1.00 35.88  ? 22  ILE A CG2 1 
ATOM   171  C CD1 . ILE A 1 22  ? -5.377  -0.258  3.737   1.00 38.03  ? 22  ILE A CD1 1 
ATOM   172  N N   . MET A 1 23  ? -2.977  3.524   7.275   1.00 39.28  ? 23  MET A N   1 
ATOM   173  C CA  . MET A 1 23  ? -2.361  4.838   7.623   1.00 40.13  ? 23  MET A CA  1 
ATOM   174  C C   . MET A 1 23  ? -1.130  4.607   8.509   1.00 36.03  ? 23  MET A C   1 
ATOM   175  O O   . MET A 1 23  ? -0.079  5.140   8.194   1.00 38.77  ? 23  MET A O   1 
ATOM   176  C CB  . MET A 1 23  ? -3.383  5.726   8.330   1.00 38.54  ? 23  MET A CB  1 
ATOM   177  C CG  . MET A 1 23  ? -4.297  6.342   7.351   1.00 37.60  ? 23  MET A CG  1 
ATOM   178  S SD  . MET A 1 23  ? -5.540  7.319   8.161   1.00 40.55  ? 23  MET A SD  1 
ATOM   179  C CE  . MET A 1 23  ? -6.253  8.102   6.717   1.00 42.55  ? 23  MET A CE  1 
ATOM   180  N N   . ARG A 1 24  ? -1.256  3.734   9.505   1.00 35.19  ? 24  ARG A N   1 
ATOM   181  C CA  . ARG A 1 24  ? -0.161  3.378   10.435  1.00 37.42  ? 24  ARG A CA  1 
ATOM   182  C C   . ARG A 1 24  ? 1.017   2.785   9.639   1.00 38.63  ? 24  ARG A C   1 
ATOM   183  O O   . ARG A 1 24  ? 2.161   3.151   9.924   1.00 39.09  ? 24  ARG A O   1 
ATOM   184  C CB  . ARG A 1 24  ? -0.705  2.437   11.517  1.00 35.33  ? 24  ARG A CB  1 
ATOM   185  C CG  . ARG A 1 24  ? 0.330   2.012   12.537  1.00 38.25  ? 24  ARG A CG  1 
ATOM   186  C CD  . ARG A 1 24  ? -0.286  0.984   13.451  1.00 40.48  ? 24  ARG A CD  1 
ATOM   187  N NE  . ARG A 1 24  ? 0.590   0.669   14.545  1.00 40.76  ? 24  ARG A NE  1 
ATOM   188  C CZ  . ARG A 1 24  ? 0.250   -0.038  15.614  1.00 43.35  ? 24  ARG A CZ  1 
ATOM   189  N NH1 . ARG A 1 24  ? -0.956  -0.557  15.734  1.00 43.27  ? 24  ARG A NH1 1 
ATOM   190  N NH2 . ARG A 1 24  ? 1.126   -0.214  16.577  1.00 45.46  ? 24  ARG A NH2 1 
ATOM   191  N N   . THR A 1 25  ? 0.759   1.898   8.677   1.00 33.63  ? 25  THR A N   1 
ATOM   192  C CA  . THR A 1 25  ? 1.820   1.301   7.838   1.00 36.77  ? 25  THR A CA  1 
ATOM   193  C C   . THR A 1 25  ? 2.495   2.393   7.016   1.00 36.63  ? 25  THR A C   1 
ATOM   194  O O   . THR A 1 25  ? 3.731   2.409   6.998   1.00 38.57  ? 25  THR A O   1 
ATOM   195  C CB  . THR A 1 25  ? 1.290   0.149   6.972   1.00 39.36  ? 25  THR A CB  1 
ATOM   196  O OG1 . THR A 1 25  ? 0.913   -0.873  7.899   1.00 38.61  ? 25  THR A OG1 1 
ATOM   197  C CG2 . THR A 1 25  ? 2.353   -0.370  6.036   1.00 40.71  ? 25  THR A CG2 1 
ATOM   198  N N   . CYS A 1 26  ? 1.710   3.260   6.378   1.00 36.08  ? 26  CYS A N   1 
ATOM   199  C CA  . CYS A 1 26  ? 2.190   4.362   5.508   1.00 35.86  ? 26  CYS A CA  1 
ATOM   200  C C   . CYS A 1 26  ? 3.129   5.306   6.271   1.00 38.03  ? 26  CYS A C   1 
ATOM   201  O O   . CYS A 1 26  ? 4.154   5.695   5.717   1.00 37.36  ? 26  CYS A O   1 
ATOM   202  C CB  . CYS A 1 26  ? 1.016   5.142   4.954   1.00 35.71  ? 26  CYS A CB  1 
ATOM   203  S SG  . CYS A 1 26  ? 0.182   4.250   3.611   1.00 42.82  ? 26  CYS A SG  1 
ATOM   204  N N   . VAL A 1 27  ? 2.804   5.611   7.521   1.00 36.31  ? 27  VAL A N   1 
ATOM   205  C CA  . VAL A 1 27  ? 3.638   6.485   8.374   1.00 39.20  ? 27  VAL A CA  1 
ATOM   206  C C   . VAL A 1 27  ? 4.950   5.771   8.659   1.00 41.18  ? 27  VAL A C   1 
ATOM   207  O O   . VAL A 1 27  ? 5.982   6.440   8.560   1.00 40.22  ? 27  VAL A O   1 
ATOM   208  C CB  . VAL A 1 27  ? 2.887   6.911   9.641   1.00 39.67  ? 27  VAL A CB  1 
ATOM   209  C CG1 . VAL A 1 27  ? 3.829   7.507   10.686  1.00 45.25  ? 27  VAL A CG1 1 
ATOM   210  C CG2 . VAL A 1 27  ? 1.773   7.882   9.269   1.00 37.89  ? 27  VAL A CG2 1 
ATOM   211  N N   . ALA A 1 28  ? 4.902   4.474   8.971   1.00 37.19  ? 28  ALA A N   1 
ATOM   212  C CA  . ALA A 1 28  ? 6.068   3.669   9.368   1.00 35.44  ? 28  ALA A CA  1 
ATOM   213  C C   . ALA A 1 28  ? 7.089   3.600   8.227   1.00 34.70  ? 28  ALA A C   1 
ATOM   214  O O   . ALA A 1 28  ? 8.307   3.592   8.502   1.00 39.94  ? 28  ALA A O   1 
ATOM   215  C CB  . ALA A 1 28  ? 5.614   2.307   9.819   1.00 38.55  ? 28  ALA A CB  1 
ATOM   216  N N   . ILE A 1 29  ? 6.640   3.588   6.981   1.00 34.63  ? 29  ILE A N   1 
ATOM   217  C CA  . ILE A 1 29  ? 7.572   3.425   5.828   1.00 38.52  ? 29  ILE A CA  1 
ATOM   218  C C   . ILE A 1 29  ? 7.633   4.721   5.020   1.00 39.33  ? 29  ILE A C   1 
ATOM   219  O O   . ILE A 1 29  ? 8.162   4.667   3.931   1.00 41.23  ? 29  ILE A O   1 
ATOM   220  C CB  . ILE A 1 29  ? 7.177   2.219   4.956   1.00 38.58  ? 29  ILE A CB  1 
ATOM   221  C CG1 . ILE A 1 29  ? 5.886   2.433   4.163   1.00 38.75  ? 29  ILE A CG1 1 
ATOM   222  C CG2 . ILE A 1 29  ? 7.105   0.977   5.814   1.00 42.27  ? 29  ILE A CG2 1 
ATOM   223  C CD1 . ILE A 1 29  ? 5.642   1.367   3.111   1.00 40.59  ? 29  ILE A CD1 1 
ATOM   224  N N   . ASN A 1 30  ? 7.019   5.804   5.485   1.00 39.78  ? 30  ASN A N   1 
ATOM   225  C CA  . ASN A 1 30  ? 7.068   7.089   4.756   1.00 42.07  ? 30  ASN A CA  1 
ATOM   226  C C   . ASN A 1 30  ? 6.460   6.902   3.355   1.00 42.55  ? 30  ASN A C   1 
ATOM   227  O O   . ASN A 1 30  ? 7.087   7.341   2.384   1.00 41.82  ? 30  ASN A O   1 
ATOM   228  C CB  . ASN A 1 30  ? 8.525   7.565   4.708   1.00 44.04  ? 30  ASN A CB  1 
ATOM   229  C CG  . ASN A 1 30  ? 8.698   8.983   4.197   1.00 51.58  ? 30  ASN A CG  1 
ATOM   230  O OD1 . ASN A 1 30  ? 7.730   9.722   4.096   1.00 47.93  ? 30  ASN A OD1 1 
ATOM   231  N ND2 . ASN A 1 30  ? 9.926   9.348   3.828   1.00 54.22  ? 30  ASN A ND2 1 
ATOM   232  N N   . ALA A 1 31  ? 5.318   6.226   3.228   1.00 38.99  ? 31  ALA A N   1 
ATOM   233  C CA  . ALA A 1 31  ? 4.592   6.109   1.941   1.00 38.50  ? 31  ALA A CA  1 
ATOM   234  C C   . ALA A 1 31  ? 3.596   7.264   1.798   1.00 41.17  ? 31  ALA A C   1 
ATOM   235  O O   . ALA A 1 31  ? 3.166   7.810   2.823   1.00 41.39  ? 31  ALA A O   1 
ATOM   236  C CB  . ALA A 1 31  ? 3.871   4.791   1.855   1.00 41.04  ? 31  ALA A CB  1 
ATOM   237  N N   . ARG A 1 32  ? 3.204   7.569   0.563   1.00 35.54  ? 32  ARG A N   1 
ATOM   238  C CA  . ARG A 1 32  ? 2.108   8.506   0.228   1.00 41.39  ? 32  ARG A CA  1 
ATOM   239  C C   . ARG A 1 32  ? 0.844   7.681   -0.013  1.00 42.63  ? 32  ARG A C   1 
ATOM   240  O O   . ARG A 1 32  ? 0.952   6.646   -0.689  1.00 39.76  ? 32  ARG A O   1 
ATOM   241  C CB  . ARG A 1 32  ? 2.439   9.325   -1.023  1.00 41.31  ? 32  ARG A CB  1 
ATOM   242  C CG  . ARG A 1 32  ? 1.359   10.331  -1.368  1.00 45.95  ? 32  ARG A CG  1 
ATOM   243  C CD  . ARG A 1 32  ? 1.735   11.295  -2.479  1.00 50.43  ? 32  ARG A CD  1 
ATOM   244  N NE  . ARG A 1 32  ? 2.942   12.050  -2.180  1.00 55.21  ? 32  ARG A NE  1 
ATOM   245  C CZ  . ARG A 1 32  ? 4.109   11.922  -2.811  1.00 60.79  ? 32  ARG A CZ  1 
ATOM   246  N NH1 . ARG A 1 32  ? 4.279   11.040  -3.792  1.00 61.88  ? 32  ARG A NH1 1 
ATOM   247  N NH2 . ARG A 1 32  ? 5.118   12.676  -2.428  1.00 55.12  ? 32  ARG A NH2 1 
ATOM   248  N N   . LEU A 1 33  ? -0.275  8.119   0.552   1.00 36.98  ? 33  LEU A N   1 
ATOM   249  C CA  . LEU A 1 33  ? -1.571  7.396   0.559   1.00 39.69  ? 33  LEU A CA  1 
ATOM   250  C C   . LEU A 1 33  ? -2.550  8.214   -0.274  1.00 42.03  ? 33  LEU A C   1 
ATOM   251  O O   . LEU A 1 33  ? -2.729  9.413   0.012   1.00 42.99  ? 33  LEU A O   1 
ATOM   252  C CB  . LEU A 1 33  ? -2.031  7.222   2.005   1.00 38.59  ? 33  LEU A CB  1 
ATOM   253  C CG  . LEU A 1 33  ? -3.377  6.533   2.177   1.00 39.61  ? 33  LEU A CG  1 
ATOM   254  C CD1 . LEU A 1 33  ? -3.386  5.159   1.500   1.00 41.36  ? 33  LEU A CD1 1 
ATOM   255  C CD2 . LEU A 1 33  ? -3.725  6.414   3.640   1.00 43.43  ? 33  LEU A CD2 1 
ATOM   256  N N   . HIS A 1 34  ? -3.060  7.601   -1.331  1.00 38.90  ? 34  HIS A N   1 
ATOM   257  C CA  . HIS A 1 34  ? -4.065  8.141   -2.278  1.00 38.20  ? 34  HIS A CA  1 
ATOM   258  C C   . HIS A 1 34  ? -5.383  7.403   -2.047  1.00 43.25  ? 34  HIS A C   1 
ATOM   259  O O   . HIS A 1 34  ? -5.399  6.159   -2.153  1.00 42.90  ? 34  HIS A O   1 
ATOM   260  C CB  . HIS A 1 34  ? -3.590  7.965   -3.720  1.00 41.04  ? 34  HIS A CB  1 
ATOM   261  C CG  . HIS A 1 34  ? -2.215  8.485   -3.972  1.00 38.62  ? 34  HIS A CG  1 
ATOM   262  N ND1 . HIS A 1 34  ? -1.989  9.719   -4.554  1.00 42.86  ? 34  HIS A ND1 1 
ATOM   263  C CD2 . HIS A 1 34  ? -1.000  7.967   -3.702  1.00 37.87  ? 34  HIS A CD2 1 
ATOM   264  C CE1 . HIS A 1 34  ? -0.685  9.936   -4.646  1.00 40.46  ? 34  HIS A CE1 1 
ATOM   265  N NE2 . HIS A 1 34  ? -0.050  8.861   -4.167  1.00 40.33  ? 34  HIS A NE2 1 
ATOM   266  N N   . ILE A 1 35  ? -6.429  8.121   -1.662  1.00 42.62  ? 35  ILE A N   1 
ATOM   267  C CA  . ILE A 1 35  ? -7.744  7.507   -1.326  1.00 44.98  ? 35  ILE A CA  1 
ATOM   268  C C   . ILE A 1 35  ? -8.811  7.998   -2.303  1.00 44.97  ? 35  ILE A C   1 
ATOM   269  O O   . ILE A 1 35  ? -9.027  9.224   -2.390  1.00 43.06  ? 35  ILE A O   1 
ATOM   270  C CB  . ILE A 1 35  ? -8.137  7.807   0.121   1.00 49.51  ? 35  ILE A CB  1 
ATOM   271  C CG1 . ILE A 1 35  ? -7.153  7.153   1.088   1.00 53.59  ? 35  ILE A CG1 1 
ATOM   272  C CG2 . ILE A 1 35  ? -9.564  7.352   0.378   1.00 49.07  ? 35  ILE A CG2 1 
ATOM   273  C CD1 . ILE A 1 35  ? -7.474  7.396   2.533   1.00 58.47  ? 35  ILE A CD1 1 
ATOM   274  N N   . ILE A 1 36  ? -9.494  7.058   -2.953  1.00 40.46  ? 36  ILE A N   1 
ATOM   275  C CA  . ILE A 1 36  ? -10.476 7.345   -4.033  1.00 44.15  ? 36  ILE A CA  1 
ATOM   276  C C   . ILE A 1 36  ? -11.890 7.112   -3.514  1.00 44.46  ? 36  ILE A C   1 
ATOM   277  O O   . ILE A 1 36  ? -12.170 6.011   -3.036  1.00 43.21  ? 36  ILE A O   1 
ATOM   278  C CB  . ILE A 1 36  ? -10.135 6.501   -5.264  1.00 45.79  ? 36  ILE A CB  1 
ATOM   279  C CG1 . ILE A 1 36  ? -8.751  6.917   -5.771  1.00 50.77  ? 36  ILE A CG1 1 
ATOM   280  C CG2 . ILE A 1 36  ? -11.221 6.668   -6.317  1.00 51.27  ? 36  ILE A CG2 1 
ATOM   281  C CD1 . ILE A 1 36  ? -8.161  5.993   -6.764  1.00 59.40  ? 36  ILE A CD1 1 
ATOM   282  N N   . GLU A 1 37  ? -12.715 8.158   -3.566  1.00 44.91  ? 37  GLU A N   1 
ATOM   283  C CA  . GLU A 1 37  ? -14.118 8.160   -3.085  1.00 50.50  ? 37  GLU A CA  1 
ATOM   284  C C   . GLU A 1 37  ? -14.961 7.374   -4.077  1.00 46.68  ? 37  GLU A C   1 
ATOM   285  O O   . GLU A 1 37  ? -14.558 7.247   -5.222  1.00 51.82  ? 37  GLU A O   1 
ATOM   286  C CB  . GLU A 1 37  ? -14.717 9.573   -3.064  1.00 58.52  ? 37  GLU A CB  1 
ATOM   287  C CG  . GLU A 1 37  ? -13.898 10.613  -2.336  1.00 63.42  ? 37  GLU A CG  1 
ATOM   288  C CD  . GLU A 1 37  ? -13.727 10.385  -0.850  1.00 75.86  ? 37  GLU A CD  1 
ATOM   289  O OE1 . GLU A 1 37  ? -12.613 9.957   -0.438  1.00 91.42  ? 37  GLU A OE1 1 
ATOM   290  O OE2 . GLU A 1 37  ? -14.692 10.669  -0.108  1.00 79.83  ? 37  GLU A OE2 1 
ATOM   291  N N   . PRO A 1 38  ? -16.171 6.897   -3.702  1.00 57.64  ? 38  PRO A N   1 
ATOM   292  C CA  . PRO A 1 38  ? -16.713 7.079   -2.351  1.00 52.88  ? 38  PRO A CA  1 
ATOM   293  C C   . PRO A 1 38  ? -16.185 6.056   -1.336  1.00 50.30  ? 38  PRO A C   1 
ATOM   294  O O   . PRO A 1 38  ? -15.728 4.994   -1.730  1.00 50.48  ? 38  PRO A O   1 
ATOM   295  C CB  . PRO A 1 38  ? -18.225 6.903   -2.580  1.00 56.30  ? 38  PRO A CB  1 
ATOM   296  C CG  . PRO A 1 38  ? -18.310 5.898   -3.709  1.00 56.10  ? 38  PRO A CG  1 
ATOM   297  C CD  . PRO A 1 38  ? -17.124 6.215   -4.599  1.00 59.86  ? 38  PRO A CD  1 
ATOM   298  N N   . LEU A 1 39  ? -16.280 6.392   -0.050  1.00 48.02  ? 39  LEU A N   1 
ATOM   299  C CA  . LEU A 1 39  ? -15.831 5.536   1.070   1.00 52.17  ? 39  LEU A CA  1 
ATOM   300  C C   . LEU A 1 39  ? -17.045 4.929   1.762   1.00 52.14  ? 39  LEU A C   1 
ATOM   301  O O   . LEU A 1 39  ? -18.082 5.583   1.786   1.00 60.53  ? 39  LEU A O   1 
ATOM   302  C CB  . LEU A 1 39  ? -15.017 6.396   2.035   1.00 54.48  ? 39  LEU A CB  1 
ATOM   303  C CG  . LEU A 1 39  ? -13.934 7.246   1.376   1.00 64.40  ? 39  LEU A CG  1 
ATOM   304  C CD1 . LEU A 1 39  ? -13.106 7.952   2.436   1.00 65.20  ? 39  LEU A CD1 1 
ATOM   305  C CD2 . LEU A 1 39  ? -13.036 6.402   0.479   1.00 58.87  ? 39  LEU A CD2 1 
ATOM   306  N N   . GLY A 1 40  ? -16.893 3.761   2.371   1.00 52.97  ? 40  GLY A N   1 
ATOM   307  C CA  . GLY A 1 40  ? -17.983 3.111   3.115   1.00 51.48  ? 40  GLY A CA  1 
ATOM   308  C C   . GLY A 1 40  ? -18.086 3.590   4.554   1.00 50.37  ? 40  GLY A C   1 
ATOM   309  O O   . GLY A 1 40  ? -18.711 2.880   5.314   1.00 52.15  ? 40  GLY A O   1 
ATOM   310  N N   . PHE A 1 41  ? -17.461 4.712   4.947   1.00 46.67  ? 41  PHE A N   1 
ATOM   311  C CA  . PHE A 1 41  ? -17.378 5.137   6.370   1.00 42.03  ? 41  PHE A CA  1 
ATOM   312  C C   . PHE A 1 41  ? -17.087 6.633   6.471   1.00 41.25  ? 41  PHE A C   1 
ATOM   313  O O   . PHE A 1 41  ? -16.651 7.272   5.515   1.00 40.92  ? 41  PHE A O   1 
ATOM   314  C CB  . PHE A 1 41  ? -16.303 4.360   7.142   1.00 46.61  ? 41  PHE A CB  1 
ATOM   315  C CG  . PHE A 1 41  ? -14.901 4.662   6.676   1.00 48.25  ? 41  PHE A CG  1 
ATOM   316  C CD1 . PHE A 1 41  ? -14.352 3.989   5.598   1.00 48.94  ? 41  PHE A CD1 1 
ATOM   317  C CD2 . PHE A 1 41  ? -14.160 5.672   7.266   1.00 43.83  ? 41  PHE A CD2 1 
ATOM   318  C CE1 . PHE A 1 41  ? -13.088 4.313   5.122   1.00 53.27  ? 41  PHE A CE1 1 
ATOM   319  C CE2 . PHE A 1 41  ? -12.902 5.996   6.789   1.00 50.71  ? 41  PHE A CE2 1 
ATOM   320  C CZ  . PHE A 1 41  ? -12.361 5.312   5.723   1.00 50.24  ? 41  PHE A CZ  1 
ATOM   321  N N   . ILE A 1 42  ? -17.290 7.179   7.661   1.00 45.69  ? 42  ILE A N   1 
ATOM   322  C CA  . ILE A 1 42  ? -16.984 8.603   7.948   1.00 45.19  ? 42  ILE A CA  1 
ATOM   323  C C   . ILE A 1 42  ? -15.478 8.786   8.145   1.00 41.84  ? 42  ILE A C   1 
ATOM   324  O O   . ILE A 1 42  ? -14.924 8.221   9.095   1.00 48.48  ? 42  ILE A O   1 
ATOM   325  C CB  . ILE A 1 42  ? -17.818 9.069   9.145   1.00 46.89  ? 42  ILE A CB  1 
ATOM   326  C CG1 . ILE A 1 42  ? -19.302 9.031   8.781   1.00 47.95  ? 42  ILE A CG1 1 
ATOM   327  C CG2 . ILE A 1 42  ? -17.368 10.439  9.598   1.00 46.36  ? 42  ILE A CG2 1 
ATOM   328  C CD1 . ILE A 1 42  ? -20.212 9.178   9.971   1.00 52.00  ? 42  ILE A CD1 1 
ATOM   329  N N   . PHE A 1 43  ? -14.864 9.584   7.278   1.00 42.00  ? 43  PHE A N   1 
ATOM   330  C CA  . PHE A 1 43  ? -13.434 9.929   7.294   1.00 44.82  ? 43  PHE A CA  1 
ATOM   331  C C   . PHE A 1 43  ? -13.165 11.071  8.290   1.00 56.46  ? 43  PHE A C   1 
ATOM   332  O O   . PHE A 1 43  ? -13.109 12.259  7.875   1.00 48.32  ? 43  PHE A O   1 
ATOM   333  C CB  . PHE A 1 43  ? -12.997 10.318  5.885   1.00 45.39  ? 43  PHE A CB  1 
ATOM   334  C CG  . PHE A 1 43  ? -11.507 10.273  5.662   1.00 47.14  ? 43  PHE A CG  1 
ATOM   335  C CD1 . PHE A 1 43  ? -10.698 11.327  6.044   1.00 51.56  ? 43  PHE A CD1 1 
ATOM   336  C CD2 . PHE A 1 43  ? -10.916 9.170   5.074   1.00 50.08  ? 43  PHE A CD2 1 
ATOM   337  C CE1 . PHE A 1 43  ? -9.329  11.278  5.843   1.00 52.36  ? 43  PHE A CE1 1 
ATOM   338  C CE2 . PHE A 1 43  ? -9.547  9.123   4.872   1.00 50.26  ? 43  PHE A CE2 1 
ATOM   339  C CZ  . PHE A 1 43  ? -8.760  10.182  5.246   1.00 52.64  ? 43  PHE A CZ  1 
ATOM   340  N N   . ASP A 1 44  ? -12.915 10.741  9.556   1.00 55.00  ? 44  ASP A N   1 
ATOM   341  C CA  . ASP A 1 44  ? -12.416 11.755  10.519  1.00 58.33  ? 44  ASP A CA  1 
ATOM   342  C C   . ASP A 1 44  ? -11.614 11.087  11.642  1.00 56.73  ? 44  ASP A C   1 
ATOM   343  O O   . ASP A 1 44  ? -11.532 9.844   11.650  1.00 47.63  ? 44  ASP A O   1 
ATOM   344  C CB  . ASP A 1 44  ? -13.571 12.616  11.041  1.00 60.21  ? 44  ASP A CB  1 
ATOM   345  C CG  . ASP A 1 44  ? -14.618 11.887  11.866  1.00 52.34  ? 44  ASP A CG  1 
ATOM   346  O OD1 . ASP A 1 44  ? -14.498 10.664  12.083  1.00 58.65  ? 44  ASP A OD1 1 
ATOM   347  O OD2 . ASP A 1 44  ? -15.556 12.563  12.284  1.00 73.40  ? 44  ASP A OD2 1 
ATOM   348  N N   . ASP A 1 45  ? -11.035 11.901  12.532  1.00 53.77  ? 45  ASP A N   1 
ATOM   349  C CA  . ASP A 1 45  ? -10.142 11.447  13.628  1.00 56.73  ? 45  ASP A CA  1 
ATOM   350  C C   . ASP A 1 45  ? -10.919 10.463  14.493  1.00 53.17  ? 45  ASP A C   1 
ATOM   351  O O   . ASP A 1 45  ? -10.355 9.422   14.855  1.00 61.82  ? 45  ASP A O   1 
ATOM   352  C CB  . ASP A 1 45  ? -9.546  12.623  14.406  1.00 65.28  ? 45  ASP A CB  1 
ATOM   353  C CG  . ASP A 1 45  ? -8.356  12.206  15.267  1.00 72.51  ? 45  ASP A CG  1 
ATOM   354  O OD1 . ASP A 1 45  ? -7.214  12.120  14.731  1.00 69.67  ? 45  ASP A OD1 1 
ATOM   355  O OD2 . ASP A 1 45  ? -8.585  11.921  16.462  1.00 86.17  ? 45  ASP A OD2 1 
ATOM   356  N N   . ARG A 1 46  ? -12.207 10.714  14.708  1.00 55.36  ? 46  ARG A N   1 
ATOM   357  C CA  . ARG A 1 46  ? -13.057 9.871   15.585  1.00 55.83  ? 46  ARG A CA  1 
ATOM   358  C C   . ARG A 1 46  ? -13.013 8.417   15.100  1.00 53.89  ? 46  ARG A C   1 
ATOM   359  O O   . ARG A 1 46  ? -12.962 7.539   15.952  1.00 60.86  ? 46  ARG A O   1 
ATOM   360  C CB  . ARG A 1 46  ? -14.488 10.430  15.661  1.00 57.03  ? 46  ARG A CB  1 
ATOM   361  N N   . HIS A 1 47  ? -13.066 8.157   13.788  1.00 52.73  ? 47  HIS A N   1 
ATOM   362  C CA  . HIS A 1 47  ? -13.184 6.781   13.220  1.00 51.63  ? 47  HIS A CA  1 
ATOM   363  C C   . HIS A 1 47  ? -11.813 6.207   12.843  1.00 46.52  ? 47  HIS A C   1 
ATOM   364  O O   . HIS A 1 47  ? -11.744 5.005   12.607  1.00 47.86  ? 47  HIS A O   1 
ATOM   365  C CB  . HIS A 1 47  ? -14.099 6.728   11.987  1.00 54.67  ? 47  HIS A CB  1 
ATOM   366  C CG  . HIS A 1 47  ? -15.503 7.153   12.249  1.00 58.22  ? 47  HIS A CG  1 
ATOM   367  N ND1 . HIS A 1 47  ? -15.840 8.483   12.459  1.00 66.39  ? 47  HIS A ND1 1 
ATOM   368  C CD2 . HIS A 1 47  ? -16.650 6.447   12.332  1.00 60.61  ? 47  HIS A CD2 1 
ATOM   369  C CE1 . HIS A 1 47  ? -17.140 8.569   12.682  1.00 70.59  ? 47  HIS A CE1 1 
ATOM   370  N NE2 . HIS A 1 47  ? -17.657 7.335   12.604  1.00 59.19  ? 47  HIS A NE2 1 
ATOM   371  N N   . LEU A 1 48  ? -10.757 7.014   12.759  1.00 44.75  ? 48  LEU A N   1 
ATOM   372  C CA  . LEU A 1 48  ? -9.456  6.488   12.288  1.00 45.66  ? 48  LEU A CA  1 
ATOM   373  C C   . LEU A 1 48  ? -8.391  6.455   13.395  1.00 49.12  ? 48  LEU A C   1 
ATOM   374  O O   . LEU A 1 48  ? -7.369  5.790   13.162  1.00 47.66  ? 48  LEU A O   1 
ATOM   375  C CB  . LEU A 1 48  ? -9.027  7.344   11.105  1.00 44.96  ? 48  LEU A CB  1 
ATOM   376  C CG  . LEU A 1 48  ? -9.914  7.238   9.870   1.00 45.05  ? 48  LEU A CG  1 
ATOM   377  C CD1 . LEU A 1 48  ? -9.641  8.382   8.918   1.00 47.95  ? 48  LEU A CD1 1 
ATOM   378  C CD2 . LEU A 1 48  ? -9.721  5.918   9.166   1.00 44.55  ? 48  LEU A CD2 1 
ATOM   379  N N   . SER A 1 49  ? -8.632  7.080   14.556  1.00 50.65  ? 49  SER A N   1 
ATOM   380  C CA  . SER A 1 49  ? -7.640  7.263   15.652  1.00 52.18  ? 49  SER A CA  1 
ATOM   381  C C   . SER A 1 49  ? -7.099  5.928   16.139  1.00 47.47  ? 49  SER A C   1 
ATOM   382  O O   . SER A 1 49  ? -5.873  5.774   16.209  1.00 47.11  ? 49  SER A O   1 
ATOM   383  C CB  . SER A 1 49  ? -8.224  8.001   16.830  1.00 55.82  ? 49  SER A CB  1 
ATOM   384  O OG  . SER A 1 49  ? -8.045  9.387   16.630  1.00 67.73  ? 49  SER A OG  1 
ATOM   385  N N   . ARG A 1 50  ? -8.000  5.038   16.529  1.00 45.98  ? 50  ARG A N   1 
ATOM   386  C CA  . ARG A 1 50  ? -7.668  3.800   17.270  1.00 45.75  ? 50  ARG A CA  1 
ATOM   387  C C   . ARG A 1 50  ? -6.943  2.846   16.328  1.00 43.67  ? 50  ARG A C   1 
ATOM   388  O O   . ARG A 1 50  ? -5.866  2.373   16.692  1.00 48.01  ? 50  ARG A O   1 
ATOM   389  C CB  . ARG A 1 50  ? -8.929  3.145   17.844  1.00 54.81  ? 50  ARG A CB  1 
ATOM   390  C CG  . ARG A 1 50  ? -8.670  2.190   19.006  1.00 63.98  ? 50  ARG A CG  1 
ATOM   391  C CD  . ARG A 1 50  ? -9.879  1.364   19.421  1.00 78.90  ? 50  ARG A CD  1 
ATOM   392  N NE  . ARG A 1 50  ? -11.135 2.124   19.410  1.00 94.51  ? 50  ARG A NE  1 
ATOM   393  C CZ  . ARG A 1 50  ? -11.959 2.287   18.358  1.00 105.01 ? 50  ARG A CZ  1 
ATOM   394  N NH1 . ARG A 1 50  ? -11.690 1.753   17.174  1.00 110.56 ? 50  ARG A NH1 1 
ATOM   395  N NH2 . ARG A 1 50  ? -13.062 3.004   18.493  1.00 98.02  ? 50  ARG A NH2 1 
ATOM   396  N N   . SER A 1 51  ? -7.492  2.604   15.143  1.00 40.20  ? 51  SER A N   1 
ATOM   397  C CA  . SER A 1 51  ? -6.935  1.624   14.178  1.00 42.35  ? 51  SER A CA  1 
ATOM   398  C C   . SER A 1 51  ? -5.596  2.104   13.608  1.00 37.66  ? 51  SER A C   1 
ATOM   399  O O   . SER A 1 51  ? -4.778  1.211   13.283  1.00 39.84  ? 51  SER A O   1 
ATOM   400  C CB  . SER A 1 51  ? -7.926  1.289   13.077  1.00 49.51  ? 51  SER A CB  1 
ATOM   401  O OG  . SER A 1 51  ? -8.235  2.430   12.290  1.00 47.97  ? 51  SER A OG  1 
ATOM   402  N N   . SER A 1 52  ? -5.352  3.430   13.563  1.00 40.09  ? 52  SER A N   1 
ATOM   403  C CA  . SER A 1 52  ? -4.080  4.053   13.099  1.00 38.91  ? 52  SER A CA  1 
ATOM   404  C C   . SER A 1 52  ? -3.070  4.206   14.240  1.00 41.78  ? 52  SER A C   1 
ATOM   405  O O   . SER A 1 52  ? -1.976  4.699   13.966  1.00 40.21  ? 52  SER A O   1 
ATOM   406  C CB  . SER A 1 52  ? -4.290  5.374   12.403  1.00 39.97  ? 52  SER A CB  1 
ATOM   407  O OG  . SER A 1 52  ? -4.695  6.406   13.292  1.00 39.25  ? 52  SER A OG  1 
ATOM   408  N N   . ALA A 1 53  ? -3.412  3.825   15.467  1.00 40.39  ? 53  ALA A N   1 
ATOM   409  C CA  . ALA A 1 53  ? -2.605  4.152   16.672  1.00 44.71  ? 53  ALA A CA  1 
ATOM   410  C C   . ALA A 1 53  ? -2.248  5.651   16.677  1.00 41.87  ? 53  ALA A C   1 
ATOM   411  O O   . ALA A 1 53  ? -1.088  5.980   16.933  1.00 45.00  ? 53  ALA A O   1 
ATOM   412  C CB  . ALA A 1 53  ? -1.370  3.278   16.688  1.00 44.75  ? 53  ALA A CB  1 
ATOM   413  N N   . ASN A 1 54  ? -3.175  6.515   16.250  1.00 45.15  ? 54  ASN A N   1 
ATOM   414  C CA  . ASN A 1 54  ? -3.020  7.989   16.183  1.00 47.44  ? 54  ASN A CA  1 
ATOM   415  C C   . ASN A 1 54  ? -2.140  8.459   15.029  1.00 48.29  ? 54  ASN A C   1 
ATOM   416  O O   . ASN A 1 54  ? -1.890  9.678   14.953  1.00 47.36  ? 54  ASN A O   1 
ATOM   417  C CB  . ASN A 1 54  ? -2.490  8.545   17.504  1.00 53.66  ? 54  ASN A CB  1 
ATOM   418  C CG  . ASN A 1 54  ? -3.665  8.974   18.331  1.00 63.12  ? 54  ASN A CG  1 
ATOM   419  O OD1 . ASN A 1 54  ? -4.289  8.142   18.983  1.00 63.88  ? 54  ASN A OD1 1 
ATOM   420  N ND2 . ASN A 1 54  ? -4.049  10.228  18.157  1.00 71.64  ? 54  ASN A ND2 1 
ATOM   421  N N   . GLU A 1 55  ? -1.764  7.579   14.111  1.00 45.57  ? 55  GLU A N   1 
ATOM   422  C CA  . GLU A 1 55  ? -0.908  7.961   12.959  1.00 45.65  ? 55  GLU A CA  1 
ATOM   423  C C   . GLU A 1 55  ? -1.752  8.676   11.896  1.00 49.04  ? 55  GLU A C   1 
ATOM   424  O O   . GLU A 1 55  ? -1.161  9.316   10.992  1.00 49.46  ? 55  GLU A O   1 
ATOM   425  C CB  . GLU A 1 55  ? -0.119  6.731   12.495  1.00 48.72  ? 55  GLU A CB  1 
ATOM   426  C CG  . GLU A 1 55  ? 0.846   6.197   13.552  1.00 46.49  ? 55  GLU A CG  1 
ATOM   427  C CD  . GLU A 1 55  ? 2.046   7.097   13.887  1.00 63.37  ? 55  GLU A CD  1 
ATOM   428  O OE1 . GLU A 1 55  ? 3.004   6.588   14.529  1.00 64.76  ? 55  GLU A OE1 1 
ATOM   429  O OE2 . GLU A 1 55  ? 2.051   8.309   13.500  1.00 61.15  ? 55  GLU A OE2 1 
ATOM   430  N N   . TYR A 1 56  ? -3.081  8.636   11.998  1.00 48.32  ? 56  TYR A N   1 
ATOM   431  C CA  . TYR A 1 56  ? -3.991  9.508   11.209  1.00 48.83  ? 56  TYR A CA  1 
ATOM   432  C C   . TYR A 1 56  ? -3.445  10.954  11.159  1.00 48.91  ? 56  TYR A C   1 
ATOM   433  O O   . TYR A 1 56  ? -3.530  11.646  10.102  1.00 44.29  ? 56  TYR A O   1 
ATOM   434  C CB  . TYR A 1 56  ? -5.379  9.511   11.852  1.00 53.64  ? 56  TYR A CB  1 
ATOM   435  C CG  . TYR A 1 56  ? -6.328  10.524  11.269  1.00 62.05  ? 56  TYR A CG  1 
ATOM   436  C CD1 . TYR A 1 56  ? -7.015  10.258  10.095  1.00 77.94  ? 56  TYR A CD1 1 
ATOM   437  C CD2 . TYR A 1 56  ? -6.550  11.757  11.874  1.00 68.75  ? 56  TYR A CD2 1 
ATOM   438  C CE1 . TYR A 1 56  ? -7.898  11.175  9.533   1.00 77.73  ? 56  TYR A CE1 1 
ATOM   439  C CE2 . TYR A 1 56  ? -7.415  12.696  11.312  1.00 75.79  ? 56  TYR A CE2 1 
ATOM   440  C CZ  . TYR A 1 56  ? -8.106  12.401  10.141  1.00 81.16  ? 56  TYR A CZ  1 
ATOM   441  O OH  . TYR A 1 56  ? -8.996  13.270  9.566   1.00 79.15  ? 56  TYR A OH  1 
ATOM   442  N N   . LYS A 1 57  ? -2.945  11.446  12.294  1.00 46.92  ? 57  LYS A N   1 
ATOM   443  C CA  . LYS A 1 57  ? -2.519  12.867  12.454  1.00 54.42  ? 57  LYS A CA  1 
ATOM   444  C C   . LYS A 1 57  ? -1.328  13.193  11.547  1.00 50.57  ? 57  LYS A C   1 
ATOM   445  O O   . LYS A 1 57  ? -1.177  14.345  11.198  1.00 49.04  ? 57  LYS A O   1 
ATOM   446  C CB  . LYS A 1 57  ? -2.162  13.165  13.917  1.00 59.35  ? 57  LYS A CB  1 
ATOM   447  C CG  . LYS A 1 57  ? -3.290  12.836  14.883  1.00 72.33  ? 57  LYS A CG  1 
ATOM   448  C CD  . LYS A 1 57  ? -3.046  13.236  16.313  1.00 81.60  ? 57  LYS A CD  1 
ATOM   449  C CE  . LYS A 1 57  ? -4.345  13.427  17.073  1.00 85.93  ? 57  LYS A CE  1 
ATOM   450  N NZ  . LYS A 1 57  ? -4.104  13.532  18.530  1.00 89.30  ? 57  LYS A NZ  1 
ATOM   451  N N   . TYR A 1 58  ? -0.479  12.233  11.200  1.00 47.55  ? 58  TYR A N   1 
ATOM   452  C CA  . TYR A 1 58  ? 0.802   12.509  10.488  1.00 49.24  ? 58  TYR A CA  1 
ATOM   453  C C   . TYR A 1 58  ? 0.819   11.913  9.079   1.00 46.08  ? 58  TYR A C   1 
ATOM   454  O O   . TYR A 1 58  ? 1.805   12.081  8.383   1.00 44.67  ? 58  TYR A O   1 
ATOM   455  C CB  . TYR A 1 58  ? 1.963   11.945  11.308  1.00 52.37  ? 58  TYR A CB  1 
ATOM   456  C CG  . TYR A 1 58  ? 2.082   12.625  12.640  1.00 59.95  ? 58  TYR A CG  1 
ATOM   457  C CD1 . TYR A 1 58  ? 2.354   13.984  12.702  1.00 65.54  ? 58  TYR A CD1 1 
ATOM   458  C CD2 . TYR A 1 58  ? 1.883   11.938  13.822  1.00 70.34  ? 58  TYR A CD2 1 
ATOM   459  C CE1 . TYR A 1 58  ? 2.448   14.640  13.915  1.00 69.04  ? 58  TYR A CE1 1 
ATOM   460  C CE2 . TYR A 1 58  ? 1.959   12.585  15.045  1.00 73.61  ? 58  TYR A CE2 1 
ATOM   461  C CZ  . TYR A 1 58  ? 2.244   13.938  15.087  1.00 68.24  ? 58  TYR A CZ  1 
ATOM   462  O OH  . TYR A 1 58  ? 2.345   14.581  16.288  1.00 97.20  ? 58  TYR A OH  1 
ATOM   463  N N   . VAL A 1 59  ? -0.181  11.135  8.697   1.00 42.81  ? 59  VAL A N   1 
ATOM   464  C CA  . VAL A 1 59  ? -0.095  10.414  7.402   1.00 40.71  ? 59  VAL A CA  1 
ATOM   465  C C   . VAL A 1 59  ? -0.127  11.445  6.269   1.00 43.40  ? 59  VAL A C   1 
ATOM   466  O O   . VAL A 1 59  ? -0.853  12.476  6.368   1.00 40.85  ? 59  VAL A O   1 
ATOM   467  C CB  . VAL A 1 59  ? -1.188  9.341   7.275   1.00 42.99  ? 59  VAL A CB  1 
ATOM   468  C CG1 . VAL A 1 59  ? -2.585  9.948   7.266   1.00 42.64  ? 59  VAL A CG1 1 
ATOM   469  C CG2 . VAL A 1 59  ? -0.956  8.481   6.041   1.00 45.08  ? 59  VAL A CG2 1 
ATOM   470  N N   . ASP A 1 60  ? 0.658   11.183  5.230   1.00 38.37  ? 60  ASP A N   1 
ATOM   471  C CA  . ASP A 1 60  ? 0.696   11.998  3.987   1.00 40.18  ? 60  ASP A CA  1 
ATOM   472  C C   . ASP A 1 60  ? -0.370  11.460  3.032   1.00 41.20  ? 60  ASP A C   1 
ATOM   473  O O   . ASP A 1 60  ? -0.099  10.464  2.346   1.00 43.99  ? 60  ASP A O   1 
ATOM   474  C CB  . ASP A 1 60  ? 2.092   11.947  3.360   1.00 40.35  ? 60  ASP A CB  1 
ATOM   475  C CG  . ASP A 1 60  ? 2.193   12.592  1.984   1.00 46.29  ? 60  ASP A CG  1 
ATOM   476  O OD1 . ASP A 1 60  ? 1.245   13.297  1.562   1.00 52.31  ? 60  ASP A OD1 1 
ATOM   477  O OD2 . ASP A 1 60  ? 3.198   12.337  1.317   1.00 52.89  ? 60  ASP A OD2 1 
ATOM   478  N N   . CYS A 1 61  ? -1.529  12.103  2.970   1.00 40.75  ? 61  CYS A N   1 
ATOM   479  C CA  . CYS A 1 61  ? -2.752  11.526  2.379   1.00 42.94  ? 61  CYS A CA  1 
ATOM   480  C C   . CYS A 1 61  ? -3.369  12.505  1.383   1.00 45.51  ? 61  CYS A C   1 
ATOM   481  O O   . CYS A 1 61  ? -3.427  13.690  1.696   1.00 49.87  ? 61  CYS A O   1 
ATOM   482  C CB  . CYS A 1 61  ? -3.716  11.190  3.508   1.00 45.21  ? 61  CYS A CB  1 
ATOM   483  S SG  . CYS A 1 61  ? -5.254  10.428  2.935   1.00 53.10  ? 61  CYS A SG  1 
ATOM   484  N N   . ILE A 1 62  ? -3.809  12.019  0.221   1.00 45.49  ? 62  ILE A N   1 
ATOM   485  C CA  . ILE A 1 62  ? -4.518  12.827  -0.811  1.00 42.06  ? 62  ILE A CA  1 
ATOM   486  C C   . ILE A 1 62  ? -5.839  12.136  -1.135  1.00 46.53  ? 62  ILE A C   1 
ATOM   487  O O   . ILE A 1 62  ? -5.827  10.892  -1.336  1.00 45.48  ? 62  ILE A O   1 
ATOM   488  C CB  . ILE A 1 62  ? -3.624  12.974  -2.051  1.00 43.12  ? 62  ILE A CB  1 
ATOM   489  C CG1 . ILE A 1 62  ? -2.257  13.541  -1.673  1.00 47.49  ? 62  ILE A CG1 1 
ATOM   490  C CG2 . ILE A 1 62  ? -4.338  13.784  -3.122  1.00 44.48  ? 62  ILE A CG2 1 
ATOM   491  C CD1 . ILE A 1 62  ? -1.351  13.795  -2.854  1.00 53.98  ? 62  ILE A CD1 1 
ATOM   492  N N   . ARG A 1 63  ? -6.932  12.891  -1.181  1.00 39.85  ? 63  ARG A N   1 
ATOM   493  C CA  . ARG A 1 63  ? -8.269  12.331  -1.506  1.00 40.70  ? 63  ARG A CA  1 
ATOM   494  C C   . ARG A 1 63  ? -8.736  12.790  -2.892  1.00 44.21  ? 63  ARG A C   1 
ATOM   495  O O   . ARG A 1 63  ? -8.438  13.895  -3.299  1.00 41.84  ? 63  ARG A O   1 
ATOM   496  C CB  . ARG A 1 63  ? -9.249  12.716  -0.408  1.00 45.13  ? 63  ARG A CB  1 
ATOM   497  C CG  . ARG A 1 63  ? -9.037  11.938  0.883   1.00 54.32  ? 63  ARG A CG  1 
ATOM   498  C CD  . ARG A 1 63  ? -9.690  12.645  2.061   1.00 53.27  ? 63  ARG A CD  1 
ATOM   499  N NE  . ARG A 1 63  ? -11.090 12.285  2.161   1.00 59.10  ? 63  ARG A NE  1 
ATOM   500  C CZ  . ARG A 1 63  ? -11.966 12.849  2.991   1.00 60.09  ? 63  ARG A CZ  1 
ATOM   501  N NH1 . ARG A 1 63  ? -13.205 12.402  3.015   1.00 59.47  ? 63  ARG A NH1 1 
ATOM   502  N NH2 . ARG A 1 63  ? -11.599 13.827  3.805   1.00 63.07  ? 63  ARG A NH2 1 
ATOM   503  N N   . TYR A 1 64  ? -9.469  11.941  -3.605  1.00 44.12  ? 64  TYR A N   1 
ATOM   504  C CA  . TYR A 1 64  ? -9.855  12.159  -5.015  1.00 41.65  ? 64  TYR A CA  1 
ATOM   505  C C   . TYR A 1 64  ? -11.350 11.904  -5.135  1.00 46.04  ? 64  TYR A C   1 
ATOM   506  O O   . TYR A 1 64  ? -11.833 10.948  -4.460  1.00 41.07  ? 64  TYR A O   1 
ATOM   507  C CB  . TYR A 1 64  ? -9.063  11.218  -5.925  1.00 45.53  ? 64  TYR A CB  1 
ATOM   508  C CG  . TYR A 1 64  ? -7.565  11.367  -5.840  1.00 41.82  ? 64  TYR A CG  1 
ATOM   509  C CD1 . TYR A 1 64  ? -6.825  10.726  -4.860  1.00 42.55  ? 64  TYR A CD1 1 
ATOM   510  C CD2 . TYR A 1 64  ? -6.888  12.160  -6.743  1.00 41.82  ? 64  TYR A CD2 1 
ATOM   511  C CE1 . TYR A 1 64  ? -5.448  10.867  -4.783  1.00 40.54  ? 64  TYR A CE1 1 
ATOM   512  C CE2 . TYR A 1 64  ? -5.517  12.300  -6.698  1.00 44.02  ? 64  TYR A CE2 1 
ATOM   513  C CZ  . TYR A 1 64  ? -4.796  11.655  -5.716  1.00 41.46  ? 64  TYR A CZ  1 
ATOM   514  O OH  . TYR A 1 64  ? -3.449  11.823  -5.711  1.00 42.83  ? 64  TYR A OH  1 
ATOM   515  N N   . ASP A 1 65  ? -12.052 12.702  -5.952  1.00 46.63  ? 65  ASP A N   1 
ATOM   516  C CA  . ASP A 1 65  ? -13.536 12.637  -6.074  1.00 50.27  ? 65  ASP A CA  1 
ATOM   517  C C   . ASP A 1 65  ? -13.940 11.273  -6.622  1.00 49.14  ? 65  ASP A C   1 
ATOM   518  O O   . ASP A 1 65  ? -15.027 10.843  -6.305  1.00 54.45  ? 65  ASP A O   1 
ATOM   519  C CB  . ASP A 1 65  ? -14.107 13.730  -6.986  1.00 57.69  ? 65  ASP A CB  1 
ATOM   520  C CG  . ASP A 1 65  ? -13.872 15.141  -6.483  1.00 63.62  ? 65  ASP A CG  1 
ATOM   521  O OD1 . ASP A 1 65  ? -13.649 15.306  -5.272  1.00 77.03  ? 65  ASP A OD1 1 
ATOM   522  O OD2 . ASP A 1 65  ? -13.880 16.068  -7.318  1.00 77.52  ? 65  ASP A OD2 1 
ATOM   523  N N   . ASP A 1 66  ? -13.096 10.648  -7.449  1.00 46.79  ? 66  ASP A N   1 
ATOM   524  C CA  . ASP A 1 66  ? -13.401 9.381   -8.157  1.00 48.78  ? 66  ASP A CA  1 
ATOM   525  C C   . ASP A 1 66  ? -12.160 8.947   -8.938  1.00 43.95  ? 66  ASP A C   1 
ATOM   526  O O   . ASP A 1 66  ? -11.186 9.705   -8.961  1.00 45.44  ? 66  ASP A O   1 
ATOM   527  C CB  . ASP A 1 66  ? -14.595 9.552   -9.103  1.00 56.80  ? 66  ASP A CB  1 
ATOM   528  C CG  . ASP A 1 66  ? -14.424 10.625  -10.179 1.00 62.52  ? 66  ASP A CG  1 
ATOM   529  O OD1 . ASP A 1 66  ? -13.287 11.123  -10.388 1.00 62.99  ? 66  ASP A OD1 1 
ATOM   530  O OD2 . ASP A 1 66  ? -15.440 10.965  -10.813 1.00 78.28  ? 66  ASP A OD2 1 
ATOM   531  N N   . TRP A 1 67  ? -12.237 7.808   -9.617  1.00 47.79  ? 67  TRP A N   1 
ATOM   532  C CA  . TRP A 1 67  ? -11.120 7.239   -10.403 1.00 47.70  ? 67  TRP A CA  1 
ATOM   533  C C   . TRP A 1 67  ? -10.637 8.250   -11.449 1.00 52.94  ? 67  TRP A C   1 
ATOM   534  O O   . TRP A 1 67  ? -9.391  8.414   -11.592 1.00 53.42  ? 67  TRP A O   1 
ATOM   535  C CB  . TRP A 1 67  ? -11.536 5.894   -11.006 1.00 48.85  ? 67  TRP A CB  1 
ATOM   536  C CG  . TRP A 1 67  ? -10.389 5.221   -11.691 1.00 50.43  ? 67  TRP A CG  1 
ATOM   537  C CD1 . TRP A 1 67  ? -10.211 5.057   -13.033 1.00 47.85  ? 67  TRP A CD1 1 
ATOM   538  C CD2 . TRP A 1 67  ? -9.196  4.721   -11.059 1.00 48.84  ? 67  TRP A CD2 1 
ATOM   539  N NE1 . TRP A 1 67  ? -9.009  4.450   -13.274 1.00 55.44  ? 67  TRP A NE1 1 
ATOM   540  C CE2 . TRP A 1 67  ? -8.359  4.238   -12.086 1.00 49.64  ? 67  TRP A CE2 1 
ATOM   541  C CE3 . TRP A 1 67  ? -8.780  4.598   -9.729  1.00 52.88  ? 67  TRP A CE3 1 
ATOM   542  C CZ2 . TRP A 1 67  ? -7.125  3.653   -11.822 1.00 48.57  ? 67  TRP A CZ2 1 
ATOM   543  C CZ3 . TRP A 1 67  ? -7.550  4.038   -9.463  1.00 53.19  ? 67  TRP A CZ3 1 
ATOM   544  C CH2 . TRP A 1 67  ? -6.746  3.555   -10.500 1.00 54.87  ? 67  TRP A CH2 1 
ATOM   545  N N   . ASN A 1 68  ? -11.568 8.931   -12.132 1.00 56.50  ? 68  ASN A N   1 
ATOM   546  C CA  . ASN A 1 68  ? -11.257 9.853   -13.267 1.00 56.33  ? 68  ASN A CA  1 
ATOM   547  C C   . ASN A 1 68  ? -10.376 10.987  -12.756 1.00 51.35  ? 68  ASN A C   1 
ATOM   548  O O   . ASN A 1 68  ? -9.380  11.335  -13.411 1.00 54.32  ? 68  ASN A O   1 
ATOM   549  C CB  . ASN A 1 68  ? -12.515 10.430  -13.934 1.00 61.23  ? 68  ASN A CB  1 
ATOM   550  N N   . ASP A 1 69  ? -10.719 11.495  -11.581 1.00 53.72  ? 69  ASP A N   1 
ATOM   551  C CA  . ASP A 1 69  ? -9.973  12.571  -10.894 1.00 52.07  ? 69  ASP A CA  1 
ATOM   552  C C   . ASP A 1 69  ? -8.533  12.105  -10.675 1.00 46.25  ? 69  ASP A C   1 
ATOM   553  O O   . ASP A 1 69  ? -7.596  12.896  -10.912 1.00 49.16  ? 69  ASP A O   1 
ATOM   554  C CB  . ASP A 1 69  ? -10.701 12.928  -9.606  1.00 58.15  ? 69  ASP A CB  1 
ATOM   555  C CG  . ASP A 1 69  ? -10.062 14.067  -8.837  1.00 63.29  ? 69  ASP A CG  1 
ATOM   556  O OD1 . ASP A 1 69  ? -9.343  14.866  -9.480  1.00 67.99  ? 69  ASP A OD1 1 
ATOM   557  O OD2 . ASP A 1 69  ? -10.298 14.143  -7.594  1.00 58.11  ? 69  ASP A OD2 1 
ATOM   558  N N   . PHE A 1 70  ? -8.355  10.878  -10.188 1.00 47.66  ? 70  PHE A N   1 
ATOM   559  C CA  . PHE A 1 70  ? -7.015  10.334  -9.873  1.00 44.04  ? 70  PHE A CA  1 
ATOM   560  C C   . PHE A 1 70  ? -6.225  10.169  -11.170 1.00 45.80  ? 70  PHE A C   1 
ATOM   561  O O   . PHE A 1 70  ? -5.064  10.579  -11.231 1.00 50.04  ? 70  PHE A O   1 
ATOM   562  C CB  . PHE A 1 70  ? -7.110  8.992   -9.145  1.00 47.43  ? 70  PHE A CB  1 
ATOM   563  C CG  . PHE A 1 70  ? -5.773  8.332   -8.938  1.00 45.31  ? 70  PHE A CG  1 
ATOM   564  C CD1 . PHE A 1 70  ? -4.904  8.780   -7.956  1.00 44.45  ? 70  PHE A CD1 1 
ATOM   565  C CD2 . PHE A 1 70  ? -5.361  7.287   -9.751  1.00 47.28  ? 70  PHE A CD2 1 
ATOM   566  C CE1 . PHE A 1 70  ? -3.662  8.182   -7.773  1.00 48.90  ? 70  PHE A CE1 1 
ATOM   567  C CE2 . PHE A 1 70  ? -4.134  6.662   -9.531  1.00 48.79  ? 70  PHE A CE2 1 
ATOM   568  C CZ  . PHE A 1 70  ? -3.277  7.120   -8.558  1.00 44.25  ? 70  PHE A CZ  1 
ATOM   569  N N   . ILE A 1 71  ? -6.837  9.541   -12.169 1.00 56.05  ? 71  ILE A N   1 
ATOM   570  C CA  . ILE A 1 71  ? -6.176  9.261   -13.482 1.00 57.74  ? 71  ILE A CA  1 
ATOM   571  C C   . ILE A 1 71  ? -5.800  10.580  -14.166 1.00 55.67  ? 71  ILE A C   1 
ATOM   572  O O   . ILE A 1 71  ? -4.660  10.697  -14.635 1.00 51.48  ? 71  ILE A O   1 
ATOM   573  C CB  . ILE A 1 71  ? -7.098  8.421   -14.377 1.00 59.19  ? 71  ILE A CB  1 
ATOM   574  C CG1 . ILE A 1 71  ? -7.182  6.981   -13.880 1.00 59.94  ? 71  ILE A CG1 1 
ATOM   575  C CG2 . ILE A 1 71  ? -6.631  8.493   -15.816 1.00 62.31  ? 71  ILE A CG2 1 
ATOM   576  C CD1 . ILE A 1 71  ? -5.847  6.287   -13.845 1.00 62.33  ? 71  ILE A CD1 1 
ATOM   577  N N   . THR A 1 72  ? -6.717  11.546  -14.194 1.00 54.77  ? 72  THR A N   1 
ATOM   578  C CA  . THR A 1 72  ? -6.467  12.909  -14.735 1.00 55.78  ? 72  THR A CA  1 
ATOM   579  C C   . THR A 1 72  ? -5.146  13.444  -14.175 1.00 58.13  ? 72  THR A C   1 
ATOM   580  O O   . THR A 1 72  ? -4.359  14.022  -14.950 1.00 60.94  ? 72  THR A O   1 
ATOM   581  C CB  . THR A 1 72  ? -7.646  13.835  -14.424 1.00 56.63  ? 72  THR A CB  1 
ATOM   582  O OG1 . THR A 1 72  ? -8.742  13.327  -15.176 1.00 60.53  ? 72  THR A OG1 1 
ATOM   583  C CG2 . THR A 1 72  ? -7.432  15.276  -14.822 1.00 59.02  ? 72  THR A CG2 1 
ATOM   584  N N   . LYS A 1 73  ? -4.889  13.239  -12.885 1.00 53.46  ? 73  LYS A N   1 
ATOM   585  C CA  . LYS A 1 73  ? -3.716  13.836  -12.201 1.00 50.40  ? 73  LYS A CA  1 
ATOM   586  C C   . LYS A 1 73  ? -2.506  12.916  -12.291 1.00 51.26  ? 73  LYS A C   1 
ATOM   587  O O   . LYS A 1 73  ? -1.479  13.281  -11.734 1.00 61.99  ? 73  LYS A O   1 
ATOM   588  C CB  . LYS A 1 73  ? -4.062  14.099  -10.736 1.00 51.40  ? 73  LYS A CB  1 
ATOM   589  C CG  . LYS A 1 73  ? -4.954  15.304  -10.539 1.00 54.55  ? 73  LYS A CG  1 
ATOM   590  C CD  . LYS A 1 73  ? -5.656  15.316  -9.226  1.00 59.27  ? 73  LYS A CD  1 
ATOM   591  C CE  . LYS A 1 73  ? -6.400  16.615  -9.007  1.00 62.10  ? 73  LYS A CE  1 
ATOM   592  N NZ  . LYS A 1 73  ? -7.372  16.472  -7.903  1.00 67.57  ? 73  LYS A NZ  1 
ATOM   593  N N   . HIS A 1 74  ? -2.646  11.721  -12.855 1.00 52.29  ? 74  HIS A N   1 
ATOM   594  C CA  . HIS A 1 74  ? -1.552  10.718  -12.908 1.00 55.22  ? 74  HIS A CA  1 
ATOM   595  C C   . HIS A 1 74  ? -1.506  10.123  -14.315 1.00 59.34  ? 74  HIS A C   1 
ATOM   596  O O   . HIS A 1 74  ? -1.724  8.920   -14.466 1.00 60.07  ? 74  HIS A O   1 
ATOM   597  C CB  . HIS A 1 74  ? -1.766  9.677   -11.797 1.00 52.22  ? 74  HIS A CB  1 
ATOM   598  C CG  . HIS A 1 74  ? -1.634  10.245  -10.424 1.00 53.16  ? 74  HIS A CG  1 
ATOM   599  N ND1 . HIS A 1 74  ? -0.441  10.221  -9.727  1.00 58.19  ? 74  HIS A ND1 1 
ATOM   600  C CD2 . HIS A 1 74  ? -2.523  10.850  -9.612  1.00 50.88  ? 74  HIS A CD2 1 
ATOM   601  C CE1 . HIS A 1 74  ? -0.597  10.799  -8.552  1.00 57.93  ? 74  HIS A CE1 1 
ATOM   602  N NE2 . HIS A 1 74  ? -1.860  11.206  -8.462  1.00 54.71  ? 74  HIS A NE2 1 
ATOM   603  N N   . GLN A 1 75  ? -1.279  10.954  -15.328 1.00 67.49  ? 75  GLN A N   1 
ATOM   604  C CA  . GLN A 1 75  ? -1.366  10.493  -16.737 1.00 69.17  ? 75  GLN A CA  1 
ATOM   605  C C   . GLN A 1 75  ? -0.103  9.714   -17.108 1.00 59.93  ? 75  GLN A C   1 
ATOM   606  O O   . GLN A 1 75  ? 0.991   10.086  -16.667 1.00 54.85  ? 75  GLN A O   1 
ATOM   607  C CB  . GLN A 1 75  ? -1.678  11.657  -17.670 1.00 76.51  ? 75  GLN A CB  1 
ATOM   608  C CG  . GLN A 1 75  ? -3.162  11.706  -18.009 1.00 82.41  ? 75  GLN A CG  1 
ATOM   609  C CD  . GLN A 1 75  ? -3.599  13.076  -18.456 1.00 91.61  ? 75  GLN A CD  1 
ATOM   610  O OE1 . GLN A 1 75  ? -4.443  13.714  -17.828 1.00 100.36 ? 75  GLN A OE1 1 
ATOM   611  N NE2 . GLN A 1 75  ? -3.016  13.542  -19.547 1.00 91.85  ? 75  GLN A NE2 1 
ATOM   612  N N   . ASN A 1 76  ? -0.287  8.623   -17.847 1.00 63.28  ? 76  ASN A N   1 
ATOM   613  C CA  . ASN A 1 76  ? 0.787   7.683   -18.264 1.00 75.38  ? 76  ASN A CA  1 
ATOM   614  C C   . ASN A 1 76  ? 1.669   7.313   -17.064 1.00 67.94  ? 76  ASN A C   1 
ATOM   615  O O   . ASN A 1 76  ? 2.889   7.509   -17.164 1.00 79.98  ? 76  ASN A O   1 
ATOM   616  C CB  . ASN A 1 76  ? 1.640   8.268   -19.399 1.00 80.96  ? 76  ASN A CB  1 
ATOM   617  C CG  . ASN A 1 76  ? 0.803   8.737   -20.571 1.00 85.52  ? 76  ASN A CG  1 
ATOM   618  O OD1 . ASN A 1 76  ? -0.037  8.000   -21.089 1.00 88.02  ? 76  ASN A OD1 1 
ATOM   619  N ND2 . ASN A 1 76  ? 1.010   9.976   -20.979 1.00 85.81  ? 76  ASN A ND2 1 
ATOM   620  N N   . ILE A 1 77  ? 1.085   6.817   -15.969 1.00 60.89  ? 77  ILE A N   1 
ATOM   621  C CA  . ILE A 1 77  ? 1.856   6.155   -14.871 1.00 60.06  ? 77  ILE A CA  1 
ATOM   622  C C   . ILE A 1 77  ? 1.483   4.668   -14.881 1.00 52.40  ? 77  ILE A C   1 
ATOM   623  O O   . ILE A 1 77  ? 0.360   4.336   -15.272 1.00 54.64  ? 77  ILE A O   1 
ATOM   624  C CB  . ILE A 1 77  ? 1.631   6.812   -13.482 1.00 65.22  ? 77  ILE A CB  1 
ATOM   625  C CG1 . ILE A 1 77  ? 0.162   6.778   -13.054 1.00 73.62  ? 77  ILE A CG1 1 
ATOM   626  C CG2 . ILE A 1 77  ? 2.192   8.231   -13.432 1.00 65.33  ? 77  ILE A CG2 1 
ATOM   627  C CD1 . ILE A 1 77  ? -0.046  6.664   -11.554 1.00 76.50  ? 77  ILE A CD1 1 
ATOM   628  N N   . THR A 1 78  ? 2.398   3.793   -14.490 1.00 51.16  ? 78  THR A N   1 
ATOM   629  C CA  . THR A 1 78  ? 2.131   2.350   -14.290 1.00 51.48  ? 78  THR A CA  1 
ATOM   630  C C   . THR A 1 78  ? 1.419   2.184   -12.950 1.00 50.07  ? 78  THR A C   1 
ATOM   631  O O   . THR A 1 78  ? 1.891   2.777   -11.966 1.00 49.67  ? 78  THR A O   1 
ATOM   632  C CB  . THR A 1 78  ? 3.432   1.542   -14.233 1.00 56.05  ? 78  THR A CB  1 
ATOM   633  O OG1 . THR A 1 78  ? 4.163   1.885   -15.407 1.00 51.53  ? 78  THR A OG1 1 
ATOM   634  C CG2 . THR A 1 78  ? 3.208   0.051   -14.119 1.00 50.00  ? 78  THR A CG2 1 
ATOM   635  N N   . LEU A 1 79  ? 0.350   1.400   -12.926 1.00 44.08  ? 79  LEU A N   1 
ATOM   636  C CA  . LEU A 1 79  ? -0.321  0.962   -11.688 1.00 44.37  ? 79  LEU A CA  1 
ATOM   637  C C   . LEU A 1 79  ? -0.122  -0.540  -11.546 1.00 44.54  ? 79  LEU A C   1 
ATOM   638  O O   . LEU A 1 79  ? -0.509  -1.253  -12.471 1.00 47.68  ? 79  LEU A O   1 
ATOM   639  C CB  . LEU A 1 79  ? -1.804  1.306   -11.777 1.00 44.57  ? 79  LEU A CB  1 
ATOM   640  C CG  . LEU A 1 79  ? -2.115  2.765   -12.082 1.00 47.00  ? 79  LEU A CG  1 
ATOM   641  C CD1 . LEU A 1 79  ? -3.602  2.938   -12.297 1.00 53.20  ? 79  LEU A CD1 1 
ATOM   642  C CD2 . LEU A 1 79  ? -1.639  3.672   -10.958 1.00 48.81  ? 79  LEU A CD2 1 
ATOM   643  N N   . PHE A 1 80  ? 0.467   -0.968  -10.425 1.00 41.68  ? 80  PHE A N   1 
ATOM   644  C CA  . PHE A 1 80  ? 0.518   -2.368  -9.955  1.00 39.59  ? 80  PHE A CA  1 
ATOM   645  C C   . PHE A 1 80  ? -0.697  -2.638  -9.077  1.00 43.88  ? 80  PHE A C   1 
ATOM   646  O O   . PHE A 1 80  ? -0.785  -2.065  -7.960  1.00 41.00  ? 80  PHE A O   1 
ATOM   647  C CB  . PHE A 1 80  ? 1.819   -2.623  -9.206  1.00 40.64  ? 80  PHE A CB  1 
ATOM   648  C CG  . PHE A 1 80  ? 3.047   -2.402  -10.040 1.00 44.98  ? 80  PHE A CG  1 
ATOM   649  C CD1 . PHE A 1 80  ? 3.629   -1.144  -10.133 1.00 44.58  ? 80  PHE A CD1 1 
ATOM   650  C CD2 . PHE A 1 80  ? 3.633   -3.454  -10.730 1.00 47.51  ? 80  PHE A CD2 1 
ATOM   651  C CE1 . PHE A 1 80  ? 4.770   -0.949  -10.900 1.00 47.29  ? 80  PHE A CE1 1 
ATOM   652  C CE2 . PHE A 1 80  ? 4.768   -3.257  -11.505 1.00 47.98  ? 80  PHE A CE2 1 
ATOM   653  C CZ  . PHE A 1 80  ? 5.344   -2.007  -11.574 1.00 49.21  ? 80  PHE A CZ  1 
ATOM   654  N N   . CYS A 1 81  ? -1.628  -3.447  -9.589  1.00 39.21  ? 81  CYS A N   1 
ATOM   655  C CA  . CYS A 1 81  ? -2.960  -3.686  -8.985  1.00 40.41  ? 81  CYS A CA  1 
ATOM   656  C C   . CYS A 1 81  ? -3.008  -5.079  -8.345  1.00 42.34  ? 81  CYS A C   1 
ATOM   657  O O   . CYS A 1 81  ? -2.687  -6.077  -9.027  1.00 40.93  ? 81  CYS A O   1 
ATOM   658  C CB  . CYS A 1 81  ? -4.064  -3.578  -10.030 1.00 45.97  ? 81  CYS A CB  1 
ATOM   659  S SG  . CYS A 1 81  ? -4.266  -1.924  -10.748 1.00 49.30  ? 81  CYS A SG  1 
ATOM   660  N N   . LEU A 1 82  ? -3.429  -5.143  -7.087  1.00 37.71  ? 82  LEU A N   1 
ATOM   661  C CA  . LEU A 1 82  ? -3.680  -6.424  -6.392  1.00 40.48  ? 82  LEU A CA  1 
ATOM   662  C C   . LEU A 1 82  ? -5.007  -6.985  -6.914  1.00 44.86  ? 82  LEU A C   1 
ATOM   663  O O   . LEU A 1 82  ? -6.036  -6.256  -6.863  1.00 44.20  ? 82  LEU A O   1 
ATOM   664  C CB  . LEU A 1 82  ? -3.766  -6.243  -4.874  1.00 41.57  ? 82  LEU A CB  1 
ATOM   665  C CG  . LEU A 1 82  ? -4.172  -7.511  -4.098  1.00 43.20  ? 82  LEU A CG  1 
ATOM   666  C CD1 . LEU A 1 82  ? -3.130  -8.600  -4.226  1.00 39.98  ? 82  LEU A CD1 1 
ATOM   667  C CD2 . LEU A 1 82  ? -4.411  -7.201  -2.630  1.00 44.67  ? 82  LEU A CD2 1 
ATOM   668  N N   . SER A 1 83  ? -4.984  -8.255  -7.315  1.00 41.74  ? 83  SER A N   1 
ATOM   669  C CA  . SER A 1 83  ? -6.184  -9.036  -7.673  1.00 46.05  ? 83  SER A CA  1 
ATOM   670  C C   . SER A 1 83  ? -6.020  -10.503 -7.268  1.00 46.61  ? 83  SER A C   1 
ATOM   671  O O   . SER A 1 83  ? -4.904  -11.023 -7.400  1.00 44.65  ? 83  SER A O   1 
ATOM   672  C CB  . SER A 1 83  ? -6.447  -8.895  -9.147  1.00 50.58  ? 83  SER A CB  1 
ATOM   673  O OG  . SER A 1 83  ? -7.651  -9.549  -9.499  1.00 54.67  ? 83  SER A OG  1 
ATOM   674  N N   . ARG A 1 84  ? -7.121  -11.133 -6.825  1.00 51.97  ? 84  ARG A N   1 
ATOM   675  C CA  . ARG A 1 84  ? -7.311  -12.613 -6.785  1.00 59.32  ? 84  ARG A CA  1 
ATOM   676  C C   . ARG A 1 84  ? -6.834  -13.229 -8.115  1.00 52.84  ? 84  ARG A C   1 
ATOM   677  O O   . ARG A 1 84  ? -6.176  -14.273 -8.069  1.00 63.95  ? 84  ARG A O   1 
ATOM   678  C CB  . ARG A 1 84  ? -8.777  -12.960 -6.473  1.00 51.19  ? 84  ARG A CB  1 
ATOM   679  N N   . TYR A 1 85  ? -7.084  -12.562 -9.248  1.00 59.70  ? 85  TYR A N   1 
ATOM   680  C CA  . TYR A 1 85  ? -6.801  -13.070 -10.617 1.00 67.64  ? 85  TYR A CA  1 
ATOM   681  C C   . TYR A 1 85  ? -5.495  -12.480 -11.179 1.00 61.38  ? 85  TYR A C   1 
ATOM   682  O O   . TYR A 1 85  ? -5.281  -12.576 -12.388 1.00 59.46  ? 85  TYR A O   1 
ATOM   683  C CB  . TYR A 1 85  ? -8.014  -12.795 -11.513 1.00 79.14  ? 85  TYR A CB  1 
ATOM   684  C CG  . TYR A 1 85  ? -9.308  -13.438 -11.066 1.00 92.21  ? 85  TYR A CG  1 
ATOM   685  C CD1 . TYR A 1 85  ? -9.365  -14.292 -9.964  1.00 99.77  ? 85  TYR A CD1 1 
ATOM   686  C CD2 . TYR A 1 85  ? -10.482 -13.227 -11.775 1.00 103.21 ? 85  TYR A CD2 1 
ATOM   687  C CE1 . TYR A 1 85  ? -10.552 -14.886 -9.558  1.00 103.88 ? 85  TYR A CE1 1 
ATOM   688  C CE2 . TYR A 1 85  ? -11.676 -13.819 -11.387 1.00 109.84 ? 85  TYR A CE2 1 
ATOM   689  C CZ  . TYR A 1 85  ? -11.713 -14.648 -10.275 1.00 116.16 ? 85  TYR A CZ  1 
ATOM   690  O OH  . TYR A 1 85  ? -12.888 -15.233 -9.894  1.00 120.40 ? 85  TYR A OH  1 
ATOM   691  N N   . GLY A 1 86  ? -4.625  -11.923 -10.330 1.00 56.28  ? 86  GLY A N   1 
ATOM   692  C CA  . GLY A 1 86  ? -3.328  -11.347 -10.734 1.00 49.31  ? 86  GLY A CA  1 
ATOM   693  C C   . GLY A 1 86  ? -2.397  -12.424 -11.251 1.00 51.90  ? 86  GLY A C   1 
ATOM   694  O O   . GLY A 1 86  ? -2.465  -13.575 -10.775 1.00 50.14  ? 86  GLY A O   1 
ATOM   695  N N   . GLN A 1 87  ? -1.576  -12.076 -12.233 1.00 50.79  ? 87  GLN A N   1 
ATOM   696  C CA  . GLN A 1 87  ? -0.825  -13.050 -13.054 1.00 50.72  ? 87  GLN A CA  1 
ATOM   697  C C   . GLN A 1 87  ? 0.187   -13.779 -12.200 1.00 53.60  ? 87  GLN A C   1 
ATOM   698  O O   . GLN A 1 87  ? 0.301   -15.006 -12.337 1.00 54.87  ? 87  GLN A O   1 
ATOM   699  C CB  . GLN A 1 87  ? -0.090  -12.349 -14.179 1.00 55.15  ? 87  GLN A CB  1 
ATOM   700  C CG  . GLN A 1 87  ? -1.052  -11.744 -15.178 1.00 65.03  ? 87  GLN A CG  1 
ATOM   701  C CD  . GLN A 1 87  ? -0.287  -11.266 -16.379 1.00 72.01  ? 87  GLN A CD  1 
ATOM   702  O OE1 . GLN A 1 87  ? 0.796   -11.771 -16.672 1.00 76.15  ? 87  GLN A OE1 1 
ATOM   703  N NE2 . GLN A 1 87  ? -0.831  -10.263 -17.047 1.00 71.01  ? 87  GLN A NE2 1 
ATOM   704  N N   . LYS A 1 88  ? 0.898   -13.050 -11.354 1.00 48.21  ? 88  LYS A N   1 
ATOM   705  C CA  . LYS A 1 88  ? 2.016   -13.636 -10.587 1.00 45.31  ? 88  LYS A CA  1 
ATOM   706  C C   . LYS A 1 88  ? 2.224   -12.855 -9.305  1.00 40.95  ? 88  LYS A C   1 
ATOM   707  O O   . LYS A 1 88  ? 1.724   -11.735 -9.158  1.00 45.02  ? 88  LYS A O   1 
ATOM   708  C CB  . LYS A 1 88  ? 3.273   -13.546 -11.454 1.00 53.75  ? 88  LYS A CB  1 
ATOM   709  C CG  . LYS A 1 88  ? 3.611   -12.145 -11.953 1.00 51.43  ? 88  LYS A CG  1 
ATOM   710  C CD  . LYS A 1 88  ? 4.840   -12.121 -12.840 1.00 56.73  ? 88  LYS A CD  1 
ATOM   711  C CE  . LYS A 1 88  ? 5.368   -10.721 -13.088 1.00 67.86  ? 88  LYS A CE  1 
ATOM   712  N NZ  . LYS A 1 88  ? 6.446   -10.709 -14.107 1.00 75.21  ? 88  LYS A NZ  1 
ATOM   713  N N   . PRO A 1 89  ? 3.085   -13.359 -8.411  1.00 39.79  ? 89  PRO A N   1 
ATOM   714  C CA  . PRO A 1 89  ? 3.401   -12.662 -7.170  1.00 42.50  ? 89  PRO A CA  1 
ATOM   715  C C   . PRO A 1 89  ? 4.177   -11.365 -7.428  1.00 43.00  ? 89  PRO A C   1 
ATOM   716  O O   . PRO A 1 89  ? 4.931   -11.282 -8.393  1.00 42.37  ? 89  PRO A O   1 
ATOM   717  C CB  . PRO A 1 89  ? 4.274   -13.662 -6.385  1.00 41.16  ? 89  PRO A CB  1 
ATOM   718  C CG  . PRO A 1 89  ? 4.076   -14.974 -7.114  1.00 44.71  ? 89  PRO A CG  1 
ATOM   719  C CD  . PRO A 1 89  ? 3.880   -14.576 -8.562  1.00 44.39  ? 89  PRO A CD  1 
ATOM   720  N N   . ILE A 1 90  ? 4.064   -10.419 -6.502  1.00 42.06  ? 90  ILE A N   1 
ATOM   721  C CA  . ILE A 1 90  ? 4.707   -9.086  -6.664  1.00 44.09  ? 90  ILE A CA  1 
ATOM   722  C C   . ILE A 1 90  ? 6.233   -9.238  -6.667  1.00 39.08  ? 90  ILE A C   1 
ATOM   723  O O   . ILE A 1 90  ? 6.881   -8.477  -7.395  1.00 43.41  ? 90  ILE A O   1 
ATOM   724  C CB  . ILE A 1 90  ? 4.217   -8.062  -5.618  1.00 44.06  ? 90  ILE A CB  1 
ATOM   725  C CG1 . ILE A 1 90  ? 4.861   -6.708  -5.887  1.00 45.82  ? 90  ILE A CG1 1 
ATOM   726  C CG2 . ILE A 1 90  ? 4.482   -8.523  -4.196  1.00 47.69  ? 90  ILE A CG2 1 
ATOM   727  C CD1 . ILE A 1 90  ? 3.907   -5.567  -5.860  1.00 54.43  ? 90  ILE A CD1 1 
ATOM   728  N N   . SER A 1 91  ? 6.784   -10.193 -5.912  1.00 45.11  ? 91  SER A N   1 
ATOM   729  C CA  . SER A 1 91  ? 8.236   -10.524 -5.904  1.00 44.85  ? 91  SER A CA  1 
ATOM   730  C C   . SER A 1 91  ? 8.746   -10.918 -7.298  1.00 51.40  ? 91  SER A C   1 
ATOM   731  O O   . SER A 1 91  ? 9.967   -10.965 -7.429  1.00 51.70  ? 91  SER A O   1 
ATOM   732  C CB  . SER A 1 91  ? 8.567   -11.589 -4.930  1.00 42.44  ? 91  SER A CB  1 
ATOM   733  O OG  . SER A 1 91  ? 7.769   -12.737 -5.197  1.00 45.45  ? 91  SER A OG  1 
ATOM   734  N N   . ASP A 1 92  ? 7.883   -11.163 -8.295  1.00 50.58  ? 92  ASP A N   1 
ATOM   735  C CA  . ASP A 1 92  ? 8.316   -11.551 -9.667  1.00 52.82  ? 92  ASP A CA  1 
ATOM   736  C C   . ASP A 1 92  ? 8.530   -10.332 -10.573 1.00 55.71  ? 92  ASP A C   1 
ATOM   737  O O   . ASP A 1 92  ? 9.133   -10.525 -11.625 1.00 48.73  ? 92  ASP A O   1 
ATOM   738  C CB  . ASP A 1 92  ? 7.348   -12.531 -10.335 1.00 48.24  ? 92  ASP A CB  1 
ATOM   739  C CG  . ASP A 1 92  ? 7.586   -13.980 -9.949  1.00 51.13  ? 92  ASP A CG  1 
ATOM   740  O OD1 . ASP A 1 92  ? 8.557   -14.248 -9.212  1.00 56.50  ? 92  ASP A OD1 1 
ATOM   741  O OD2 . ASP A 1 92  ? 6.776   -14.829 -10.363 1.00 69.90  ? 92  ASP A OD2 1 
ATOM   742  N N   . PHE A 1 93  ? 8.059   -9.137  -10.213 1.00 51.73  ? 93  PHE A N   1 
ATOM   743  C CA  . PHE A 1 93  ? 8.393   -7.893  -10.946 1.00 49.98  ? 93  PHE A CA  1 
ATOM   744  C C   . PHE A 1 93  ? 9.736   -7.369  -10.427 1.00 49.96  ? 93  PHE A C   1 
ATOM   745  O O   . PHE A 1 93  ? 10.049  -7.556  -9.246  1.00 48.52  ? 93  PHE A O   1 
ATOM   746  C CB  . PHE A 1 93  ? 7.311   -6.832  -10.775 1.00 53.15  ? 93  PHE A CB  1 
ATOM   747  C CG  . PHE A 1 93  ? 5.972   -7.182  -11.367 1.00 51.66  ? 93  PHE A CG  1 
ATOM   748  C CD1 . PHE A 1 93  ? 5.027   -7.855  -10.610 1.00 47.03  ? 93  PHE A CD1 1 
ATOM   749  C CD2 . PHE A 1 93  ? 5.659   -6.844  -12.680 1.00 52.41  ? 93  PHE A CD2 1 
ATOM   750  C CE1 . PHE A 1 93  ? 3.784   -8.168  -11.143 1.00 52.52  ? 93  PHE A CE1 1 
ATOM   751  C CE2 . PHE A 1 93  ? 4.415   -7.156  -13.206 1.00 51.27  ? 93  PHE A CE2 1 
ATOM   752  C CZ  . PHE A 1 93  ? 3.479   -7.815  -12.438 1.00 50.58  ? 93  PHE A CZ  1 
ATOM   753  N N   . ASP A 1 94  ? 10.494  -6.695  -11.287 1.00 53.64  ? 94  ASP A N   1 
ATOM   754  C CA  . ASP A 1 94  ? 11.851  -6.200  -10.960 1.00 57.19  ? 94  ASP A CA  1 
ATOM   755  C C   . ASP A 1 94  ? 11.777  -4.691  -10.695 1.00 58.13  ? 94  ASP A C   1 
ATOM   756  O O   . ASP A 1 94  ? 11.789  -3.906  -11.654 1.00 58.39  ? 94  ASP A O   1 
ATOM   757  C CB  . ASP A 1 94  ? 12.827  -6.544  -12.082 1.00 58.57  ? 94  ASP A CB  1 
ATOM   758  C CG  . ASP A 1 94  ? 14.257  -6.181  -11.754 1.00 62.49  ? 94  ASP A CG  1 
ATOM   759  O OD1 . ASP A 1 94  ? 14.528  -5.753  -10.597 1.00 64.50  ? 94  ASP A OD1 1 
ATOM   760  O OD2 . ASP A 1 94  ? 15.092  -6.335  -12.649 1.00 73.95  ? 94  ASP A OD2 1 
ATOM   761  N N   . PHE A 1 95  ? 11.731  -4.300  -9.424  1.00 52.12  ? 95  PHE A N   1 
ATOM   762  C CA  . PHE A 1 95  ? 11.510  -2.891  -9.010  1.00 48.50  ? 95  PHE A CA  1 
ATOM   763  C C   . PHE A 1 95  ? 12.865  -2.172  -8.921  1.00 45.92  ? 95  PHE A C   1 
ATOM   764  O O   . PHE A 1 95  ? 12.866  -0.926  -8.929  1.00 47.88  ? 95  PHE A O   1 
ATOM   765  C CB  . PHE A 1 95  ? 10.719  -2.831  -7.696  1.00 46.38  ? 95  PHE A CB  1 
ATOM   766  C CG  . PHE A 1 95  ? 9.258   -3.163  -7.831  1.00 43.92  ? 95  PHE A CG  1 
ATOM   767  C CD1 . PHE A 1 95  ? 8.353   -2.222  -8.283  1.00 45.65  ? 95  PHE A CD1 1 
ATOM   768  C CD2 . PHE A 1 95  ? 8.796   -4.425  -7.530  1.00 47.31  ? 95  PHE A CD2 1 
ATOM   769  C CE1 . PHE A 1 95  ? 7.020   -2.540  -8.424  1.00 47.03  ? 95  PHE A CE1 1 
ATOM   770  C CE2 . PHE A 1 95  ? 7.457   -4.743  -7.677  1.00 46.94  ? 95  PHE A CE2 1 
ATOM   771  C CZ  . PHE A 1 95  ? 6.576   -3.805  -8.135  1.00 47.16  ? 95  PHE A CZ  1 
ATOM   772  N N   . SER A 1 96  ? 13.970  -2.911  -8.862  1.00 47.35  ? 96  SER A N   1 
ATOM   773  C CA  . SER A 1 96  ? 15.360  -2.371  -8.876  1.00 60.04  ? 96  SER A CA  1 
ATOM   774  C C   . SER A 1 96  ? 15.609  -1.550  -10.157 1.00 59.50  ? 96  SER A C   1 
ATOM   775  O O   . SER A 1 96  ? 16.484  -0.692  -10.157 1.00 66.53  ? 96  SER A O   1 
ATOM   776  C CB  . SER A 1 96  ? 16.354  -3.473  -8.735  1.00 57.77  ? 96  SER A CB  1 
ATOM   777  O OG  . SER A 1 96  ? 16.419  -4.178  -9.961  1.00 63.63  ? 96  SER A OG  1 
ATOM   778  N N   . LYS A 1 97  ? 14.830  -1.776  -11.207 1.00 61.78  ? 97  LYS A N   1 
ATOM   779  C CA  . LYS A 1 97  ? 14.910  -1.020  -12.472 1.00 58.35  ? 97  LYS A CA  1 
ATOM   780  C C   . LYS A 1 97  ? 14.287  0.369   -12.282 1.00 61.61  ? 97  LYS A C   1 
ATOM   781  O O   . LYS A 1 97  ? 14.509  1.217   -13.134 1.00 64.25  ? 97  LYS A O   1 
ATOM   782  C CB  . LYS A 1 97  ? 14.198  -1.824  -13.567 1.00 63.45  ? 97  LYS A CB  1 
ATOM   783  N N   . ILE A 1 98  ? 13.505  0.606   -11.224 1.00 58.36  ? 98  ILE A N   1 
ATOM   784  C CA  . ILE A 1 98  ? 12.633  1.814   -11.150 1.00 53.28  ? 98  ILE A CA  1 
ATOM   785  C C   . ILE A 1 98  ? 13.240  2.821   -10.161 1.00 51.56  ? 98  ILE A C   1 
ATOM   786  O O   . ILE A 1 98  ? 13.608  2.429   -9.020  1.00 53.58  ? 98  ILE A O   1 
ATOM   787  C CB  . ILE A 1 98  ? 11.190  1.412   -10.805 1.00 55.28  ? 98  ILE A CB  1 
ATOM   788  C CG1 . ILE A 1 98  ? 10.633  0.424   -11.833 1.00 55.12  ? 98  ILE A CG1 1 
ATOM   789  C CG2 . ILE A 1 98  ? 10.293  2.633   -10.657 1.00 55.40  ? 98  ILE A CG2 1 
ATOM   790  C CD1 . ILE A 1 98  ? 9.173   0.078   -11.616 1.00 54.61  ? 98  ILE A CD1 1 
ATOM   791  N N   . ASN A 1 99  ? 13.421  4.061   -10.604 1.00 52.11  ? 99  ASN A N   1 
ATOM   792  C CA  . ASN A 1 99  ? 13.770  5.195   -9.708  1.00 50.86  ? 99  ASN A CA  1 
ATOM   793  C C   . ASN A 1 99  ? 12.705  6.257   -9.909  1.00 52.42  ? 99  ASN A C   1 
ATOM   794  O O   . ASN A 1 99  ? 12.953  7.210   -10.638 1.00 50.24  ? 99  ASN A O   1 
ATOM   795  C CB  . ASN A 1 99  ? 15.165  5.774   -9.942  1.00 62.61  ? 99  ASN A CB  1 
ATOM   796  C CG  . ASN A 1 99  ? 15.478  6.906   -8.974  1.00 74.17  ? 99  ASN A CG  1 
ATOM   797  O OD1 . ASN A 1 99  ? 15.087  6.881   -7.802  1.00 74.56  ? 99  ASN A OD1 1 
ATOM   798  N ND2 . ASN A 1 99  ? 16.192  7.915   -9.445  1.00 77.71  ? 99  ASN A ND2 1 
ATOM   799  N N   . ASP A 1 100 ? 11.543  6.056   -9.294  1.00 49.80  ? 100 ASP A N   1 
ATOM   800  C CA  . ASP A 1 100 ? 10.353  6.905   -9.494  1.00 49.79  ? 100 ASP A CA  1 
ATOM   801  C C   . ASP A 1 100 ? 9.336   6.527   -8.417  1.00 43.50  ? 100 ASP A C   1 
ATOM   802  O O   . ASP A 1 100 ? 9.616   5.623   -7.646  1.00 39.97  ? 100 ASP A O   1 
ATOM   803  C CB  . ASP A 1 100 ? 9.819   6.702   -10.911 1.00 56.30  ? 100 ASP A CB  1 
ATOM   804  C CG  . ASP A 1 100 ? 8.693   7.641   -11.286 1.00 66.15  ? 100 ASP A CG  1 
ATOM   805  O OD1 . ASP A 1 100 ? 8.620   8.733   -10.705 1.00 64.22  ? 100 ASP A OD1 1 
ATOM   806  O OD2 . ASP A 1 100 ? 7.881   7.253   -12.144 1.00 87.68  ? 100 ASP A OD2 1 
ATOM   807  N N   . ASN A 1 101 ? 8.244   7.270   -8.335  1.00 44.33  ? 101 ASN A N   1 
ATOM   808  C CA  . ASN A 1 101 ? 6.990   6.835   -7.675  1.00 43.70  ? 101 ASN A CA  1 
ATOM   809  C C   . ASN A 1 101 ? 6.622   5.436   -8.186  1.00 45.60  ? 101 ASN A C   1 
ATOM   810  O O   . ASN A 1 101 ? 6.659   5.213   -9.414  1.00 48.77  ? 101 ASN A O   1 
ATOM   811  C CB  . ASN A 1 101 ? 5.866   7.825   -7.937  1.00 45.09  ? 101 ASN A CB  1 
ATOM   812  C CG  . ASN A 1 101 ? 6.021   9.106   -7.143  1.00 47.18  ? 101 ASN A CG  1 
ATOM   813  O OD1 . ASN A 1 101 ? 6.161   9.081   -5.922  1.00 40.47  ? 101 ASN A OD1 1 
ATOM   814  N ND2 . ASN A 1 101 ? 5.875   10.238  -7.822  1.00 49.22  ? 101 ASN A ND2 1 
ATOM   815  N N   . VAL A 1 102 ? 6.330   4.507   -7.276  1.00 49.44  ? 102 VAL A N   1 
ATOM   816  C CA  . VAL A 1 102 ? 5.625   3.229   -7.591  1.00 44.50  ? 102 VAL A CA  1 
ATOM   817  C C   . VAL A 1 102 ? 4.249   3.291   -6.942  1.00 46.31  ? 102 VAL A C   1 
ATOM   818  O O   . VAL A 1 102 ? 4.131   3.715   -5.767  1.00 40.65  ? 102 VAL A O   1 
ATOM   819  C CB  . VAL A 1 102 ? 6.440   2.034   -7.100  1.00 45.88  ? 102 VAL A CB  1 
ATOM   820  C CG1 . VAL A 1 102 ? 5.613   0.764   -6.996  1.00 47.88  ? 102 VAL A CG1 1 
ATOM   821  C CG2 . VAL A 1 102 ? 7.645   1.837   -7.990  1.00 49.89  ? 102 VAL A CG2 1 
ATOM   822  N N   . TYR A 1 103 ? 3.241   2.889   -7.690  1.00 38.96  ? 103 TYR A N   1 
ATOM   823  C CA  . TYR A 1 103 ? 1.830   2.965   -7.260  1.00 39.55  ? 103 TYR A CA  1 
ATOM   824  C C   . TYR A 1 103 ? 1.316   1.545   -7.070  1.00 44.11  ? 103 TYR A C   1 
ATOM   825  O O   . TYR A 1 103 ? 1.243   0.813   -8.100  1.00 42.21  ? 103 TYR A O   1 
ATOM   826  C CB  . TYR A 1 103 ? 1.060   3.758   -8.307  1.00 41.69  ? 103 TYR A CB  1 
ATOM   827  C CG  . TYR A 1 103 ? 1.447   5.217   -8.333  1.00 45.53  ? 103 TYR A CG  1 
ATOM   828  C CD1 . TYR A 1 103 ? 2.521   5.695   -9.073  1.00 45.19  ? 103 TYR A CD1 1 
ATOM   829  C CD2 . TYR A 1 103 ? 0.731   6.123   -7.579  1.00 43.84  ? 103 TYR A CD2 1 
ATOM   830  C CE1 . TYR A 1 103 ? 2.849   7.045   -9.066  1.00 47.59  ? 103 TYR A CE1 1 
ATOM   831  C CE2 . TYR A 1 103 ? 1.042   7.466   -7.564  1.00 45.57  ? 103 TYR A CE2 1 
ATOM   832  C CZ  . TYR A 1 103 ? 2.105   7.928   -8.304  1.00 44.67  ? 103 TYR A CZ  1 
ATOM   833  O OH  . TYR A 1 103 ? 2.325   9.270   -8.246  1.00 53.39  ? 103 TYR A OH  1 
ATOM   834  N N   . LEU A 1 104 ? 1.010   1.169   -5.826  1.00 39.99  ? 104 LEU A N   1 
ATOM   835  C CA  . LEU A 1 104 ? 0.368   -0.140  -5.487  1.00 35.93  ? 104 LEU A CA  1 
ATOM   836  C C   . LEU A 1 104 ? -1.114  0.121   -5.241  1.00 40.53  ? 104 LEU A C   1 
ATOM   837  O O   . LEU A 1 104 ? -1.430  0.965   -4.394  1.00 37.48  ? 104 LEU A O   1 
ATOM   838  C CB  . LEU A 1 104 ? 1.056   -0.780  -4.280  1.00 35.74  ? 104 LEU A CB  1 
ATOM   839  C CG  . LEU A 1 104 ? 2.569   -0.957  -4.394  1.00 35.66  ? 104 LEU A CG  1 
ATOM   840  C CD1 . LEU A 1 104 ? 3.184   -1.500  -3.133  1.00 39.86  ? 104 LEU A CD1 1 
ATOM   841  C CD2 . LEU A 1 104 ? 2.933   -1.844  -5.568  1.00 39.83  ? 104 LEU A CD2 1 
ATOM   842  N N   . VAL A 1 105 ? -1.997  -0.524  -6.007  1.00 35.94  ? 105 VAL A N   1 
ATOM   843  C CA  . VAL A 1 105 ? -3.453  -0.212  -5.970  1.00 34.70  ? 105 VAL A CA  1 
ATOM   844  C C   . VAL A 1 105 ? -4.171  -1.376  -5.290  1.00 37.24  ? 105 VAL A C   1 
ATOM   845  O O   . VAL A 1 105 ? -3.816  -2.545  -5.570  1.00 38.11  ? 105 VAL A O   1 
ATOM   846  C CB  . VAL A 1 105 ? -4.033  0.097   -7.357  1.00 40.18  ? 105 VAL A CB  1 
ATOM   847  C CG1 . VAL A 1 105 ? -5.484  0.525   -7.252  1.00 42.15  ? 105 VAL A CG1 1 
ATOM   848  C CG2 . VAL A 1 105 ? -3.232  1.157   -8.058  1.00 39.48  ? 105 VAL A CG2 1 
ATOM   849  N N   . PHE A 1 106 ? -5.029  -1.067  -4.318  1.00 34.43  ? 106 PHE A N   1 
ATOM   850  C CA  . PHE A 1 106 ? -5.789  -2.062  -3.519  1.00 38.42  ? 106 PHE A CA  1 
ATOM   851  C C   . PHE A 1 106 ? -7.274  -1.675  -3.575  1.00 43.37  ? 106 PHE A C   1 
ATOM   852  O O   . PHE A 1 106 ? -7.604  -0.486  -3.440  1.00 40.33  ? 106 PHE A O   1 
ATOM   853  C CB  . PHE A 1 106 ? -5.250  -2.129  -2.082  1.00 35.25  ? 106 PHE A CB  1 
ATOM   854  C CG  . PHE A 1 106 ? -3.781  -2.393  -1.957  1.00 35.95  ? 106 PHE A CG  1 
ATOM   855  C CD1 . PHE A 1 106 ? -2.849  -1.380  -2.114  1.00 37.30  ? 106 PHE A CD1 1 
ATOM   856  C CD2 . PHE A 1 106 ? -3.316  -3.668  -1.683  1.00 40.76  ? 106 PHE A CD2 1 
ATOM   857  C CE1 . PHE A 1 106 ? -1.487  -1.638  -2.030  1.00 35.18  ? 106 PHE A CE1 1 
ATOM   858  C CE2 . PHE A 1 106 ? -1.959  -3.920  -1.557  1.00 40.07  ? 106 PHE A CE2 1 
ATOM   859  C CZ  . PHE A 1 106 ? -1.039  -2.908  -1.745  1.00 40.85  ? 106 PHE A CZ  1 
ATOM   860  N N   . GLY A 1 107 ? -8.147  -2.652  -3.796  1.00 45.05  ? 107 GLY A N   1 
ATOM   861  C CA  . GLY A 1 107 ? -9.601  -2.440  -3.877  1.00 44.67  ? 107 GLY A CA  1 
ATOM   862  C C   . GLY A 1 107 ? -10.305 -2.822  -2.583  1.00 50.16  ? 107 GLY A C   1 
ATOM   863  O O   . GLY A 1 107 ? -9.642  -3.284  -1.662  1.00 46.53  ? 107 GLY A O   1 
ATOM   864  N N   . LYS A 1 108 ? -11.625 -2.623  -2.561  1.00 58.27  ? 108 LYS A N   1 
ATOM   865  C CA  . LYS A 1 108 ? -12.591 -2.919  -1.469  1.00 63.29  ? 108 LYS A CA  1 
ATOM   866  C C   . LYS A 1 108 ? -12.444 -4.380  -1.030  1.00 59.61  ? 108 LYS A C   1 
ATOM   867  O O   . LYS A 1 108 ? -12.250 -5.265  -1.900  1.00 55.44  ? 108 LYS A O   1 
ATOM   868  C CB  . LYS A 1 108 ? -14.001 -2.632  -1.999  1.00 71.71  ? 108 LYS A CB  1 
ATOM   869  C CG  . LYS A 1 108 ? -15.041 -2.247  -0.958  1.00 79.40  ? 108 LYS A CG  1 
ATOM   870  C CD  . LYS A 1 108 ? -16.478 -2.227  -1.487  1.00 86.82  ? 108 LYS A CD  1 
ATOM   871  C CE  . LYS A 1 108 ? -16.605 -2.111  -2.998  1.00 85.34  ? 108 LYS A CE  1 
ATOM   872  N NZ  . LYS A 1 108 ? -16.138 -0.806  -3.529  1.00 78.41  ? 108 LYS A NZ  1 
ATOM   873  N N   . GLU A 1 109 ? -12.493 -4.604  0.279   1.00 66.23  ? 109 GLU A N   1 
ATOM   874  C CA  . GLU A 1 109 ? -12.367 -5.932  0.938   1.00 71.70  ? 109 GLU A CA  1 
ATOM   875  C C   . GLU A 1 109 ? -13.375 -6.922  0.330   1.00 72.02  ? 109 GLU A C   1 
ATOM   876  O O   . GLU A 1 109 ? -12.984 -8.065  0.070   1.00 74.23  ? 109 GLU A O   1 
ATOM   877  C CB  . GLU A 1 109 ? -12.575 -5.767  2.449   1.00 74.30  ? 109 GLU A CB  1 
ATOM   878  N N   . SER A 1 110 ? -14.618 -6.491  0.101   1.00 65.56  ? 110 SER A N   1 
ATOM   879  C CA  . SER A 1 110 ? -15.694 -7.309  -0.518  1.00 69.86  ? 110 SER A CA  1 
ATOM   880  C C   . SER A 1 110 ? -15.235 -7.818  -1.886  1.00 65.54  ? 110 SER A C   1 
ATOM   881  O O   . SER A 1 110 ? -14.951 -9.009  -1.981  1.00 68.58  ? 110 SER A O   1 
ATOM   882  C CB  . SER A 1 110 ? -17.016 -6.569  -0.602  1.00 67.17  ? 110 SER A CB  1 
ATOM   883  O OG  . SER A 1 110 ? -17.026 -5.595  -1.634  1.00 72.07  ? 110 SER A OG  1 
ATOM   884  N N   . THR A 1 111 ? -15.114 -6.947  -2.890  1.00 68.27  ? 111 THR A N   1 
ATOM   885  C CA  . THR A 1 111 ? -15.064 -7.363  -4.317  1.00 64.21  ? 111 THR A CA  1 
ATOM   886  C C   . THR A 1 111 ? -13.872 -6.786  -5.086  1.00 63.96  ? 111 THR A C   1 
ATOM   887  O O   . THR A 1 111 ? -13.980 -6.709  -6.311  1.00 66.98  ? 111 THR A O   1 
ATOM   888  C CB  . THR A 1 111 ? -16.332 -6.897  -5.026  1.00 69.61  ? 111 THR A CB  1 
ATOM   889  O OG1 . THR A 1 111 ? -16.383 -5.496  -4.758  1.00 63.89  ? 111 THR A OG1 1 
ATOM   890  C CG2 . THR A 1 111 ? -17.576 -7.637  -4.575  1.00 69.88  ? 111 THR A CG2 1 
ATOM   891  N N   . GLY A 1 112 ? -12.792 -6.366  -4.432  1.00 59.22  ? 112 GLY A N   1 
ATOM   892  C CA  . GLY A 1 112 ? -11.573 -5.925  -5.143  1.00 54.55  ? 112 GLY A CA  1 
ATOM   893  C C   . GLY A 1 112 ? -11.789 -4.678  -5.993  1.00 51.59  ? 112 GLY A C   1 
ATOM   894  O O   . GLY A 1 112 ? -12.673 -3.862  -5.654  1.00 55.99  ? 112 GLY A O   1 
ATOM   895  N N   . ILE A 1 113 ? -10.943 -4.513  -7.015  1.00 51.97  ? 113 ILE A N   1 
ATOM   896  C CA  . ILE A 1 113 ? -10.816 -3.321  -7.910  1.00 55.38  ? 113 ILE A CA  1 
ATOM   897  C C   . ILE A 1 113 ? -11.758 -3.503  -9.116  1.00 54.14  ? 113 ILE A C   1 
ATOM   898  O O   . ILE A 1 113 ? -11.867 -4.641  -9.624  1.00 56.04  ? 113 ILE A O   1 
ATOM   899  C CB  . ILE A 1 113 ? -9.339  -3.169  -8.350  1.00 52.19  ? 113 ILE A CB  1 
ATOM   900  C CG1 . ILE A 1 113 ? -8.404  -2.930  -7.159  1.00 49.59  ? 113 ILE A CG1 1 
ATOM   901  C CG2 . ILE A 1 113 ? -9.178  -2.093  -9.420  1.00 56.33  ? 113 ILE A CG2 1 
ATOM   902  C CD1 . ILE A 1 113 ? -6.923  -2.983  -7.496  1.00 48.63  ? 113 ILE A CD1 1 
ATOM   903  N N   . ALA A 1 114 ? -12.373 -2.424  -9.599  1.00 54.17  ? 114 ALA A N   1 
ATOM   904  C CA  . ALA A 1 114 ? -13.260 -2.436  -10.787 1.00 57.23  ? 114 ALA A CA  1 
ATOM   905  C C   . ALA A 1 114 ? -12.593 -3.185  -11.946 1.00 52.94  ? 114 ALA A C   1 
ATOM   906  O O   . ALA A 1 114 ? -11.437 -2.867  -12.260 1.00 56.74  ? 114 ALA A O   1 
ATOM   907  C CB  . ALA A 1 114 ? -13.588 -1.026  -11.176 1.00 56.15  ? 114 ALA A CB  1 
ATOM   908  N N   . LYS A 1 115 ? -13.335 -4.088  -12.609 1.00 63.36  ? 115 LYS A N   1 
ATOM   909  C CA  . LYS A 1 115 ? -12.848 -4.978  -13.710 1.00 61.49  ? 115 LYS A CA  1 
ATOM   910  C C   . LYS A 1 115 ? -12.242 -4.152  -14.843 1.00 56.86  ? 115 LYS A C   1 
ATOM   911  O O   . LYS A 1 115 ? -11.176 -4.500  -15.338 1.00 59.44  ? 115 LYS A O   1 
ATOM   912  C CB  . LYS A 1 115 ? -13.962 -5.903  -14.224 1.00 66.83  ? 115 LYS A CB  1 
ATOM   913  N N   . PRO A 1 116 ? -12.852 -3.022  -15.281 1.00 55.97  ? 116 PRO A N   1 
ATOM   914  C CA  . PRO A 1 116 ? -12.263 -2.213  -16.350 1.00 53.97  ? 116 PRO A CA  1 
ATOM   915  C C   . PRO A 1 116 ? -10.851 -1.700  -16.035 1.00 58.71  ? 116 PRO A C   1 
ATOM   916  O O   . PRO A 1 116 ? -10.082 -1.518  -16.942 1.00 59.83  ? 116 PRO A O   1 
ATOM   917  C CB  . PRO A 1 116 ? -13.243 -1.047  -16.523 1.00 54.61  ? 116 PRO A CB  1 
ATOM   918  C CG  . PRO A 1 116 ? -14.551 -1.590  -15.997 1.00 51.30  ? 116 PRO A CG  1 
ATOM   919  C CD  . PRO A 1 116 ? -14.166 -2.518  -14.854 1.00 50.37  ? 116 PRO A CD  1 
ATOM   920  N N   . ILE A 1 117 ? -10.521 -1.495  -14.760 1.00 61.61  ? 117 ILE A N   1 
ATOM   921  C CA  . ILE A 1 117 ? -9.159  -1.038  -14.349 1.00 52.32  ? 117 ILE A CA  1 
ATOM   922  C C   . ILE A 1 117 ? -8.166  -2.203  -14.474 1.00 48.87  ? 117 ILE A C   1 
ATOM   923  O O   . ILE A 1 117 ? -7.021  -2.008  -14.991 1.00 51.56  ? 117 ILE A O   1 
ATOM   924  C CB  . ILE A 1 117 ? -9.190  -0.468  -12.918 1.00 60.47  ? 117 ILE A CB  1 
ATOM   925  C CG1 . ILE A 1 117 ? -10.141 0.732   -12.811 1.00 58.69  ? 117 ILE A CG1 1 
ATOM   926  C CG2 . ILE A 1 117 ? -7.767  -0.151  -12.464 1.00 55.91  ? 117 ILE A CG2 1 
ATOM   927  C CD1 . ILE A 1 117 ? -10.466 1.170   -11.382 1.00 58.13  ? 117 ILE A CD1 1 
ATOM   928  N N   . LEU A 1 118 ? -8.571  -3.384  -14.006 1.00 49.64  ? 118 LEU A N   1 
ATOM   929  C CA  . LEU A 1 118 ? -7.705  -4.588  -14.066 1.00 53.39  ? 118 LEU A CA  1 
ATOM   930  C C   . LEU A 1 118 ? -7.379  -4.911  -15.536 1.00 52.69  ? 118 LEU A C   1 
ATOM   931  O O   . LEU A 1 118 ? -6.145  -5.050  -15.873 1.00 53.59  ? 118 LEU A O   1 
ATOM   932  C CB  . LEU A 1 118 ? -8.411  -5.723  -13.318 1.00 52.18  ? 118 LEU A CB  1 
ATOM   933  C CG  . LEU A 1 118 ? -8.566  -5.530  -11.808 1.00 54.83  ? 118 LEU A CG  1 
ATOM   934  C CD1 . LEU A 1 118 ? -9.410  -6.636  -11.201 1.00 53.00  ? 118 LEU A CD1 1 
ATOM   935  C CD2 . LEU A 1 118 ? -7.220  -5.470  -11.108 1.00 54.47  ? 118 LEU A CD2 1 
ATOM   936  N N   . LYS A 1 119 ? -8.412  -4.961  -16.388 1.00 55.17  ? 119 LYS A N   1 
ATOM   937  C CA  . LYS A 1 119 ? -8.283  -5.148  -17.856 1.00 57.53  ? 119 LYS A CA  1 
ATOM   938  C C   . LYS A 1 119 ? -7.274  -4.127  -18.378 1.00 57.12  ? 119 LYS A C   1 
ATOM   939  O O   . LYS A 1 119 ? -6.270  -4.546  -18.963 1.00 55.95  ? 119 LYS A O   1 
ATOM   940  C CB  . LYS A 1 119 ? -9.637  -4.989  -18.561 1.00 61.86  ? 119 LYS A CB  1 
ATOM   941  N N   . GLU A 1 120 ? -7.490  -2.834  -18.121 1.00 60.41  ? 120 GLU A N   1 
ATOM   942  C CA  . GLU A 1 120 ? -6.566  -1.765  -18.601 1.00 61.99  ? 120 GLU A CA  1 
ATOM   943  C C   . GLU A 1 120 ? -5.134  -2.070  -18.139 1.00 62.64  ? 120 GLU A C   1 
ATOM   944  O O   . GLU A 1 120 ? -4.228  -1.780  -18.906 1.00 64.46  ? 120 GLU A O   1 
ATOM   945  C CB  . GLU A 1 120 ? -6.997  -0.367  -18.142 1.00 55.76  ? 120 GLU A CB  1 
ATOM   946  N N   . HIS A 1 121 ? -4.925  -2.621  -16.935 1.00 64.12  ? 121 HIS A N   1 
ATOM   947  C CA  . HIS A 1 121 ? -3.573  -2.756  -16.324 1.00 58.48  ? 121 HIS A CA  1 
ATOM   948  C C   . HIS A 1 121 ? -3.221  -4.224  -16.107 1.00 59.12  ? 121 HIS A C   1 
ATOM   949  O O   . HIS A 1 121 ? -2.380  -4.507  -15.231 1.00 50.46  ? 121 HIS A O   1 
ATOM   950  C CB  . HIS A 1 121 ? -3.497  -1.972  -15.013 1.00 60.80  ? 121 HIS A CB  1 
ATOM   951  C CG  . HIS A 1 121 ? -3.737  -0.521  -15.207 1.00 57.10  ? 121 HIS A CG  1 
ATOM   952  N ND1 . HIS A 1 121 ? -2.720  0.345   -15.567 1.00 53.06  ? 121 HIS A ND1 1 
ATOM   953  C CD2 . HIS A 1 121 ? -4.870  0.206   -15.121 1.00 55.57  ? 121 HIS A CD2 1 
ATOM   954  C CE1 . HIS A 1 121 ? -3.220  1.557   -15.685 1.00 55.33  ? 121 HIS A CE1 1 
ATOM   955  N NE2 . HIS A 1 121 ? -4.540  1.497   -15.412 1.00 58.07  ? 121 HIS A NE2 1 
ATOM   956  N N   . TYR A 1 122 ? -3.781  -5.127  -16.909 1.00 53.57  ? 122 TYR A N   1 
ATOM   957  C CA  . TYR A 1 122 ? -3.601  -6.576  -16.668 1.00 54.67  ? 122 TYR A CA  1 
ATOM   958  C C   . TYR A 1 122 ? -2.110  -6.951  -16.584 1.00 54.66  ? 122 TYR A C   1 
ATOM   959  O O   . TYR A 1 122 ? -1.787  -7.871  -15.792 1.00 54.15  ? 122 TYR A O   1 
ATOM   960  C CB  . TYR A 1 122 ? -4.391  -7.447  -17.652 1.00 62.29  ? 122 TYR A CB  1 
ATOM   961  C CG  . TYR A 1 122 ? -4.509  -8.828  -17.071 1.00 65.82  ? 122 TYR A CG  1 
ATOM   962  C CD1 . TYR A 1 122 ? -5.150  -8.987  -15.854 1.00 74.26  ? 122 TYR A CD1 1 
ATOM   963  C CD2 . TYR A 1 122 ? -3.844  -9.919  -17.603 1.00 60.02  ? 122 TYR A CD2 1 
ATOM   964  C CE1 . TYR A 1 122 ? -5.215  -10.212 -15.218 1.00 80.58  ? 122 TYR A CE1 1 
ATOM   965  C CE2 . TYR A 1 122 ? -3.902  -11.159 -16.983 1.00 72.06  ? 122 TYR A CE2 1 
ATOM   966  C CZ  . TYR A 1 122 ? -4.595  -11.307 -15.786 1.00 79.68  ? 122 TYR A CZ  1 
ATOM   967  O OH  . TYR A 1 122 ? -4.702  -12.489 -15.107 1.00 71.68  ? 122 TYR A OH  1 
ATOM   968  N N   . ASN A 1 123 ? -1.207  -6.289  -17.317 1.00 49.07  ? 123 ASN A N   1 
ATOM   969  C CA  . ASN A 1 123 ? 0.228   -6.680  -17.347 1.00 55.32  ? 123 ASN A CA  1 
ATOM   970  C C   . ASN A 1 123 ? 0.959   -6.417  -16.023 1.00 51.10  ? 123 ASN A C   1 
ATOM   971  O O   . ASN A 1 123 ? 2.055   -6.972  -15.840 1.00 52.74  ? 123 ASN A O   1 
ATOM   972  C CB  . ASN A 1 123 ? 0.985   -5.955  -18.451 1.00 64.52  ? 123 ASN A CB  1 
ATOM   973  C CG  . ASN A 1 123 ? 0.855   -6.696  -19.757 1.00 74.65  ? 123 ASN A CG  1 
ATOM   974  O OD1 . ASN A 1 123 ? 0.994   -7.919  -19.789 1.00 73.36  ? 123 ASN A OD1 1 
ATOM   975  N ND2 . ASN A 1 123 ? 0.558   -5.966  -20.817 1.00 83.19  ? 123 ASN A ND2 1 
ATOM   976  N N   . THR A 1 124 ? 0.442   -5.543  -15.165 1.00 50.33  ? 124 THR A N   1 
ATOM   977  C CA  . THR A 1 124 ? 1.102   -5.205  -13.880 1.00 49.47  ? 124 THR A CA  1 
ATOM   978  C C   . THR A 1 124 ? 0.148   -5.528  -12.719 1.00 51.40  ? 124 THR A C   1 
ATOM   979  O O   . THR A 1 124 ? 0.256   -4.879  -11.677 1.00 48.08  ? 124 THR A O   1 
ATOM   980  C CB  . THR A 1 124 ? 1.576   -3.752  -13.928 1.00 47.60  ? 124 THR A CB  1 
ATOM   981  O OG1 . THR A 1 124 ? 0.464   -2.947  -14.321 1.00 47.46  ? 124 THR A OG1 1 
ATOM   982  C CG2 . THR A 1 124 ? 2.742   -3.573  -14.874 1.00 48.59  ? 124 THR A CG2 1 
ATOM   983  N N   . THR A 1 125 ? -0.735  -6.511  -12.885 1.00 47.35  ? 125 THR A N   1 
ATOM   984  C CA  . THR A 1 125 ? -1.547  -7.060  -11.782 1.00 47.00  ? 125 THR A CA  1 
ATOM   985  C C   . THR A 1 125 ? -0.722  -8.125  -11.080 1.00 46.50  ? 125 THR A C   1 
ATOM   986  O O   . THR A 1 125 ? 0.038   -8.848  -11.741 1.00 44.16  ? 125 THR A O   1 
ATOM   987  C CB  . THR A 1 125 ? -2.889  -7.602  -12.264 1.00 49.82  ? 125 THR A CB  1 
ATOM   988  O OG1 . THR A 1 125 ? -2.608  -8.702  -13.130 1.00 57.38  ? 125 THR A OG1 1 
ATOM   989  C CG2 . THR A 1 125 ? -3.694  -6.514  -12.932 1.00 47.11  ? 125 THR A CG2 1 
ATOM   990  N N   . PHE A 1 126 ? -0.813  -8.152  -9.761  1.00 38.20  ? 126 PHE A N   1 
ATOM   991  C CA  . PHE A 1 126 ? -0.062  -9.104  -8.930  1.00 39.74  ? 126 PHE A CA  1 
ATOM   992  C C   . PHE A 1 126 ? -1.064  -9.781  -7.996  1.00 35.34  ? 126 PHE A C   1 
ATOM   993  O O   . PHE A 1 126 ? -2.172  -9.273  -7.784  1.00 39.04  ? 126 PHE A O   1 
ATOM   994  C CB  . PHE A 1 126 ? 1.069   -8.401  -8.194  1.00 41.01  ? 126 PHE A CB  1 
ATOM   995  C CG  . PHE A 1 126 ? 0.624   -7.403  -7.143  1.00 38.61  ? 126 PHE A CG  1 
ATOM   996  C CD1 . PHE A 1 126 ? 0.485   -6.059  -7.450  1.00 38.58  ? 126 PHE A CD1 1 
ATOM   997  C CD2 . PHE A 1 126 ? 0.435   -7.798  -5.830  1.00 39.06  ? 126 PHE A CD2 1 
ATOM   998  C CE1 . PHE A 1 126 ? 0.112   -5.136  -6.479  1.00 37.09  ? 126 PHE A CE1 1 
ATOM   999  C CE2 . PHE A 1 126 ? 0.079   -6.875  -4.853  1.00 41.17  ? 126 PHE A CE2 1 
ATOM   1000 C CZ  . PHE A 1 126 ? -0.105  -5.550  -5.184  1.00 37.92  ? 126 PHE A CZ  1 
ATOM   1001 N N   . ARG A 1 127 ? -0.665  -10.920 -7.467  1.00 39.84  ? 127 ARG A N   1 
ATOM   1002 C CA  . ARG A 1 127 ? -1.463  -11.631 -6.437  1.00 42.87  ? 127 ARG A CA  1 
ATOM   1003 C C   . ARG A 1 127 ? -0.562  -11.863 -5.242  1.00 39.25  ? 127 ARG A C   1 
ATOM   1004 O O   . ARG A 1 127 ? 0.662   -11.779 -5.395  1.00 41.30  ? 127 ARG A O   1 
ATOM   1005 C CB  . ARG A 1 127 ? -1.997  -12.965 -6.975  1.00 45.80  ? 127 ARG A CB  1 
ATOM   1006 C CG  . ARG A 1 127 ? -0.931  -14.014 -7.263  1.00 45.85  ? 127 ARG A CG  1 
ATOM   1007 C CD  . ARG A 1 127 ? -1.558  -15.391 -7.513  1.00 53.22  ? 127 ARG A CD  1 
ATOM   1008 N NE  . ARG A 1 127 ? -2.439  -15.293 -8.660  1.00 59.00  ? 127 ARG A NE  1 
ATOM   1009 C CZ  . ARG A 1 127 ? -3.522  -16.012 -8.868  1.00 56.75  ? 127 ARG A CZ  1 
ATOM   1010 N NH1 . ARG A 1 127 ? -3.863  -16.962 -8.024  1.00 64.39  ? 127 ARG A NH1 1 
ATOM   1011 N NH2 . ARG A 1 127 ? -4.258  -15.789 -9.937  1.00 59.50  ? 127 ARG A NH2 1 
ATOM   1012 N N   . ILE A 1 128 ? -1.165  -12.175 -4.108  1.00 41.91  ? 128 ILE A N   1 
ATOM   1013 C CA  . ILE A 1 128 ? -0.466  -12.665 -2.890  1.00 44.12  ? 128 ILE A CA  1 
ATOM   1014 C C   . ILE A 1 128 ? -0.759  -14.157 -2.867  1.00 44.66  ? 128 ILE A C   1 
ATOM   1015 O O   . ILE A 1 128 ? -1.919  -14.531 -2.709  1.00 42.12  ? 128 ILE A O   1 
ATOM   1016 C CB  . ILE A 1 128 ? -0.985  -11.970 -1.606  1.00 48.17  ? 128 ILE A CB  1 
ATOM   1017 C CG1 . ILE A 1 128 ? -1.157  -10.454 -1.779  1.00 52.57  ? 128 ILE A CG1 1 
ATOM   1018 C CG2 . ILE A 1 128 ? -0.114  -12.315 -0.405  1.00 47.00  ? 128 ILE A CG2 1 
ATOM   1019 C CD1 . ILE A 1 128 ? 0.089   -9.650  -1.575  1.00 49.59  ? 128 ILE A CD1 1 
ATOM   1020 N N   . PRO A 1 129 ? 0.243   -15.040 -3.069  1.00 42.33  ? 129 PRO A N   1 
ATOM   1021 C CA  . PRO A 1 129 ? -0.016  -16.483 -3.027  1.00 40.44  ? 129 PRO A CA  1 
ATOM   1022 C C   . PRO A 1 129 ? -0.673  -16.941 -1.721  1.00 40.40  ? 129 PRO A C   1 
ATOM   1023 O O   . PRO A 1 129 ? -0.208  -16.593 -0.642  1.00 40.47  ? 129 PRO A O   1 
ATOM   1024 C CB  . PRO A 1 129 ? 1.385   -17.094 -3.176  1.00 44.89  ? 129 PRO A CB  1 
ATOM   1025 C CG  . PRO A 1 129 ? 2.163   -16.042 -3.994  1.00 44.27  ? 129 PRO A CG  1 
ATOM   1026 C CD  . PRO A 1 129 ? 1.630   -14.722 -3.456  1.00 43.60  ? 129 PRO A CD  1 
ATOM   1027 N N   . MET A 1 130 ? -1.709  -17.774 -1.846  1.00 40.05  ? 130 MET A N   1 
ATOM   1028 C CA  . MET A 1 130 ? -2.403  -18.430 -0.716  1.00 39.54  ? 130 MET A CA  1 
ATOM   1029 C C   . MET A 1 130 ? -2.703  -19.891 -1.080  1.00 42.78  ? 130 MET A C   1 
ATOM   1030 O O   . MET A 1 130 ? -2.627  -20.261 -2.263  1.00 34.82  ? 130 MET A O   1 
ATOM   1031 C CB  . MET A 1 130 ? -3.713  -17.698 -0.440  1.00 40.10  ? 130 MET A CB  1 
ATOM   1032 C CG  . MET A 1 130 ? -3.521  -16.205 -0.219  1.00 43.63  ? 130 MET A CG  1 
ATOM   1033 S SD  . MET A 1 130 ? -5.067  -15.460 0.240   1.00 44.94  ? 130 MET A SD  1 
ATOM   1034 C CE  . MET A 1 130 ? -5.773  -15.336 -1.398  1.00 50.46  ? 130 MET A CE  1 
ATOM   1035 N N   . ILE A 1 131 ? -3.129  -20.665 -0.096  1.00 42.39  ? 131 ILE A N   1 
ATOM   1036 C CA  . ILE A 1 131 ? -3.347  -22.126 -0.271  1.00 45.48  ? 131 ILE A CA  1 
ATOM   1037 C C   . ILE A 1 131 ? -4.467  -22.345 -1.315  1.00 44.66  ? 131 ILE A C   1 
ATOM   1038 O O   . ILE A 1 131 ? -4.305  -23.209 -2.152  1.00 44.69  ? 131 ILE A O   1 
ATOM   1039 C CB  . ILE A 1 131 ? -3.590  -22.764 1.106   1.00 47.46  ? 131 ILE A CB  1 
ATOM   1040 C CG1 . ILE A 1 131 ? -3.359  -24.271 1.055   1.00 57.98  ? 131 ILE A CG1 1 
ATOM   1041 C CG2 . ILE A 1 131 ? -4.956  -22.403 1.642   1.00 50.41  ? 131 ILE A CG2 1 
ATOM   1042 C CD1 . ILE A 1 131 ? -1.916  -24.627 0.763   1.00 59.47  ? 131 ILE A CD1 1 
ATOM   1043 N N   . SER A 1 132 ? -5.527  -21.533 -1.342  1.00 44.66  ? 132 SER A N   1 
ATOM   1044 C CA  . SER A 1 132 ? -6.611  -21.654 -2.347  1.00 49.53  ? 132 SER A CA  1 
ATOM   1045 C C   . SER A 1 132 ? -7.372  -20.340 -2.500  1.00 57.73  ? 132 SER A C   1 
ATOM   1046 O O   . SER A 1 132 ? -7.130  -19.411 -1.683  1.00 47.97  ? 132 SER A O   1 
ATOM   1047 C CB  . SER A 1 132 ? -7.568  -22.744 -1.979  1.00 51.92  ? 132 SER A CB  1 
ATOM   1048 O OG  . SER A 1 132 ? -8.534  -22.277 -1.062  1.00 47.91  ? 132 SER A OG  1 
ATOM   1049 N N   . GLU A 1 133 ? -8.346  -20.351 -3.422  1.00 54.56  ? 133 GLU A N   1 
ATOM   1050 C CA  . GLU A 1 133 ? -9.190  -19.205 -3.837  1.00 51.72  ? 133 GLU A CA  1 
ATOM   1051 C C   . GLU A 1 133 ? -10.297 -18.969 -2.813  1.00 49.51  ? 133 GLU A C   1 
ATOM   1052 O O   . GLU A 1 133 ? -10.786 -17.864 -2.756  1.00 59.58  ? 133 GLU A O   1 
ATOM   1053 C CB  . GLU A 1 133 ? -9.774  -19.483 -5.225  1.00 64.01  ? 133 GLU A CB  1 
ATOM   1054 N N   . THR A 1 134 ? -10.669 -19.936 -1.985  1.00 50.52  ? 134 THR A N   1 
ATOM   1055 C CA  . THR A 1 134 ? -11.621 -19.634 -0.892  1.00 55.59  ? 134 THR A CA  1 
ATOM   1056 C C   . THR A 1 134 ? -10.891 -18.852 0.206   1.00 57.56  ? 134 THR A C   1 
ATOM   1057 O O   . THR A 1 134 ? -11.564 -18.477 1.177   1.00 56.90  ? 134 THR A O   1 
ATOM   1058 C CB  . THR A 1 134 ? -12.267 -20.875 -0.251  1.00 57.02  ? 134 THR A CB  1 
ATOM   1059 O OG1 . THR A 1 134 ? -11.231 -21.761 0.170   1.00 55.76  ? 134 THR A OG1 1 
ATOM   1060 C CG2 . THR A 1 134 ? -13.223 -21.586 -1.180  1.00 61.92  ? 134 THR A CG2 1 
ATOM   1061 N N   . ARG A 1 135 ? -9.572  -18.677 0.127   1.00 51.01  ? 135 ARG A N   1 
ATOM   1062 C CA  . ARG A 1 135 ? -8.810  -18.030 1.235   1.00 49.06  ? 135 ARG A CA  1 
ATOM   1063 C C   . ARG A 1 135 ? -8.692  -16.526 0.972   1.00 44.68  ? 135 ARG A C   1 
ATOM   1064 O O   . ARG A 1 135 ? -8.724  -16.079 -0.180  1.00 44.53  ? 135 ARG A O   1 
ATOM   1065 C CB  . ARG A 1 135 ? -7.411  -18.634 1.384   1.00 55.37  ? 135 ARG A CB  1 
ATOM   1066 C CG  . ARG A 1 135 ? -7.334  -19.759 2.399   1.00 65.41  ? 135 ARG A CG  1 
ATOM   1067 C CD  . ARG A 1 135 ? -8.266  -20.915 2.103   1.00 73.69  ? 135 ARG A CD  1 
ATOM   1068 N NE  . ARG A 1 135 ? -9.080  -21.193 3.279   1.00 77.47  ? 135 ARG A NE  1 
ATOM   1069 C CZ  . ARG A 1 135 ? -9.104  -22.345 3.945   1.00 79.61  ? 135 ARG A CZ  1 
ATOM   1070 N NH1 . ARG A 1 135 ? -9.869  -22.447 5.026   1.00 67.04  ? 135 ARG A NH1 1 
ATOM   1071 N NH2 . ARG A 1 135 ? -8.360  -23.372 3.536   1.00 72.63  ? 135 ARG A NH2 1 
ATOM   1072 N N   . SER A 1 136 ? -8.482  -15.749 2.016   1.00 42.18  ? 136 SER A N   1 
ATOM   1073 C CA  . SER A 1 136 ? -8.268  -14.293 1.873   1.00 46.05  ? 136 SER A CA  1 
ATOM   1074 C C   . SER A 1 136 ? -7.413  -13.778 3.028   1.00 38.79  ? 136 SER A C   1 
ATOM   1075 O O   . SER A 1 136 ? -7.396  -14.377 4.114   1.00 40.64  ? 136 SER A O   1 
ATOM   1076 C CB  . SER A 1 136 ? -9.600  -13.581 1.794   1.00 46.18  ? 136 SER A CB  1 
ATOM   1077 O OG  . SER A 1 136 ? -10.210 -13.601 3.077   1.00 55.63  ? 136 SER A OG  1 
ATOM   1078 N N   . LEU A 1 137 ? -6.771  -12.649 2.798   1.00 44.60  ? 137 LEU A N   1 
ATOM   1079 C CA  . LEU A 1 137 ? -6.057  -11.865 3.833   1.00 41.17  ? 137 LEU A CA  1 
ATOM   1080 C C   . LEU A 1 137 ? -6.815  -10.556 4.076   1.00 37.86  ? 137 LEU A C   1 
ATOM   1081 O O   . LEU A 1 137 ? -7.432  -10.029 3.162   1.00 37.16  ? 137 LEU A O   1 
ATOM   1082 C CB  . LEU A 1 137 ? -4.631  -11.606 3.332   1.00 37.26  ? 137 LEU A CB  1 
ATOM   1083 C CG  . LEU A 1 137 ? -3.752  -12.836 3.169   1.00 42.83  ? 137 LEU A CG  1 
ATOM   1084 C CD1 . LEU A 1 137 ? -2.415  -12.445 2.579   1.00 45.98  ? 137 LEU A CD1 1 
ATOM   1085 C CD2 . LEU A 1 137 ? -3.532  -13.566 4.490   1.00 40.66  ? 137 LEU A CD2 1 
ATOM   1086 N N   . ASN A 1 138 ? -6.703  -9.997  5.269   1.00 40.52  ? 138 ASN A N   1 
ATOM   1087 C CA  . ASN A 1 138 ? -7.139  -8.606  5.504   1.00 42.06  ? 138 ASN A CA  1 
ATOM   1088 C C   . ASN A 1 138 ? -6.374  -7.688  4.535   1.00 37.50  ? 138 ASN A C   1 
ATOM   1089 O O   . ASN A 1 138 ? -5.164  -7.855  4.360   1.00 31.92  ? 138 ASN A O   1 
ATOM   1090 C CB  . ASN A 1 138 ? -6.930  -8.217  6.967   1.00 53.51  ? 138 ASN A CB  1 
ATOM   1091 C CG  . ASN A 1 138 ? -7.125  -6.734  7.122   1.00 64.92  ? 138 ASN A CG  1 
ATOM   1092 O OD1 . ASN A 1 138 ? -6.152  -5.997  7.002   1.00 63.50  ? 138 ASN A OD1 1 
ATOM   1093 N ND2 . ASN A 1 138 ? -8.376  -6.299  7.229   1.00 66.45  ? 138 ASN A ND2 1 
ATOM   1094 N N   . ILE A 1 139 ? -7.073  -6.736  3.936   1.00 37.15  ? 139 ILE A N   1 
ATOM   1095 C CA  . ILE A 1 139 ? -6.522  -5.735  2.982   1.00 43.69  ? 139 ILE A CA  1 
ATOM   1096 C C   . ILE A 1 139 ? -5.320  -4.981  3.592   1.00 37.34  ? 139 ILE A C   1 
ATOM   1097 O O   . ILE A 1 139 ? -4.323  -4.787  2.879   1.00 39.94  ? 139 ILE A O   1 
ATOM   1098 C CB  . ILE A 1 139 ? -7.669  -4.819  2.496   1.00 50.81  ? 139 ILE A CB  1 
ATOM   1099 C CG1 . ILE A 1 139 ? -7.322  -4.156  1.165   1.00 64.51  ? 139 ILE A CG1 1 
ATOM   1100 C CG2 . ILE A 1 139 ? -8.104  -3.806  3.540   1.00 54.45  ? 139 ILE A CG2 1 
ATOM   1101 C CD1 . ILE A 1 139 ? -7.459  -5.121  -0.029  1.00 76.36  ? 139 ILE A CD1 1 
ATOM   1102 N N   . ALA A 1 140 ? -5.377  -4.570  4.851   1.00 38.30  ? 140 ALA A N   1 
ATOM   1103 C CA  . ALA A 1 140 ? -4.273  -3.846  5.543   1.00 40.59  ? 140 ALA A CA  1 
ATOM   1104 C C   . ALA A 1 140 ? -3.005  -4.708  5.545   1.00 39.32  ? 140 ALA A C   1 
ATOM   1105 O O   . ALA A 1 140 ? -1.909  -4.182  5.296   1.00 33.94  ? 140 ALA A O   1 
ATOM   1106 C CB  . ALA A 1 140 ? -4.645  -3.482  6.953   1.00 40.98  ? 140 ALA A CB  1 
ATOM   1107 N N   . ASN A 1 141 ? -3.148  -6.010  5.797   1.00 39.16  ? 141 ASN A N   1 
ATOM   1108 C CA  . ASN A 1 141 ? -1.981  -6.929  5.829   1.00 39.29  ? 141 ASN A CA  1 
ATOM   1109 C C   . ASN A 1 141 ? -1.398  -7.041  4.417   1.00 33.78  ? 141 ASN A C   1 
ATOM   1110 O O   . ASN A 1 141 ? -0.158  -7.111  4.312   1.00 36.13  ? 141 ASN A O   1 
ATOM   1111 C CB  . ASN A 1 141 ? -2.330  -8.261  6.489   1.00 45.82  ? 141 ASN A CB  1 
ATOM   1112 C CG  . ASN A 1 141 ? -1.101  -9.100  6.783   1.00 55.65  ? 141 ASN A CG  1 
ATOM   1113 O OD1 . ASN A 1 141 ? 0.053   -8.631  6.700   1.00 53.89  ? 141 ASN A OD1 1 
ATOM   1114 N ND2 . ASN A 1 141 ? -1.348  -10.361 7.112   1.00 56.33  ? 141 ASN A ND2 1 
ATOM   1115 N N   . THR A 1 142 ? -2.242  -7.019  3.369   1.00 34.47  ? 142 THR A N   1 
ATOM   1116 C CA  . THR A 1 142 ? -1.784  -7.100  1.958   1.00 33.95  ? 142 THR A CA  1 
ATOM   1117 C C   . THR A 1 142 ? -0.965  -5.847  1.619   1.00 37.00  ? 142 THR A C   1 
ATOM   1118 O O   . THR A 1 142 ? 0.007   -5.978  0.861   1.00 35.54  ? 142 THR A O   1 
ATOM   1119 C CB  . THR A 1 142 ? -2.919  -7.337  0.940   1.00 34.23  ? 142 THR A CB  1 
ATOM   1120 O OG1 . THR A 1 142 ? -3.859  -6.273  0.935   1.00 40.59  ? 142 THR A OG1 1 
ATOM   1121 C CG2 . THR A 1 142 ? -3.628  -8.655  1.184   1.00 34.95  ? 142 THR A CG2 1 
ATOM   1122 N N   . VAL A 1 143 ? -1.383  -4.660  2.071   1.00 34.40  ? 143 VAL A N   1 
ATOM   1123 C CA  . VAL A 1 143 ? -0.609  -3.397  1.824   1.00 34.63  ? 143 VAL A CA  1 
ATOM   1124 C C   . VAL A 1 143 ? 0.805   -3.563  2.404   1.00 32.53  ? 143 VAL A C   1 
ATOM   1125 O O   . VAL A 1 143 ? 1.819   -3.265  1.691   1.00 36.95  ? 143 VAL A O   1 
ATOM   1126 C CB  . VAL A 1 143 ? -1.352  -2.180  2.389   1.00 36.74  ? 143 VAL A CB  1 
ATOM   1127 C CG1 . VAL A 1 143 ? -0.487  -0.932  2.351   1.00 38.61  ? 143 VAL A CG1 1 
ATOM   1128 C CG2 . VAL A 1 143 ? -2.649  -1.982  1.646   1.00 39.02  ? 143 VAL A CG2 1 
ATOM   1129 N N   . GLY A 1 144 ? 0.919   -4.155  3.587   1.00 35.86  ? 144 GLY A N   1 
ATOM   1130 C CA  . GLY A 1 144 ? 2.235   -4.369  4.218   1.00 34.69  ? 144 GLY A CA  1 
ATOM   1131 C C   . GLY A 1 144 ? 3.110   -5.345  3.430   1.00 40.53  ? 144 GLY A C   1 
ATOM   1132 O O   . GLY A 1 144 ? 4.340   -5.092  3.229   1.00 38.27  ? 144 GLY A O   1 
ATOM   1133 N N   . ILE A 1 145 ? 2.543   -6.486  3.057   1.00 33.99  ? 145 ILE A N   1 
ATOM   1134 C CA  . ILE A 1 145 ? 3.294   -7.551  2.346   1.00 33.85  ? 145 ILE A CA  1 
ATOM   1135 C C   . ILE A 1 145 ? 3.773   -6.984  1.008   1.00 32.20  ? 145 ILE A C   1 
ATOM   1136 O O   . ILE A 1 145 ? 4.933   -7.159  0.635   1.00 32.04  ? 145 ILE A O   1 
ATOM   1137 C CB  . ILE A 1 145 ? 2.381   -8.779  2.166   1.00 36.57  ? 145 ILE A CB  1 
ATOM   1138 C CG1 . ILE A 1 145 ? 2.044   -9.430  3.502   1.00 36.95  ? 145 ILE A CG1 1 
ATOM   1139 C CG2 . ILE A 1 145 ? 3.014   -9.752  1.194   1.00 36.73  ? 145 ILE A CG2 1 
ATOM   1140 C CD1 . ILE A 1 145 ? 0.708   -10.145 3.479   1.00 38.47  ? 145 ILE A CD1 1 
ATOM   1141 N N   . ALA A 1 146 ? 2.915   -6.301  0.287   1.00 32.44  ? 146 ALA A N   1 
ATOM   1142 C CA  . ALA A 1 146 ? 3.290   -5.772  -1.043  1.00 32.53  ? 146 ALA A CA  1 
ATOM   1143 C C   . ALA A 1 146 ? 4.329   -4.640  -0.902  1.00 39.76  ? 146 ALA A C   1 
ATOM   1144 O O   . ALA A 1 146 ? 5.365   -4.641  -1.654  1.00 40.95  ? 146 ALA A O   1 
ATOM   1145 C CB  . ALA A 1 146 ? 2.055   -5.326  -1.745  1.00 33.42  ? 146 ALA A CB  1 
ATOM   1146 N N   . SER A 1 147 ? 4.094   -3.700  0.018   1.00 34.69  ? 147 SER A N   1 
ATOM   1147 C CA  . SER A 1 147 ? 5.020   -2.571  0.280   1.00 34.25  ? 147 SER A CA  1 
ATOM   1148 C C   . SER A 1 147 ? 6.410   -3.104  0.601   1.00 35.46  ? 147 SER A C   1 
ATOM   1149 O O   . SER A 1 147 ? 7.373   -2.550  0.071   1.00 35.44  ? 147 SER A O   1 
ATOM   1150 C CB  . SER A 1 147 ? 4.518   -1.712  1.381   1.00 35.47  ? 147 SER A CB  1 
ATOM   1151 O OG  . SER A 1 147 ? 3.336   -1.084  0.950   1.00 37.70  ? 147 SER A OG  1 
ATOM   1152 N N   . TYR A 1 148 ? 6.526   -4.067  1.504   1.00 36.08  ? 148 TYR A N   1 
ATOM   1153 C CA  . TYR A 1 148 ? 7.851   -4.500  2.016   1.00 39.15  ? 148 TYR A CA  1 
ATOM   1154 C C   . TYR A 1 148 ? 8.586   -5.343  0.962   1.00 40.46  ? 148 TYR A C   1 
ATOM   1155 O O   . TYR A 1 148 ? 9.828   -5.385  1.063   1.00 34.35  ? 148 TYR A O   1 
ATOM   1156 C CB  . TYR A 1 148 ? 7.745   -5.147  3.392   1.00 39.21  ? 148 TYR A CB  1 
ATOM   1157 C CG  . TYR A 1 148 ? 7.813   -4.156  4.523   1.00 38.61  ? 148 TYR A CG  1 
ATOM   1158 C CD1 . TYR A 1 148 ? 9.042   -3.758  5.035   1.00 40.21  ? 148 TYR A CD1 1 
ATOM   1159 C CD2 . TYR A 1 148 ? 6.660   -3.609  5.083   1.00 35.76  ? 148 TYR A CD2 1 
ATOM   1160 C CE1 . TYR A 1 148 ? 9.139   -2.815  6.060   1.00 41.51  ? 148 TYR A CE1 1 
ATOM   1161 C CE2 . TYR A 1 148 ? 6.739   -2.685  6.121   1.00 36.96  ? 148 TYR A CE2 1 
ATOM   1162 C CZ  . TYR A 1 148 ? 7.983   -2.248  6.570   1.00 35.34  ? 148 TYR A CZ  1 
ATOM   1163 O OH  . TYR A 1 148 ? 8.059   -1.397  7.607   1.00 37.65  ? 148 TYR A OH  1 
ATOM   1164 N N   . GLU A 1 149 ? 7.882   -5.917  -0.028  1.00 39.55  ? 149 GLU A N   1 
ATOM   1165 C CA  . GLU A 1 149 ? 8.539   -6.612  -1.175  1.00 44.49  ? 149 GLU A CA  1 
ATOM   1166 C C   . GLU A 1 149 ? 9.238   -5.569  -2.068  1.00 42.91  ? 149 GLU A C   1 
ATOM   1167 O O   . GLU A 1 149 ? 10.437  -5.761  -2.376  1.00 41.32  ? 149 GLU A O   1 
ATOM   1168 C CB  . GLU A 1 149 ? 7.578   -7.480  -1.993  1.00 40.90  ? 149 GLU A CB  1 
ATOM   1169 C CG  . GLU A 1 149 ? 8.235   -8.155  -3.208  1.00 44.05  ? 149 GLU A CG  1 
ATOM   1170 C CD  . GLU A 1 149 ? 9.629   -8.770  -3.069  1.00 48.89  ? 149 GLU A CD  1 
ATOM   1171 O OE1 . GLU A 1 149 ? 10.030  -9.159  -1.951  1.00 45.21  ? 149 GLU A OE1 1 
ATOM   1172 O OE2 . GLU A 1 149 ? 10.344  -8.857  -4.106  1.00 49.57  ? 149 GLU A OE2 1 
ATOM   1173 N N   . VAL A 1 150 ? 8.551   -4.486  -2.424  1.00 37.40  ? 150 VAL A N   1 
ATOM   1174 C CA  . VAL A 1 150 ? 9.167   -3.352  -3.175  1.00 38.32  ? 150 VAL A CA  1 
ATOM   1175 C C   . VAL A 1 150 ? 10.337  -2.794  -2.356  1.00 40.67  ? 150 VAL A C   1 
ATOM   1176 O O   . VAL A 1 150 ? 11.435  -2.579  -2.950  1.00 44.75  ? 150 VAL A O   1 
ATOM   1177 C CB  . VAL A 1 150 ? 8.155   -2.259  -3.547  1.00 39.22  ? 150 VAL A CB  1 
ATOM   1178 C CG1 . VAL A 1 150 ? 8.829   -1.147  -4.348  1.00 42.96  ? 150 VAL A CG1 1 
ATOM   1179 C CG2 . VAL A 1 150 ? 6.973   -2.810  -4.341  1.00 40.95  ? 150 VAL A CG2 1 
ATOM   1180 N N   . LEU A 1 151 ? 10.146  -2.596  -1.046  1.00 39.69  ? 151 LEU A N   1 
ATOM   1181 C CA  . LEU A 1 151 ? 11.185  -1.999  -0.168  1.00 38.10  ? 151 LEU A CA  1 
ATOM   1182 C C   . LEU A 1 151 ? 12.423  -2.908  -0.107  1.00 41.82  ? 151 LEU A C   1 
ATOM   1183 O O   . LEU A 1 151 ? 13.562  -2.371  -0.128  1.00 36.41  ? 151 LEU A O   1 
ATOM   1184 C CB  . LEU A 1 151 ? 10.623  -1.709  1.222   1.00 36.98  ? 151 LEU A CB  1 
ATOM   1185 C CG  . LEU A 1 151 ? 9.703   -0.493  1.314   1.00 37.27  ? 151 LEU A CG  1 
ATOM   1186 C CD1 . LEU A 1 151 ? 9.089   -0.420  2.685   1.00 36.35  ? 151 LEU A CD1 1 
ATOM   1187 C CD2 . LEU A 1 151 ? 10.435  0.809   1.006   1.00 41.11  ? 151 LEU A CD2 1 
ATOM   1188 N N   . ARG A 1 152 ? 12.236  -4.219  -0.029  1.00 36.56  ? 152 ARG A N   1 
ATOM   1189 C CA  . ARG A 1 152 ? 13.365  -5.174  -0.024  1.00 40.29  ? 152 ARG A CA  1 
ATOM   1190 C C   . ARG A 1 152 ? 14.170  -5.005  -1.321  1.00 39.23  ? 152 ARG A C   1 
ATOM   1191 O O   . ARG A 1 152 ? 15.378  -5.081  -1.237  1.00 39.20  ? 152 ARG A O   1 
ATOM   1192 C CB  . ARG A 1 152 ? 12.870  -6.611  0.123   1.00 40.75  ? 152 ARG A CB  1 
ATOM   1193 C CG  . ARG A 1 152 ? 13.978  -7.652  0.180   1.00 39.47  ? 152 ARG A CG  1 
ATOM   1194 C CD  . ARG A 1 152 ? 13.446  -9.064  0.017   1.00 39.91  ? 152 ARG A CD  1 
ATOM   1195 N NE  . ARG A 1 152 ? 12.905  -9.219  -1.323  1.00 40.13  ? 152 ARG A NE  1 
ATOM   1196 C CZ  . ARG A 1 152 ? 13.647  -9.504  -2.378  1.00 46.12  ? 152 ARG A CZ  1 
ATOM   1197 N NH1 . ARG A 1 152 ? 14.944  -9.687  -2.212  1.00 43.11  ? 152 ARG A NH1 1 
ATOM   1198 N NH2 . ARG A 1 152 ? 13.115  -9.629  -3.586  1.00 43.73  ? 152 ARG A NH2 1 
ATOM   1199 N N   . GLN A 1 153 ? 13.517  -4.822  -2.468  1.00 38.39  ? 153 GLN A N   1 
ATOM   1200 C CA  . GLN A 1 153 ? 14.200  -4.729  -3.783  1.00 42.36  ? 153 GLN A CA  1 
ATOM   1201 C C   . GLN A 1 153 ? 14.894  -3.361  -3.910  1.00 51.12  ? 153 GLN A C   1 
ATOM   1202 O O   . GLN A 1 153 ? 15.729  -3.210  -4.811  1.00 45.20  ? 153 GLN A O   1 
ATOM   1203 C CB  . GLN A 1 153 ? 13.226  -4.948  -4.937  1.00 41.62  ? 153 GLN A CB  1 
ATOM   1204 C CG  . GLN A 1 153 ? 12.758  -6.399  -5.061  1.00 44.96  ? 153 GLN A CG  1 
ATOM   1205 C CD  . GLN A 1 153 ? 11.978  -6.607  -6.338  1.00 44.27  ? 153 GLN A CD  1 
ATOM   1206 O OE1 . GLN A 1 153 ? 12.240  -5.985  -7.361  1.00 48.73  ? 153 GLN A OE1 1 
ATOM   1207 N NE2 . GLN A 1 153 ? 10.994  -7.487  -6.297  1.00 52.70  ? 153 GLN A NE2 1 
ATOM   1208 N N   . TRP A 1 154 ? 14.567  -2.406  -3.035  1.00 46.87  ? 154 TRP A N   1 
ATOM   1209 C CA  . TRP A 1 154 ? 15.183  -1.058  -2.992  1.00 45.83  ? 154 TRP A CA  1 
ATOM   1210 C C   . TRP A 1 154 ? 16.164  -0.982  -1.825  1.00 40.47  ? 154 TRP A C   1 
ATOM   1211 O O   . TRP A 1 154 ? 16.513  0.123   -1.447  1.00 55.40  ? 154 TRP A O   1 
ATOM   1212 C CB  . TRP A 1 154 ? 14.082  -0.013  -2.862  1.00 43.91  ? 154 TRP A CB  1 
ATOM   1213 C CG  . TRP A 1 154 ? 13.329  0.256   -4.119  1.00 43.48  ? 154 TRP A CG  1 
ATOM   1214 C CD1 . TRP A 1 154 ? 13.684  -0.111  -5.384  1.00 44.39  ? 154 TRP A CD1 1 
ATOM   1215 C CD2 . TRP A 1 154 ? 12.154  1.072   -4.249  1.00 38.98  ? 154 TRP A CD2 1 
ATOM   1216 N NE1 . TRP A 1 154 ? 12.811  0.424   -6.284  1.00 40.84  ? 154 TRP A NE1 1 
ATOM   1217 C CE2 . TRP A 1 154 ? 11.862  1.147   -5.619  1.00 39.78  ? 154 TRP A CE2 1 
ATOM   1218 C CE3 . TRP A 1 154 ? 11.348  1.779   -3.356  1.00 41.05  ? 154 TRP A CE3 1 
ATOM   1219 C CZ2 . TRP A 1 154 ? 10.782  1.864   -6.101  1.00 42.25  ? 154 TRP A CZ2 1 
ATOM   1220 C CZ3 . TRP A 1 154 ? 10.263  2.471   -3.832  1.00 39.08  ? 154 TRP A CZ3 1 
ATOM   1221 C CH2 . TRP A 1 154 ? 10.001  2.534   -5.187  1.00 41.95  ? 154 TRP A CH2 1 
ATOM   1222 N N   . ASP A 1 155 ? 16.520  -2.104  -1.219  1.00 45.48  ? 155 ASP A N   1 
ATOM   1223 C CA  . ASP A 1 155 ? 17.388  -2.154  -0.012  1.00 49.30  ? 155 ASP A CA  1 
ATOM   1224 C C   . ASP A 1 155 ? 16.815  -1.253  1.098   1.00 49.63  ? 155 ASP A C   1 
ATOM   1225 O O   . ASP A 1 155 ? 17.620  -0.693  1.895   1.00 47.12  ? 155 ASP A O   1 
ATOM   1226 C CB  . ASP A 1 155 ? 18.826  -1.736  -0.356  1.00 58.57  ? 155 ASP A CB  1 
ATOM   1227 C CG  . ASP A 1 155 ? 19.856  -2.122  0.699   1.00 65.15  ? 155 ASP A CG  1 
ATOM   1228 O OD1 . ASP A 1 155 ? 19.702  -3.201  1.321   1.00 66.73  ? 155 ASP A OD1 1 
ATOM   1229 O OD2 . ASP A 1 155 ? 20.802  -1.338  0.900   1.00 80.97  ? 155 ASP A OD2 1 
ATOM   1230 N N   . TYR A 1 156 ? 15.490  -1.125  1.166   1.00 44.01  ? 156 TYR A N   1 
ATOM   1231 C CA  . TYR A 1 156 ? 14.736  -0.512  2.297   1.00 40.97  ? 156 TYR A CA  1 
ATOM   1232 C C   . TYR A 1 156 ? 15.026  0.991   2.378   1.00 45.77  ? 156 TYR A C   1 
ATOM   1233 O O   . TYR A 1 156 ? 14.764  1.565   3.446   1.00 40.86  ? 156 TYR A O   1 
ATOM   1234 C CB  . TYR A 1 156 ? 15.059  -1.225  3.612   1.00 38.89  ? 156 TYR A CB  1 
ATOM   1235 C CG  . TYR A 1 156 ? 14.629  -2.667  3.661   1.00 42.47  ? 156 TYR A CG  1 
ATOM   1236 C CD1 . TYR A 1 156 ? 13.289  -3.019  3.806   1.00 41.67  ? 156 TYR A CD1 1 
ATOM   1237 C CD2 . TYR A 1 156 ? 15.558  -3.682  3.523   1.00 44.34  ? 156 TYR A CD2 1 
ATOM   1238 C CE1 . TYR A 1 156 ? 12.879  -4.346  3.817   1.00 41.68  ? 156 TYR A CE1 1 
ATOM   1239 C CE2 . TYR A 1 156 ? 15.173  -5.014  3.554   1.00 44.99  ? 156 TYR A CE2 1 
ATOM   1240 C CZ  . TYR A 1 156 ? 13.831  -5.347  3.706   1.00 44.36  ? 156 TYR A CZ  1 
ATOM   1241 O OH  . TYR A 1 156 ? 13.482  -6.667  3.721   1.00 42.35  ? 156 TYR A OH  1 
ATOM   1242 N N   . LEU A 1 157 ? 15.429  1.601   1.255   1.00 48.75  ? 157 LEU A N   1 
ATOM   1243 C CA  . LEU A 1 157 ? 15.654  3.069   1.090   1.00 45.27  ? 157 LEU A CA  1 
ATOM   1244 C C   . LEU A 1 157 ? 16.384  3.621   2.330   1.00 45.09  ? 157 LEU A C   1 
ATOM   1245 O O   . LEU A 1 157 ? 17.489  3.145   2.634   1.00 50.48  ? 157 LEU A O   1 
ATOM   1246 C CB  . LEU A 1 157 ? 14.325  3.784   0.831   1.00 46.62  ? 157 LEU A CB  1 
ATOM   1247 C CG  . LEU A 1 157 ? 13.564  3.373   -0.426  1.00 47.83  ? 157 LEU A CG  1 
ATOM   1248 C CD1 . LEU A 1 157 ? 12.258  4.126   -0.530  1.00 50.07  ? 157 LEU A CD1 1 
ATOM   1249 C CD2 . LEU A 1 157 ? 14.385  3.588   -1.686  1.00 53.81  ? 157 LEU A CD2 1 
ATOM   1250 N N   . ASP A 1 158 ? 15.785  4.557   3.048   1.00 52.47  ? 158 ASP A N   1 
ATOM   1251 C CA  . ASP A 1 158 ? 16.415  5.193   4.227   1.00 59.18  ? 158 ASP A CA  1 
ATOM   1252 C C   . ASP A 1 158 ? 15.690  4.727   5.490   1.00 58.16  ? 158 ASP A C   1 
ATOM   1253 O O   . ASP A 1 158 ? 15.740  5.453   6.475   1.00 58.79  ? 158 ASP A O   1 
ATOM   1254 C CB  . ASP A 1 158 ? 16.351  6.715   4.104   1.00 62.45  ? 158 ASP A CB  1 
ATOM   1255 C CG  . ASP A 1 158 ? 14.939  7.236   3.924   1.00 67.32  ? 158 ASP A CG  1 
ATOM   1256 O OD1 . ASP A 1 158 ? 14.012  6.404   3.771   1.00 80.17  ? 158 ASP A OD1 1 
ATOM   1257 O OD2 . ASP A 1 158 ? 14.772  8.466   3.936   1.00 79.52  ? 158 ASP A OD2 1 
ATOM   1258 N N   . LEU A 1 159 ? 15.004  3.583   5.465   1.00 46.66  ? 159 LEU A N   1 
ATOM   1259 C CA  . LEU A 1 159 ? 14.464  3.004   6.723   1.00 49.30  ? 159 LEU A CA  1 
ATOM   1260 C C   . LEU A 1 159 ? 15.636  2.482   7.558   1.00 44.00  ? 159 LEU A C   1 
ATOM   1261 O O   . LEU A 1 159 ? 16.724  2.219   7.006   1.00 47.11  ? 159 LEU A O   1 
ATOM   1262 C CB  . LEU A 1 159 ? 13.439  1.904   6.414   1.00 45.81  ? 159 LEU A CB  1 
ATOM   1263 C CG  . LEU A 1 159 ? 12.359  2.280   5.401   1.00 49.22  ? 159 LEU A CG  1 
ATOM   1264 C CD1 . LEU A 1 159 ? 11.387  1.118   5.159   1.00 52.89  ? 159 LEU A CD1 1 
ATOM   1265 C CD2 . LEU A 1 159 ? 11.596  3.514   5.827   1.00 49.87  ? 159 LEU A CD2 1 
ATOM   1266 N N   . VAL A 1 160 ? 15.420  2.276   8.851   1.00 48.95  ? 160 VAL A N   1 
ATOM   1267 C CA  . VAL A 1 160 ? 16.497  1.830   9.772   1.00 44.68  ? 160 VAL A CA  1 
ATOM   1268 C C   . VAL A 1 160 ? 16.575  0.295   9.760   1.00 47.65  ? 160 VAL A C   1 
ATOM   1269 O O   . VAL A 1 160 ? 15.778  -0.348  10.461  1.00 46.22  ? 160 VAL A O   1 
ATOM   1270 C CB  . VAL A 1 160 ? 16.277  2.406   11.181  1.00 44.58  ? 160 VAL A CB  1 
ATOM   1271 C CG1 . VAL A 1 160 ? 17.481  2.156   12.074  1.00 47.85  ? 160 VAL A CG1 1 
ATOM   1272 C CG2 . VAL A 1 160 ? 15.923  3.888   11.148  1.00 49.96  ? 160 VAL A CG2 1 
ATOM   1273 N N   . LYS A 1 161 ? 17.578  -0.254  9.067   1.00 49.25  ? 161 LYS A N   1 
ATOM   1274 C CA  . LYS A 1 161 ? 17.733  -1.706  8.773   1.00 51.01  ? 161 LYS A CA  1 
ATOM   1275 C C   . LYS A 1 161 ? 18.469  -2.464  9.887   1.00 53.08  ? 161 LYS A C   1 
ATOM   1276 O O   . LYS A 1 161 ? 18.209  -3.691  10.049  1.00 46.14  ? 161 LYS A O   1 
ATOM   1277 C CB  . LYS A 1 161 ? 18.512  -1.884  7.473   1.00 56.95  ? 161 LYS A CB  1 
ATOM   1278 C CG  . LYS A 1 161 ? 17.783  -1.405  6.242   1.00 61.59  ? 161 LYS A CG  1 
ATOM   1279 C CD  . LYS A 1 161 ? 18.653  -1.448  5.016   1.00 67.88  ? 161 LYS A CD  1 
ATOM   1280 C CE  . LYS A 1 161 ? 19.554  -0.234  4.937   1.00 82.27  ? 161 LYS A CE  1 
ATOM   1281 N NZ  . LYS A 1 161 ? 20.116  -0.063  3.578   1.00 88.66  ? 161 LYS A NZ  1 
ATOM   1282 N N   . TYR A 1 162 ? 19.375  -1.815  10.623  1.00 48.27  ? 162 TYR A N   1 
ATOM   1283 C CA  . TYR A 1 162 ? 20.323  -2.528  11.517  1.00 47.26  ? 162 TYR A CA  1 
ATOM   1284 C C   . TYR A 1 162 ? 20.274  -1.924  12.916  1.00 53.25  ? 162 TYR A C   1 
ATOM   1285 O O   . TYR A 1 162 ? 20.005  -0.717  13.037  1.00 58.09  ? 162 TYR A O   1 
ATOM   1286 C CB  . TYR A 1 162 ? 21.731  -2.492  10.913  1.00 49.43  ? 162 TYR A CB  1 
ATOM   1287 C CG  . TYR A 1 162 ? 21.825  -3.024  9.503   1.00 51.70  ? 162 TYR A CG  1 
ATOM   1288 C CD1 . TYR A 1 162 ? 21.643  -4.369  9.224   1.00 54.86  ? 162 TYR A CD1 1 
ATOM   1289 C CD2 . TYR A 1 162 ? 22.110  -2.186  8.436   1.00 59.40  ? 162 TYR A CD2 1 
ATOM   1290 C CE1 . TYR A 1 162 ? 21.729  -4.870  7.930   1.00 58.15  ? 162 TYR A CE1 1 
ATOM   1291 C CE2 . TYR A 1 162 ? 22.193  -2.663  7.135   1.00 62.24  ? 162 TYR A CE2 1 
ATOM   1292 C CZ  . TYR A 1 162 ? 22.011  -4.012  6.881   1.00 65.33  ? 162 TYR A CZ  1 
ATOM   1293 O OH  . TYR A 1 162 ? 22.090  -4.474  5.601   1.00 69.37  ? 162 TYR A OH  1 
ATOM   1294 N N   . GLU A 1 163 ? 20.491  -2.757  13.934  1.00 62.49  ? 163 GLU A N   1 
ATOM   1295 C CA  . GLU A 1 163 ? 20.673  -2.326  15.344  1.00 64.44  ? 163 GLU A CA  1 
ATOM   1296 C C   . GLU A 1 163 ? 22.051  -1.696  15.442  1.00 63.24  ? 163 GLU A C   1 
ATOM   1297 O O   . GLU A 1 163 ? 22.996  -2.275  14.880  1.00 71.30  ? 163 GLU A O   1 
ATOM   1298 C CB  . GLU A 1 163 ? 20.594  -3.477  16.354  1.00 63.58  ? 163 GLU A CB  1 
ATOM   1299 N N   . THR A 1 164 ? 22.144  -0.587  16.168  1.00 74.86  ? 164 THR A N   1 
ATOM   1300 C CA  . THR A 1 164 ? 23.420  0.047   16.595  1.00 86.10  ? 164 THR A CA  1 
ATOM   1301 C C   . THR A 1 164 ? 24.098  -0.853  17.642  1.00 98.26  ? 164 THR A C   1 
ATOM   1302 O O   . THR A 1 164 ? 23.450  -1.806  18.121  1.00 114.78 ? 164 THR A O   1 
ATOM   1303 C CB  . THR A 1 164 ? 23.178  1.459   17.144  1.00 78.96  ? 164 THR A CB  1 
ATOM   1304 O OG1 . THR A 1 164 ? 22.738  1.312   18.498  1.00 81.13  ? 164 THR A OG1 1 
ATOM   1305 C CG2 . THR A 1 164 ? 22.170  2.251   16.332  1.00 72.26  ? 164 THR A CG2 1 
ATOM   1306 N N   . GLN A 1 165 ? 25.352  -0.549  17.991  1.00 102.09 ? 165 GLN A N   1 
ATOM   1307 C CA  . GLN A 1 165 ? 26.116  -1.213  19.081  1.00 97.70  ? 165 GLN A CA  1 
ATOM   1308 C C   . GLN A 1 165 ? 25.484  -0.880  20.447  1.00 95.72  ? 165 GLN A C   1 
ATOM   1309 O O   . GLN A 1 165 ? 25.703  -1.666  21.395  1.00 96.28  ? 165 GLN A O   1 
ATOM   1310 C CB  . GLN A 1 165 ? 27.586  -0.787  18.996  1.00 106.30 ? 165 GLN A CB  1 
ATOM   1311 C CG  . GLN A 1 165 ? 28.527  -1.585  19.889  1.00 105.79 ? 165 GLN A CG  1 
ATOM   1312 C CD  . GLN A 1 165 ? 28.223  -3.061  19.849  1.00 105.63 ? 165 GLN A CD  1 
ATOM   1313 O OE1 . GLN A 1 165 ? 28.647  -3.776  18.945  1.00 99.08  ? 165 GLN A OE1 1 
ATOM   1314 N NE2 . GLN A 1 165 ? 27.460  -3.525  20.826  1.00 108.75 ? 165 GLN A NE2 1 
ATOM   1315 N N   . LYS A 1 166 ? 24.736  0.230   20.551  1.00 98.94  ? 166 LYS A N   1 
ATOM   1316 C CA  . LYS A 1 166 ? 23.931  0.617   21.747  1.00 99.28  ? 166 LYS A CA  1 
ATOM   1317 C C   . LYS A 1 166 ? 22.930  -0.501  22.075  1.00 99.78  ? 166 LYS A C   1 
ATOM   1318 O O   . LYS A 1 166 ? 22.881  -0.937  23.260  1.00 86.99  ? 166 LYS A O   1 
ATOM   1319 C CB  . LYS A 1 166 ? 23.187  1.938   21.511  1.00 96.09  ? 166 LYS A CB  1 
ATOM   1320 N N   . GLY A 1 167 ? 22.177  -0.947  21.060  1.00 89.10  ? 167 GLY A N   1 
ATOM   1321 C CA  . GLY A 1 167 ? 21.151  -2.003  21.173  1.00 90.08  ? 167 GLY A CA  1 
ATOM   1322 C C   . GLY A 1 167 ? 21.749  -3.346  21.566  1.00 91.42  ? 167 GLY A C   1 
ATOM   1323 O O   . GLY A 1 167 ? 21.267  -3.934  22.543  1.00 97.45  ? 167 GLY A O   1 
ATOM   1324 N N   . LYS A 1 168 ? 22.774  -3.809  20.843  1.00 93.45  ? 168 LYS A N   1 
ATOM   1325 C CA  . LYS A 1 168 ? 23.312  -5.199  20.917  1.00 95.98  ? 168 LYS A CA  1 
ATOM   1326 C C   . LYS A 1 168 ? 23.932  -5.462  22.300  1.00 98.13  ? 168 LYS A C   1 
ATOM   1327 O O   . LYS A 1 168 ? 23.572  -6.494  22.909  1.00 92.90  ? 168 LYS A O   1 
ATOM   1328 C CB  . LYS A 1 168 ? 24.315  -5.448  19.781  1.00 88.32  ? 168 LYS A CB  1 
ATOM   1329 N N   . ASP A 1 169 ? 24.828  -4.578  22.769  1.00 101.97 ? 169 ASP A N   1 
ATOM   1330 C CA  . ASP A 1 169 ? 25.594  -4.736  24.040  1.00 95.24  ? 169 ASP A CA  1 
ATOM   1331 C C   . ASP A 1 169 ? 24.711  -4.285  25.208  1.00 101.77 ? 169 ASP A C   1 
ATOM   1332 O O   . ASP A 1 169 ? 25.145  -4.435  26.374  1.00 113.35 ? 169 ASP A O   1 
ATOM   1333 C CB  . ASP A 1 169 ? 26.928  -3.980  24.016  1.00 83.51  ? 169 ASP A CB  1 
ATOM   1334 N N   . TYR A 1 170 ? 23.530  -3.734  24.905  1.00 96.27  ? 170 TYR A N   1 
ATOM   1335 C CA  . TYR A 1 170 ? 22.434  -3.559  25.889  1.00 97.43  ? 170 TYR A CA  1 
ATOM   1336 C C   . TYR A 1 170 ? 21.862  -4.949  26.229  1.00 109.01 ? 170 TYR A C   1 
ATOM   1337 O O   . TYR A 1 170 ? 21.857  -5.315  27.431  1.00 115.80 ? 170 TYR A O   1 
ATOM   1338 C CB  . TYR A 1 170 ? 21.394  -2.558  25.378  1.00 91.69  ? 170 TYR A CB  1 
ATOM   1339 C CG  . TYR A 1 170 ? 20.111  -2.576  26.163  1.00 96.50  ? 170 TYR A CG  1 
ATOM   1340 C CD1 . TYR A 1 170 ? 20.140  -2.725  27.541  1.00 109.77 ? 170 TYR A CD1 1 
ATOM   1341 C CD2 . TYR A 1 170 ? 18.877  -2.460  25.546  1.00 99.49  ? 170 TYR A CD2 1 
ATOM   1342 C CE1 . TYR A 1 170 ? 18.979  -2.760  28.294  1.00 106.00 ? 170 TYR A CE1 1 
ATOM   1343 C CE2 . TYR A 1 170 ? 17.704  -2.487  26.286  1.00 99.98  ? 170 TYR A CE2 1 
ATOM   1344 C CZ  . TYR A 1 170 ? 17.760  -2.637  27.660  1.00 100.98 ? 170 TYR A CZ  1 
ATOM   1345 O OH  . TYR A 1 170 ? 16.629  -2.658  28.416  1.00 108.04 ? 170 TYR A OH  1 
ATOM   1346 N N   . ILE A 1 171 ? 21.439  -5.711  25.207  1.00 100.84 ? 171 ILE A N   1 
ATOM   1347 C CA  . ILE A 1 171 ? 20.756  -7.040  25.329  1.00 89.54  ? 171 ILE A CA  1 
ATOM   1348 C C   . ILE A 1 171 ? 21.788  -8.125  25.693  1.00 88.96  ? 171 ILE A C   1 
ATOM   1349 O O   . ILE A 1 171 ? 21.497  -8.913  26.614  1.00 93.27  ? 171 ILE A O   1 
ATOM   1350 C CB  . ILE A 1 171 ? 19.957  -7.376  24.039  1.00 89.38  ? 171 ILE A CB  1 
ATOM   1351 C CG1 . ILE A 1 171 ? 18.569  -6.729  24.045  1.00 82.36  ? 171 ILE A CG1 1 
ATOM   1352 C CG2 . ILE A 1 171 ? 19.855  -8.879  23.792  1.00 83.87  ? 171 ILE A CG2 1 
ATOM   1353 C CD1 . ILE A 1 171 ? 18.125  -6.239  22.688  1.00 88.33  ? 171 ILE A CD1 1 
ATOM   1354 N N   . LEU A 1 172 ? 22.932  -8.193  24.997  1.00 90.83  ? 172 LEU A N   1 
ATOM   1355 C CA  . LEU A 1 172 ? 23.980  -9.229  25.236  1.00 93.59  ? 172 LEU A CA  1 
ATOM   1356 C C   . LEU A 1 172 ? 24.656  -8.985  26.599  1.00 101.42 ? 172 LEU A C   1 
ATOM   1357 O O   . LEU A 1 172 ? 25.527  -9.802  26.954  1.00 103.98 ? 172 LEU A O   1 
ATOM   1358 C CB  . LEU A 1 172 ? 24.998  -9.231  24.088  1.00 83.60  ? 172 LEU A CB  1 
ATOM   1359 N N   . SER A 1 173 ? 24.263  -7.921  27.329  1.00 109.54 ? 173 SER A N   1 
ATOM   1360 C CA  . SER A 1 173 ? 24.692  -7.600  28.720  1.00 107.33 ? 173 SER A CA  1 
ATOM   1361 C C   . SER A 1 173 ? 23.497  -7.129  29.572  1.00 107.30 ? 173 SER A C   1 
ATOM   1362 O O   . SER A 1 173 ? 22.793  -8.007  30.112  1.00 100.20 ? 173 SER A O   1 
ATOM   1363 C CB  . SER A 1 173 ? 25.818  -6.590  28.728  1.00 104.99 ? 173 SER A CB  1 
ATOM   1364 O OG  . SER A 1 173 ? 27.002  -7.157  28.191  1.00 101.03 ? 173 SER A OG  1 
ATOM   1365 N N   . GLU A 1 174 ? 23.273  -5.806  29.677  1.00 104.58 ? 174 GLU A N   1 
ATOM   1366 C CA  . GLU A 1 174 ? 22.457  -5.149  30.746  1.00 98.99  ? 174 GLU A CA  1 
ATOM   1367 C C   . GLU A 1 174 ? 21.238  -6.010  31.099  1.00 91.77  ? 174 GLU A C   1 
ATOM   1368 O O   . GLU A 1 174 ? 21.387  -6.886  31.961  1.00 81.59  ? 174 GLU A O   1 
ATOM   1369 C CB  . GLU A 1 174 ? 22.027  -3.737  30.337  1.00 89.02  ? 174 GLU A CB  1 
HETATM 1370 O O   . HOH B 2 .   ? 2.552   -10.990 -4.247  1.00 50.90  ? 201 HOH A O   1 
HETATM 1371 O O   . HOH B 2 .   ? 12.052  7.116   2.574   1.00 59.48  ? 202 HOH A O   1 
HETATM 1372 O O   . HOH B 2 .   ? 13.678  -0.122  11.937  1.00 55.62  ? 203 HOH A O   1 
HETATM 1373 O O   . HOH B 2 .   ? -3.308  -0.866  13.776  1.00 45.33  ? 204 HOH A O   1 
HETATM 1374 O O   . HOH B 2 .   ? -14.527 13.575  6.091   0.88 55.31  ? 205 HOH A O   1 
HETATM 1375 O O   . HOH B 2 .   ? -10.097 3.333   13.958  1.00 49.00  ? 206 HOH A O   1 
HETATM 1376 O O   . HOH B 2 .   ? -1.250  -2.025  6.859   1.00 43.69  ? 207 HOH A O   1 
HETATM 1377 O O   . HOH B 2 .   ? 4.928   10.613  2.409   1.00 46.84  ? 208 HOH A O   1 
HETATM 1378 O O   . HOH B 2 .   ? 3.914   2.378   -10.225 1.00 45.38  ? 209 HOH A O   1 
HETATM 1379 O O   . HOH B 2 .   ? 17.760  12.360  -3.596  1.00 59.00  ? 210 HOH A O   1 
HETATM 1380 O O   . HOH B 2 .   ? 10.905  7.976   -0.602  1.00 56.93  ? 211 HOH A O   1 
HETATM 1381 O O   . HOH B 2 .   ? -10.087 -8.890  -8.434  1.00 54.37  ? 212 HOH A O   1 
HETATM 1382 O O   . HOH B 2 .   ? 6.692   8.862   7.434   1.00 49.16  ? 213 HOH A O   1 
HETATM 1383 O O   . HOH B 2 .   ? 2.403   8.867   5.263   1.00 39.81  ? 214 HOH A O   1 
HETATM 1384 O O   . HOH B 2 .   ? 0.492   -1.785  10.527  1.00 44.44  ? 215 HOH A O   1 
HETATM 1385 O O   . HOH B 2 .   ? -2.020  14.405  4.676   1.00 52.56  ? 216 HOH A O   1 
HETATM 1386 O O   . HOH B 2 .   ? -2.463  14.334  -6.638  1.00 57.55  ? 217 HOH A O   1 
HETATM 1387 O O   . HOH B 2 .   ? 8.219   5.499   0.349   1.00 41.51  ? 218 HOH A O   1 
HETATM 1388 O O   . HOH B 2 .   ? -8.894  -6.574  -7.219  1.00 52.02  ? 219 HOH A O   1 
HETATM 1389 O O   . HOH B 2 .   ? -4.057  -12.350 -4.265  1.00 47.85  ? 220 HOH A O   1 
HETATM 1390 O O   . HOH B 2 .   ? -7.417  -5.411  -4.448  1.00 43.40  ? 221 HOH A O   1 
HETATM 1391 O O   . HOH B 2 .   ? -14.279 7.885   -12.349 1.00 51.01  ? 222 HOH A O   1 
HETATM 1392 O O   . HOH B 2 .   ? 3.591   3.987   12.329  1.00 40.75  ? 223 HOH A O   1 
HETATM 1393 O O   . HOH B 2 .   ? -14.040 -0.172  11.131  1.00 56.76  ? 224 HOH A O   1 
HETATM 1394 O O   . HOH B 2 .   ? -13.674 13.744  -11.693 1.00 75.06  ? 225 HOH A O   1 
HETATM 1395 O O   . HOH B 2 .   ? -6.779  15.636  -0.049  1.00 46.79  ? 226 HOH A O   1 
HETATM 1396 O O   . HOH B 2 .   ? 4.692   9.782   -10.517 1.00 64.80  ? 227 HOH A O   1 
HETATM 1397 O O   . HOH B 2 .   ? -16.153 0.957   9.015   1.00 51.01  ? 228 HOH A O   1 
HETATM 1398 O O   . HOH B 2 .   ? 5.324   12.944  -6.597  1.00 61.02  ? 229 HOH A O   1 
HETATM 1399 O O   . HOH B 2 .   ? -10.187 -6.990  4.295   1.00 51.76  ? 231 HOH A O   1 
HETATM 1400 O O   . HOH B 2 .   ? -12.152 -2.011  3.016   1.00 40.89  ? 232 HOH A O   1 
HETATM 1401 O O   . HOH B 2 .   ? -9.738  -9.193  -6.131  1.00 43.90  ? 233 HOH A O   1 
# 
loop_
_pdbx_poly_seq_scheme.asym_id 
_pdbx_poly_seq_scheme.entity_id 
_pdbx_poly_seq_scheme.seq_id 
_pdbx_poly_seq_scheme.mon_id 
_pdbx_poly_seq_scheme.ndb_seq_num 
_pdbx_poly_seq_scheme.pdb_seq_num 
_pdbx_poly_seq_scheme.auth_seq_num 
_pdbx_poly_seq_scheme.pdb_mon_id 
_pdbx_poly_seq_scheme.auth_mon_id 
_pdbx_poly_seq_scheme.pdb_strand_id 
_pdbx_poly_seq_scheme.pdb_ins_code 
_pdbx_poly_seq_scheme.hetero 
A 1 1   MET 1   1   1   MET MET A . n 
A 1 2   ASN 2   2   2   ASN ASN A . n 
A 1 3   LYS 3   3   3   LYS LYS A . n 
A 1 4   ARG 4   4   4   ARG ARG A . n 
A 1 5   LYS 5   5   5   LYS LYS A . n 
A 1 6   ILE 6   6   6   ILE ILE A . n 
A 1 7   ASN 7   7   7   ASN ASN A . n 
A 1 8   ILE 8   8   8   ILE ILE A . n 
A 1 9   VAL 9   9   9   VAL VAL A . n 
A 1 10  LEU 10  10  10  LEU LEU A . n 
A 1 11  TYR 11  11  11  TYR TYR A . n 
A 1 12  GLN 12  12  12  GLN GLN A . n 
A 1 13  PRO 13  13  13  PRO PRO A . n 
A 1 14  GLU 14  14  14  GLU GLU A . n 
A 1 15  ILE 15  15  15  ILE ILE A . n 
A 1 16  ALA 16  16  16  ALA ALA A . n 
A 1 17  GLN 17  17  17  GLN GLN A . n 
A 1 18  ASN 18  18  18  ASN ASN A . n 
A 1 19  VAL 19  19  19  VAL VAL A . n 
A 1 20  GLY 20  20  20  GLY GLY A . n 
A 1 21  ALA 21  21  21  ALA ALA A . n 
A 1 22  ILE 22  22  22  ILE ILE A . n 
A 1 23  MET 23  23  23  MET MET A . n 
A 1 24  ARG 24  24  24  ARG ARG A . n 
A 1 25  THR 25  25  25  THR THR A . n 
A 1 26  CYS 26  26  26  CYS CYS A . n 
A 1 27  VAL 27  27  27  VAL VAL A . n 
A 1 28  ALA 28  28  28  ALA ALA A . n 
A 1 29  ILE 29  29  29  ILE ILE A . n 
A 1 30  ASN 30  30  30  ASN ASN A . n 
A 1 31  ALA 31  31  31  ALA ALA A . n 
A 1 32  ARG 32  32  32  ARG ARG A . n 
A 1 33  LEU 33  33  33  LEU LEU A . n 
A 1 34  HIS 34  34  34  HIS HIS A . n 
A 1 35  ILE 35  35  35  ILE ILE A . n 
A 1 36  ILE 36  36  36  ILE ILE A . n 
A 1 37  GLU 37  37  37  GLU GLU A . n 
A 1 38  PRO 38  38  38  PRO PRO A . n 
A 1 39  LEU 39  39  39  LEU LEU A . n 
A 1 40  GLY 40  40  40  GLY GLY A . n 
A 1 41  PHE 41  41  41  PHE PHE A . n 
A 1 42  ILE 42  42  42  ILE ILE A . n 
A 1 43  PHE 43  43  43  PHE PHE A . n 
A 1 44  ASP 44  44  44  ASP ASP A . n 
A 1 45  ASP 45  45  45  ASP ASP A . n 
A 1 46  ARG 46  46  46  ARG ARG A . n 
A 1 47  HIS 47  47  47  HIS HIS A . n 
A 1 48  LEU 48  48  48  LEU LEU A . n 
A 1 49  SER 49  49  49  SER SER A . n 
A 1 50  ARG 50  50  50  ARG ARG A . n 
A 1 51  SER 51  51  51  SER SER A . n 
A 1 52  SER 52  52  52  SER SER A . n 
A 1 53  ALA 53  53  53  ALA ALA A . n 
A 1 54  ASN 54  54  54  ASN ASN A . n 
A 1 55  GLU 55  55  55  GLU GLU A . n 
A 1 56  TYR 56  56  56  TYR TYR A . n 
A 1 57  LYS 57  57  57  LYS LYS A . n 
A 1 58  TYR 58  58  58  TYR TYR A . n 
A 1 59  VAL 59  59  59  VAL VAL A . n 
A 1 60  ASP 60  60  60  ASP ASP A . n 
A 1 61  CYS 61  61  61  CYS CYS A . n 
A 1 62  ILE 62  62  62  ILE ILE A . n 
A 1 63  ARG 63  63  63  ARG ARG A . n 
A 1 64  TYR 64  64  64  TYR TYR A . n 
A 1 65  ASP 65  65  65  ASP ASP A . n 
A 1 66  ASP 66  66  66  ASP ASP A . n 
A 1 67  TRP 67  67  67  TRP TRP A . n 
A 1 68  ASN 68  68  68  ASN ASN A . n 
A 1 69  ASP 69  69  69  ASP ASP A . n 
A 1 70  PHE 70  70  70  PHE PHE A . n 
A 1 71  ILE 71  71  71  ILE ILE A . n 
A 1 72  THR 72  72  72  THR THR A . n 
A 1 73  LYS 73  73  73  LYS LYS A . n 
A 1 74  HIS 74  74  74  HIS HIS A . n 
A 1 75  GLN 75  75  75  GLN GLN A . n 
A 1 76  ASN 76  76  76  ASN ASN A . n 
A 1 77  ILE 77  77  77  ILE ILE A . n 
A 1 78  THR 78  78  78  THR THR A . n 
A 1 79  LEU 79  79  79  LEU LEU A . n 
A 1 80  PHE 80  80  80  PHE PHE A . n 
A 1 81  CYS 81  81  81  CYS CYS A . n 
A 1 82  LEU 82  82  82  LEU LEU A . n 
A 1 83  SER 83  83  83  SER SER A . n 
A 1 84  ARG 84  84  84  ARG ARG A . n 
A 1 85  TYR 85  85  85  TYR TYR A . n 
A 1 86  GLY 86  86  86  GLY GLY A . n 
A 1 87  GLN 87  87  87  GLN GLN A . n 
A 1 88  LYS 88  88  88  LYS LYS A . n 
A 1 89  PRO 89  89  89  PRO PRO A . n 
A 1 90  ILE 90  90  90  ILE ILE A . n 
A 1 91  SER 91  91  91  SER SER A . n 
A 1 92  ASP 92  92  92  ASP ASP A . n 
A 1 93  PHE 93  93  93  PHE PHE A . n 
A 1 94  ASP 94  94  94  ASP ASP A . n 
A 1 95  PHE 95  95  95  PHE PHE A . n 
A 1 96  SER 96  96  96  SER SER A . n 
A 1 97  LYS 97  97  97  LYS LYS A . n 
A 1 98  ILE 98  98  98  ILE ILE A . n 
A 1 99  ASN 99  99  99  ASN ASN A . n 
A 1 100 ASP 100 100 100 ASP ASP A . n 
A 1 101 ASN 101 101 101 ASN ASN A . n 
A 1 102 VAL 102 102 102 VAL VAL A . n 
A 1 103 TYR 103 103 103 TYR TYR A . n 
A 1 104 LEU 104 104 104 LEU LEU A . n 
A 1 105 VAL 105 105 105 VAL VAL A . n 
A 1 106 PHE 106 106 106 PHE PHE A . n 
A 1 107 GLY 107 107 107 GLY GLY A . n 
A 1 108 LYS 108 108 108 LYS LYS A . n 
A 1 109 GLU 109 109 109 GLU GLU A . n 
A 1 110 SER 110 110 110 SER SER A . n 
A 1 111 THR 111 111 111 THR THR A . n 
A 1 112 GLY 112 112 112 GLY GLY A . n 
A 1 113 ILE 113 113 113 ILE ILE A . n 
A 1 114 ALA 114 114 114 ALA ALA A . n 
A 1 115 LYS 115 115 115 LYS LYS A . n 
A 1 116 PRO 116 116 116 PRO PRO A . n 
A 1 117 ILE 117 117 117 ILE ILE A . n 
A 1 118 LEU 118 118 118 LEU LEU A . n 
A 1 119 LYS 119 119 119 LYS LYS A . n 
A 1 120 GLU 120 120 120 GLU GLU A . n 
A 1 121 HIS 121 121 121 HIS HIS A . n 
A 1 122 TYR 122 122 122 TYR TYR A . n 
A 1 123 ASN 123 123 123 ASN ASN A . n 
A 1 124 THR 124 124 124 THR THR A . n 
A 1 125 THR 125 125 125 THR THR A . n 
A 1 126 PHE 126 126 126 PHE PHE A . n 
A 1 127 ARG 127 127 127 ARG ARG A . n 
A 1 128 ILE 128 128 128 ILE ILE A . n 
A 1 129 PRO 129 129 129 PRO PRO A . n 
A 1 130 MET 130 130 130 MET MET A . n 
A 1 131 ILE 131 131 131 ILE ILE A . n 
A 1 132 SER 132 132 132 SER SER A . n 
A 1 133 GLU 133 133 133 GLU GLU A . n 
A 1 134 THR 134 134 134 THR THR A . n 
A 1 135 ARG 135 135 135 ARG ARG A . n 
A 1 136 SER 136 136 136 SER SER A . n 
A 1 137 LEU 137 137 137 LEU LEU A . n 
A 1 138 ASN 138 138 138 ASN ASN A . n 
A 1 139 ILE 139 139 139 ILE ILE A . n 
A 1 140 ALA 140 140 140 ALA ALA A . n 
A 1 141 ASN 141 141 141 ASN ASN A . n 
A 1 142 THR 142 142 142 THR THR A . n 
A 1 143 VAL 143 143 143 VAL VAL A . n 
A 1 144 GLY 144 144 144 GLY GLY A . n 
A 1 145 ILE 145 145 145 ILE ILE A . n 
A 1 146 ALA 146 146 146 ALA ALA A . n 
A 1 147 SER 147 147 147 SER SER A . n 
A 1 148 TYR 148 148 148 TYR TYR A . n 
A 1 149 GLU 149 149 149 GLU GLU A . n 
A 1 150 VAL 150 150 150 VAL VAL A . n 
A 1 151 LEU 151 151 151 LEU LEU A . n 
A 1 152 ARG 152 152 152 ARG ARG A . n 
A 1 153 GLN 153 153 153 GLN GLN A . n 
A 1 154 TRP 154 154 154 TRP TRP A . n 
A 1 155 ASP 155 155 155 ASP ASP A . n 
A 1 156 TYR 156 156 156 TYR TYR A . n 
A 1 157 LEU 157 157 157 LEU LEU A . n 
A 1 158 ASP 158 158 158 ASP ASP A . n 
A 1 159 LEU 159 159 159 LEU LEU A . n 
A 1 160 VAL 160 160 160 VAL VAL A . n 
A 1 161 LYS 161 161 161 LYS LYS A . n 
A 1 162 TYR 162 162 162 TYR TYR A . n 
A 1 163 GLU 163 163 163 GLU GLU A . n 
A 1 164 THR 164 164 164 THR THR A . n 
A 1 165 GLN 165 165 165 GLN GLN A . n 
A 1 166 LYS 166 166 166 LYS LYS A . n 
A 1 167 GLY 167 167 167 GLY GLY A . n 
A 1 168 LYS 168 168 168 LYS LYS A . n 
A 1 169 ASP 169 169 169 ASP ASP A . n 
A 1 170 TYR 170 170 170 TYR TYR A . n 
A 1 171 ILE 171 171 171 ILE ILE A . n 
A 1 172 LEU 172 172 172 LEU LEU A . n 
A 1 173 SER 173 173 173 SER SER A . n 
A 1 174 GLU 174 174 174 GLU GLU A . n 
A 1 175 ARG 175 175 ?   ?   ?   A . n 
A 1 176 TRP 176 176 ?   ?   ?   A . n 
A 1 177 LYS 177 177 ?   ?   ?   A . n 
A 1 178 GLY 178 178 ?   ?   ?   A . n 
A 1 179 ILE 179 179 ?   ?   ?   A . n 
A 1 180 GLU 180 180 ?   ?   ?   A . n 
A 1 181 GLU 181 181 ?   ?   ?   A . n 
A 1 182 GLY 182 182 ?   ?   ?   A . n 
A 1 183 HIS 183 183 ?   ?   ?   A . n 
A 1 184 HIS 184 184 ?   ?   ?   A . n 
A 1 185 HIS 185 185 ?   ?   ?   A . n 
A 1 186 HIS 186 186 ?   ?   ?   A . n 
A 1 187 HIS 187 187 ?   ?   ?   A . n 
A 1 188 HIS 188 188 ?   ?   ?   A . n 
A 1 189 GLY 189 189 ?   ?   ?   A . n 
# 
loop_
_pdbx_nonpoly_scheme.asym_id 
_pdbx_nonpoly_scheme.entity_id 
_pdbx_nonpoly_scheme.mon_id 
_pdbx_nonpoly_scheme.ndb_seq_num 
_pdbx_nonpoly_scheme.pdb_seq_num 
_pdbx_nonpoly_scheme.auth_seq_num 
_pdbx_nonpoly_scheme.pdb_mon_id 
_pdbx_nonpoly_scheme.auth_mon_id 
_pdbx_nonpoly_scheme.pdb_strand_id 
_pdbx_nonpoly_scheme.pdb_ins_code 
B 2 HOH 1  201 42 HOH HOH A . 
B 2 HOH 2  202 7  HOH HOH A . 
B 2 HOH 3  203 26 HOH HOH A . 
B 2 HOH 4  204 15 HOH HOH A . 
B 2 HOH 5  205 17 HOH HOH A . 
B 2 HOH 6  206 13 HOH HOH A . 
B 2 HOH 7  207 21 HOH HOH A . 
B 2 HOH 8  208 4  HOH HOH A . 
B 2 HOH 9  209 9  HOH HOH A . 
B 2 HOH 10 210 30 HOH HOH A . 
B 2 HOH 11 211 6  HOH HOH A . 
B 2 HOH 12 212 25 HOH HOH A . 
B 2 HOH 13 213 39 HOH HOH A . 
B 2 HOH 14 214 1  HOH HOH A . 
B 2 HOH 15 215 23 HOH HOH A . 
B 2 HOH 16 216 24 HOH HOH A . 
B 2 HOH 17 217 10 HOH HOH A . 
B 2 HOH 18 218 8  HOH HOH A . 
B 2 HOH 19 219 12 HOH HOH A . 
B 2 HOH 20 220 5  HOH HOH A . 
B 2 HOH 21 221 2  HOH HOH A . 
B 2 HOH 22 222 11 HOH HOH A . 
B 2 HOH 23 223 3  HOH HOH A . 
B 2 HOH 24 224 43 HOH HOH A . 
B 2 HOH 25 225 35 HOH HOH A . 
B 2 HOH 26 226 40 HOH HOH A . 
B 2 HOH 27 227 28 HOH HOH A . 
B 2 HOH 28 228 14 HOH HOH A . 
B 2 HOH 29 229 27 HOH HOH A . 
B 2 HOH 30 231 41 HOH HOH A . 
B 2 HOH 31 232 37 HOH HOH A . 
B 2 HOH 32 233 38 HOH HOH A . 
# 
_pdbx_struct_assembly.id                   1 
_pdbx_struct_assembly.details              author_and_software_defined_assembly 
_pdbx_struct_assembly.method_details       PISA 
_pdbx_struct_assembly.oligomeric_details   dimeric 
_pdbx_struct_assembly.oligomeric_count     2 
# 
_pdbx_struct_assembly_gen.assembly_id       1 
_pdbx_struct_assembly_gen.oper_expression   1,2 
_pdbx_struct_assembly_gen.asym_id_list      A,B 
# 
loop_
_pdbx_struct_assembly_prop.biol_id 
_pdbx_struct_assembly_prop.type 
_pdbx_struct_assembly_prop.value 
_pdbx_struct_assembly_prop.details 
1 'ABSA (A^2)' 4080  ? 
1 MORE         -20   ? 
1 'SSA (A^2)'  15780 ? 
# 
loop_
_pdbx_struct_oper_list.id 
_pdbx_struct_oper_list.type 
_pdbx_struct_oper_list.name 
_pdbx_struct_oper_list.symmetry_operation 
_pdbx_struct_oper_list.matrix[1][1] 
_pdbx_struct_oper_list.matrix[1][2] 
_pdbx_struct_oper_list.matrix[1][3] 
_pdbx_struct_oper_list.vector[1] 
_pdbx_struct_oper_list.matrix[2][1] 
_pdbx_struct_oper_list.matrix[2][2] 
_pdbx_struct_oper_list.matrix[2][3] 
_pdbx_struct_oper_list.vector[2] 
_pdbx_struct_oper_list.matrix[3][1] 
_pdbx_struct_oper_list.matrix[3][2] 
_pdbx_struct_oper_list.matrix[3][3] 
_pdbx_struct_oper_list.vector[3] 
1 'identity operation'         1_555 x,y,z       1.0000000000 0.0000000000  0.0000000000  0.0000000000 0.0000000000  1.0000000000  0.0000000000 0.0000000000   0.0000000000  0.0000000000 1.0000000000  0.0000000000  
2 'crystal symmetry operation' 4_445 -x-1,-y-1,z 0.2689024825 -0.3761173885 -0.8866945162 3.8376614822 -0.3761173885 -0.8885144510 0.2628265217 -15.5333324028 -0.8866945162 0.2628265217 -0.3803880315 12.0807949119 
# 
loop_
_pdbx_audit_revision_history.ordinal 
_pdbx_audit_revision_history.data_content_type 
_pdbx_audit_revision_history.major_revision 
_pdbx_audit_revision_history.minor_revision 
_pdbx_audit_revision_history.revision_date 
1 'Structure model' 1 0 2022-02-16 
2 'Structure model' 1 1 2023-11-29 
# 
_pdbx_audit_revision_details.ordinal             1 
_pdbx_audit_revision_details.revision_ordinal    1 
_pdbx_audit_revision_details.data_content_type   'Structure model' 
_pdbx_audit_revision_details.provider            repository 
_pdbx_audit_revision_details.type                'Initial release' 
_pdbx_audit_revision_details.description         ? 
_pdbx_audit_revision_details.details             ? 
# 
loop_
_pdbx_audit_revision_group.ordinal 
_pdbx_audit_revision_group.revision_ordinal 
_pdbx_audit_revision_group.data_content_type 
_pdbx_audit_revision_group.group 
1 2 'Structure model' 'Data collection'        
2 2 'Structure model' 'Refinement description' 
# 
loop_
_pdbx_audit_revision_category.ordinal 
_pdbx_audit_revision_category.revision_ordinal 
_pdbx_audit_revision_category.data_content_type 
_pdbx_audit_revision_category.category 
1 2 'Structure model' chem_comp_atom                
2 2 'Structure model' chem_comp_bond                
3 2 'Structure model' pdbx_initial_refinement_model 
# 
loop_
_software.citation_id 
_software.classification 
_software.compiler_name 
_software.compiler_version 
_software.contact_author 
_software.contact_author_email 
_software.date 
_software.description 
_software.dependencies 
_software.hardware 
_software.language 
_software.location 
_software.mods 
_software.name 
_software.os 
_software.os_version 
_software.type 
_software.version 
_software.pdbx_ordinal 
? refinement        ? ? ? ? ? ? ? ? ? ? ? REFMAC      ? ? ? 5.8.0267 1 
? 'data scaling'    ? ? ? ? ? ? ? ? ? ? ? HKL-2000    ? ? ? 0.7.4    2 
? 'data extraction' ? ? ? ? ? ? ? ? ? ? ? PDB_EXTRACT ? ? ? 3.27     3 
? 'data reduction'  ? ? ? ? ? ? ? ? ? ? ? HKL-2000    ? ? ? .        4 
? phasing           ? ? ? ? ? ? ? ? ? ? ? MOLREP      ? ? ? .        5 
# 
loop_
_pdbx_validate_torsion.id 
_pdbx_validate_torsion.PDB_model_num 
_pdbx_validate_torsion.auth_comp_id 
_pdbx_validate_torsion.auth_asym_id 
_pdbx_validate_torsion.auth_seq_id 
_pdbx_validate_torsion.PDB_ins_code 
_pdbx_validate_torsion.label_alt_id 
_pdbx_validate_torsion.phi 
_pdbx_validate_torsion.psi 
1 1 SER A 110 ? ? -56.69  -70.58  
2 1 LEU A 157 ? ? 42.43   -119.45 
3 1 SER A 173 ? ? -137.44 -94.67  
# 
loop_
_pdbx_unobs_or_zero_occ_atoms.id 
_pdbx_unobs_or_zero_occ_atoms.PDB_model_num 
_pdbx_unobs_or_zero_occ_atoms.polymer_flag 
_pdbx_unobs_or_zero_occ_atoms.occupancy_flag 
_pdbx_unobs_or_zero_occ_atoms.auth_asym_id 
_pdbx_unobs_or_zero_occ_atoms.auth_comp_id 
_pdbx_unobs_or_zero_occ_atoms.auth_seq_id 
_pdbx_unobs_or_zero_occ_atoms.PDB_ins_code 
_pdbx_unobs_or_zero_occ_atoms.auth_atom_id 
_pdbx_unobs_or_zero_occ_atoms.label_alt_id 
_pdbx_unobs_or_zero_occ_atoms.label_asym_id 
_pdbx_unobs_or_zero_occ_atoms.label_comp_id 
_pdbx_unobs_or_zero_occ_atoms.label_seq_id 
_pdbx_unobs_or_zero_occ_atoms.label_atom_id 
1  1 Y 1 A GLU 14  ? CG  ? A GLU 14  CG  
2  1 Y 1 A GLU 14  ? CD  ? A GLU 14  CD  
3  1 Y 1 A GLU 14  ? OE1 ? A GLU 14  OE1 
4  1 Y 1 A GLU 14  ? OE2 ? A GLU 14  OE2 
5  1 Y 1 A ARG 46  ? CG  ? A ARG 46  CG  
6  1 Y 1 A ARG 46  ? CD  ? A ARG 46  CD  
7  1 Y 1 A ARG 46  ? NE  ? A ARG 46  NE  
8  1 Y 1 A ARG 46  ? CZ  ? A ARG 46  CZ  
9  1 Y 1 A ARG 46  ? NH1 ? A ARG 46  NH1 
10 1 Y 1 A ARG 46  ? NH2 ? A ARG 46  NH2 
11 1 Y 1 A ASN 68  ? CG  ? A ASN 68  CG  
12 1 Y 1 A ASN 68  ? OD1 ? A ASN 68  OD1 
13 1 Y 1 A ASN 68  ? ND2 ? A ASN 68  ND2 
14 1 Y 1 A ARG 84  ? CG  ? A ARG 84  CG  
15 1 Y 1 A ARG 84  ? CD  ? A ARG 84  CD  
16 1 Y 1 A ARG 84  ? NE  ? A ARG 84  NE  
17 1 Y 1 A ARG 84  ? CZ  ? A ARG 84  CZ  
18 1 Y 1 A ARG 84  ? NH1 ? A ARG 84  NH1 
19 1 Y 1 A ARG 84  ? NH2 ? A ARG 84  NH2 
20 1 Y 1 A LYS 97  ? CG  ? A LYS 97  CG  
21 1 Y 1 A LYS 97  ? CD  ? A LYS 97  CD  
22 1 Y 1 A LYS 97  ? CE  ? A LYS 97  CE  
23 1 Y 1 A LYS 97  ? NZ  ? A LYS 97  NZ  
24 1 Y 1 A GLU 109 ? CG  ? A GLU 109 CG  
25 1 Y 1 A GLU 109 ? CD  ? A GLU 109 CD  
26 1 Y 1 A GLU 109 ? OE1 ? A GLU 109 OE1 
27 1 Y 1 A GLU 109 ? OE2 ? A GLU 109 OE2 
28 1 Y 1 A LYS 115 ? CG  ? A LYS 115 CG  
29 1 Y 1 A LYS 115 ? CD  ? A LYS 115 CD  
30 1 Y 1 A LYS 115 ? CE  ? A LYS 115 CE  
31 1 Y 1 A LYS 115 ? NZ  ? A LYS 115 NZ  
32 1 Y 1 A LYS 119 ? CG  ? A LYS 119 CG  
33 1 Y 1 A LYS 119 ? CD  ? A LYS 119 CD  
34 1 Y 1 A LYS 119 ? CE  ? A LYS 119 CE  
35 1 Y 1 A LYS 119 ? NZ  ? A LYS 119 NZ  
36 1 Y 1 A GLU 120 ? CG  ? A GLU 120 CG  
37 1 Y 1 A GLU 120 ? CD  ? A GLU 120 CD  
38 1 Y 1 A GLU 120 ? OE1 ? A GLU 120 OE1 
39 1 Y 1 A GLU 120 ? OE2 ? A GLU 120 OE2 
40 1 Y 1 A GLU 133 ? CG  ? A GLU 133 CG  
41 1 Y 1 A GLU 133 ? CD  ? A GLU 133 CD  
42 1 Y 1 A GLU 133 ? OE1 ? A GLU 133 OE1 
43 1 Y 1 A GLU 133 ? OE2 ? A GLU 133 OE2 
44 1 Y 1 A GLU 163 ? CG  ? A GLU 163 CG  
45 1 Y 1 A GLU 163 ? CD  ? A GLU 163 CD  
46 1 Y 1 A GLU 163 ? OE1 ? A GLU 163 OE1 
47 1 Y 1 A GLU 163 ? OE2 ? A GLU 163 OE2 
48 1 Y 1 A LYS 166 ? CG  ? A LYS 166 CG  
49 1 Y 1 A LYS 166 ? CD  ? A LYS 166 CD  
50 1 Y 1 A LYS 166 ? CE  ? A LYS 166 CE  
51 1 Y 1 A LYS 166 ? NZ  ? A LYS 166 NZ  
52 1 Y 1 A LYS 168 ? CG  ? A LYS 168 CG  
53 1 Y 1 A LYS 168 ? CD  ? A LYS 168 CD  
54 1 Y 1 A LYS 168 ? CE  ? A LYS 168 CE  
55 1 Y 1 A LYS 168 ? NZ  ? A LYS 168 NZ  
56 1 Y 1 A ASP 169 ? CG  ? A ASP 169 CG  
57 1 Y 1 A ASP 169 ? OD1 ? A ASP 169 OD1 
58 1 Y 1 A ASP 169 ? OD2 ? A ASP 169 OD2 
59 1 Y 1 A LEU 172 ? CG  ? A LEU 172 CG  
60 1 Y 1 A LEU 172 ? CD1 ? A LEU 172 CD1 
61 1 Y 1 A LEU 172 ? CD2 ? A LEU 172 CD2 
62 1 Y 1 A GLU 174 ? CG  ? A GLU 174 CG  
63 1 Y 1 A GLU 174 ? CD  ? A GLU 174 CD  
64 1 Y 1 A GLU 174 ? OE1 ? A GLU 174 OE1 
65 1 Y 1 A GLU 174 ? OE2 ? A GLU 174 OE2 
# 
loop_
_pdbx_unobs_or_zero_occ_residues.id 
_pdbx_unobs_or_zero_occ_residues.PDB_model_num 
_pdbx_unobs_or_zero_occ_residues.polymer_flag 
_pdbx_unobs_or_zero_occ_residues.occupancy_flag 
_pdbx_unobs_or_zero_occ_residues.auth_asym_id 
_pdbx_unobs_or_zero_occ_residues.auth_comp_id 
_pdbx_unobs_or_zero_occ_residues.auth_seq_id 
_pdbx_unobs_or_zero_occ_residues.PDB_ins_code 
_pdbx_unobs_or_zero_occ_residues.label_asym_id 
_pdbx_unobs_or_zero_occ_residues.label_comp_id 
_pdbx_unobs_or_zero_occ_residues.label_seq_id 
1  1 Y 1 A ARG 175 ? A ARG 175 
2  1 Y 1 A TRP 176 ? A TRP 176 
3  1 Y 1 A LYS 177 ? A LYS 177 
4  1 Y 1 A GLY 178 ? A GLY 178 
5  1 Y 1 A ILE 179 ? A ILE 179 
6  1 Y 1 A GLU 180 ? A GLU 180 
7  1 Y 1 A GLU 181 ? A GLU 181 
8  1 Y 1 A GLY 182 ? A GLY 182 
9  1 Y 1 A HIS 183 ? A HIS 183 
10 1 Y 1 A HIS 184 ? A HIS 184 
11 1 Y 1 A HIS 185 ? A HIS 185 
12 1 Y 1 A HIS 186 ? A HIS 186 
13 1 Y 1 A HIS 187 ? A HIS 187 
14 1 Y 1 A HIS 188 ? A HIS 188 
15 1 Y 1 A GLY 189 ? A GLY 189 
# 
loop_
_chem_comp_atom.comp_id 
_chem_comp_atom.atom_id 
_chem_comp_atom.type_symbol 
_chem_comp_atom.pdbx_aromatic_flag 
_chem_comp_atom.pdbx_stereo_config 
_chem_comp_atom.pdbx_ordinal 
ALA N    N N N 1   
ALA CA   C N S 2   
ALA C    C N N 3   
ALA O    O N N 4   
ALA CB   C N N 5   
ALA OXT  O N N 6   
ALA H    H N N 7   
ALA H2   H N N 8   
ALA HA   H N N 9   
ALA HB1  H N N 10  
ALA HB2  H N N 11  
ALA HB3  H N N 12  
ALA HXT  H N N 13  
ARG N    N N N 14  
ARG CA   C N S 15  
ARG C    C N N 16  
ARG O    O N N 17  
ARG CB   C N N 18  
ARG CG   C N N 19  
ARG CD   C N N 20  
ARG NE   N N N 21  
ARG CZ   C N N 22  
ARG NH1  N N N 23  
ARG NH2  N N N 24  
ARG OXT  O N N 25  
ARG H    H N N 26  
ARG H2   H N N 27  
ARG HA   H N N 28  
ARG HB2  H N N 29  
ARG HB3  H N N 30  
ARG HG2  H N N 31  
ARG HG3  H N N 32  
ARG HD2  H N N 33  
ARG HD3  H N N 34  
ARG HE   H N N 35  
ARG HH11 H N N 36  
ARG HH12 H N N 37  
ARG HH21 H N N 38  
ARG HH22 H N N 39  
ARG HXT  H N N 40  
ASN N    N N N 41  
ASN CA   C N S 42  
ASN C    C N N 43  
ASN O    O N N 44  
ASN CB   C N N 45  
ASN CG   C N N 46  
ASN OD1  O N N 47  
ASN ND2  N N N 48  
ASN OXT  O N N 49  
ASN H    H N N 50  
ASN H2   H N N 51  
ASN HA   H N N 52  
ASN HB2  H N N 53  
ASN HB3  H N N 54  
ASN HD21 H N N 55  
ASN HD22 H N N 56  
ASN HXT  H N N 57  
ASP N    N N N 58  
ASP CA   C N S 59  
ASP C    C N N 60  
ASP O    O N N 61  
ASP CB   C N N 62  
ASP CG   C N N 63  
ASP OD1  O N N 64  
ASP OD2  O N N 65  
ASP OXT  O N N 66  
ASP H    H N N 67  
ASP H2   H N N 68  
ASP HA   H N N 69  
ASP HB2  H N N 70  
ASP HB3  H N N 71  
ASP HD2  H N N 72  
ASP HXT  H N N 73  
CYS N    N N N 74  
CYS CA   C N R 75  
CYS C    C N N 76  
CYS O    O N N 77  
CYS CB   C N N 78  
CYS SG   S N N 79  
CYS OXT  O N N 80  
CYS H    H N N 81  
CYS H2   H N N 82  
CYS HA   H N N 83  
CYS HB2  H N N 84  
CYS HB3  H N N 85  
CYS HG   H N N 86  
CYS HXT  H N N 87  
GLN N    N N N 88  
GLN CA   C N S 89  
GLN C    C N N 90  
GLN O    O N N 91  
GLN CB   C N N 92  
GLN CG   C N N 93  
GLN CD   C N N 94  
GLN OE1  O N N 95  
GLN NE2  N N N 96  
GLN OXT  O N N 97  
GLN H    H N N 98  
GLN H2   H N N 99  
GLN HA   H N N 100 
GLN HB2  H N N 101 
GLN HB3  H N N 102 
GLN HG2  H N N 103 
GLN HG3  H N N 104 
GLN HE21 H N N 105 
GLN HE22 H N N 106 
GLN HXT  H N N 107 
GLU N    N N N 108 
GLU CA   C N S 109 
GLU C    C N N 110 
GLU O    O N N 111 
GLU CB   C N N 112 
GLU CG   C N N 113 
GLU CD   C N N 114 
GLU OE1  O N N 115 
GLU OE2  O N N 116 
GLU OXT  O N N 117 
GLU H    H N N 118 
GLU H2   H N N 119 
GLU HA   H N N 120 
GLU HB2  H N N 121 
GLU HB3  H N N 122 
GLU HG2  H N N 123 
GLU HG3  H N N 124 
GLU HE2  H N N 125 
GLU HXT  H N N 126 
GLY N    N N N 127 
GLY CA   C N N 128 
GLY C    C N N 129 
GLY O    O N N 130 
GLY OXT  O N N 131 
GLY H    H N N 132 
GLY H2   H N N 133 
GLY HA2  H N N 134 
GLY HA3  H N N 135 
GLY HXT  H N N 136 
HIS N    N N N 137 
HIS CA   C N S 138 
HIS C    C N N 139 
HIS O    O N N 140 
HIS CB   C N N 141 
HIS CG   C Y N 142 
HIS ND1  N Y N 143 
HIS CD2  C Y N 144 
HIS CE1  C Y N 145 
HIS NE2  N Y N 146 
HIS OXT  O N N 147 
HIS H    H N N 148 
HIS H2   H N N 149 
HIS HA   H N N 150 
HIS HB2  H N N 151 
HIS HB3  H N N 152 
HIS HD1  H N N 153 
HIS HD2  H N N 154 
HIS HE1  H N N 155 
HIS HE2  H N N 156 
HIS HXT  H N N 157 
HOH O    O N N 158 
HOH H1   H N N 159 
HOH H2   H N N 160 
ILE N    N N N 161 
ILE CA   C N S 162 
ILE C    C N N 163 
ILE O    O N N 164 
ILE CB   C N S 165 
ILE CG1  C N N 166 
ILE CG2  C N N 167 
ILE CD1  C N N 168 
ILE OXT  O N N 169 
ILE H    H N N 170 
ILE H2   H N N 171 
ILE HA   H N N 172 
ILE HB   H N N 173 
ILE HG12 H N N 174 
ILE HG13 H N N 175 
ILE HG21 H N N 176 
ILE HG22 H N N 177 
ILE HG23 H N N 178 
ILE HD11 H N N 179 
ILE HD12 H N N 180 
ILE HD13 H N N 181 
ILE HXT  H N N 182 
LEU N    N N N 183 
LEU CA   C N S 184 
LEU C    C N N 185 
LEU O    O N N 186 
LEU CB   C N N 187 
LEU CG   C N N 188 
LEU CD1  C N N 189 
LEU CD2  C N N 190 
LEU OXT  O N N 191 
LEU H    H N N 192 
LEU H2   H N N 193 
LEU HA   H N N 194 
LEU HB2  H N N 195 
LEU HB3  H N N 196 
LEU HG   H N N 197 
LEU HD11 H N N 198 
LEU HD12 H N N 199 
LEU HD13 H N N 200 
LEU HD21 H N N 201 
LEU HD22 H N N 202 
LEU HD23 H N N 203 
LEU HXT  H N N 204 
LYS N    N N N 205 
LYS CA   C N S 206 
LYS C    C N N 207 
LYS O    O N N 208 
LYS CB   C N N 209 
LYS CG   C N N 210 
LYS CD   C N N 211 
LYS CE   C N N 212 
LYS NZ   N N N 213 
LYS OXT  O N N 214 
LYS H    H N N 215 
LYS H2   H N N 216 
LYS HA   H N N 217 
LYS HB2  H N N 218 
LYS HB3  H N N 219 
LYS HG2  H N N 220 
LYS HG3  H N N 221 
LYS HD2  H N N 222 
LYS HD3  H N N 223 
LYS HE2  H N N 224 
LYS HE3  H N N 225 
LYS HZ1  H N N 226 
LYS HZ2  H N N 227 
LYS HZ3  H N N 228 
LYS HXT  H N N 229 
MET N    N N N 230 
MET CA   C N S 231 
MET C    C N N 232 
MET O    O N N 233 
MET CB   C N N 234 
MET CG   C N N 235 
MET SD   S N N 236 
MET CE   C N N 237 
MET OXT  O N N 238 
MET H    H N N 239 
MET H2   H N N 240 
MET HA   H N N 241 
MET HB2  H N N 242 
MET HB3  H N N 243 
MET HG2  H N N 244 
MET HG3  H N N 245 
MET HE1  H N N 246 
MET HE2  H N N 247 
MET HE3  H N N 248 
MET HXT  H N N 249 
PHE N    N N N 250 
PHE CA   C N S 251 
PHE C    C N N 252 
PHE O    O N N 253 
PHE CB   C N N 254 
PHE CG   C Y N 255 
PHE CD1  C Y N 256 
PHE CD2  C Y N 257 
PHE CE1  C Y N 258 
PHE CE2  C Y N 259 
PHE CZ   C Y N 260 
PHE OXT  O N N 261 
PHE H    H N N 262 
PHE H2   H N N 263 
PHE HA   H N N 264 
PHE HB2  H N N 265 
PHE HB3  H N N 266 
PHE HD1  H N N 267 
PHE HD2  H N N 268 
PHE HE1  H N N 269 
PHE HE2  H N N 270 
PHE HZ   H N N 271 
PHE HXT  H N N 272 
PRO N    N N N 273 
PRO CA   C N S 274 
PRO C    C N N 275 
PRO O    O N N 276 
PRO CB   C N N 277 
PRO CG   C N N 278 
PRO CD   C N N 279 
PRO OXT  O N N 280 
PRO H    H N N 281 
PRO HA   H N N 282 
PRO HB2  H N N 283 
PRO HB3  H N N 284 
PRO HG2  H N N 285 
PRO HG3  H N N 286 
PRO HD2  H N N 287 
PRO HD3  H N N 288 
PRO HXT  H N N 289 
SER N    N N N 290 
SER CA   C N S 291 
SER C    C N N 292 
SER O    O N N 293 
SER CB   C N N 294 
SER OG   O N N 295 
SER OXT  O N N 296 
SER H    H N N 297 
SER H2   H N N 298 
SER HA   H N N 299 
SER HB2  H N N 300 
SER HB3  H N N 301 
SER HG   H N N 302 
SER HXT  H N N 303 
THR N    N N N 304 
THR CA   C N S 305 
THR C    C N N 306 
THR O    O N N 307 
THR CB   C N R 308 
THR OG1  O N N 309 
THR CG2  C N N 310 
THR OXT  O N N 311 
THR H    H N N 312 
THR H2   H N N 313 
THR HA   H N N 314 
THR HB   H N N 315 
THR HG1  H N N 316 
THR HG21 H N N 317 
THR HG22 H N N 318 
THR HG23 H N N 319 
THR HXT  H N N 320 
TRP N    N N N 321 
TRP CA   C N S 322 
TRP C    C N N 323 
TRP O    O N N 324 
TRP CB   C N N 325 
TRP CG   C Y N 326 
TRP CD1  C Y N 327 
TRP CD2  C Y N 328 
TRP NE1  N Y N 329 
TRP CE2  C Y N 330 
TRP CE3  C Y N 331 
TRP CZ2  C Y N 332 
TRP CZ3  C Y N 333 
TRP CH2  C Y N 334 
TRP OXT  O N N 335 
TRP H    H N N 336 
TRP H2   H N N 337 
TRP HA   H N N 338 
TRP HB2  H N N 339 
TRP HB3  H N N 340 
TRP HD1  H N N 341 
TRP HE1  H N N 342 
TRP HE3  H N N 343 
TRP HZ2  H N N 344 
TRP HZ3  H N N 345 
TRP HH2  H N N 346 
TRP HXT  H N N 347 
TYR N    N N N 348 
TYR CA   C N S 349 
TYR C    C N N 350 
TYR O    O N N 351 
TYR CB   C N N 352 
TYR CG   C Y N 353 
TYR CD1  C Y N 354 
TYR CD2  C Y N 355 
TYR CE1  C Y N 356 
TYR CE2  C Y N 357 
TYR CZ   C Y N 358 
TYR OH   O N N 359 
TYR OXT  O N N 360 
TYR H    H N N 361 
TYR H2   H N N 362 
TYR HA   H N N 363 
TYR HB2  H N N 364 
TYR HB3  H N N 365 
TYR HD1  H N N 366 
TYR HD2  H N N 367 
TYR HE1  H N N 368 
TYR HE2  H N N 369 
TYR HH   H N N 370 
TYR HXT  H N N 371 
VAL N    N N N 372 
VAL CA   C N S 373 
VAL C    C N N 374 
VAL O    O N N 375 
VAL CB   C N N 376 
VAL CG1  C N N 377 
VAL CG2  C N N 378 
VAL OXT  O N N 379 
VAL H    H N N 380 
VAL H2   H N N 381 
VAL HA   H N N 382 
VAL HB   H N N 383 
VAL HG11 H N N 384 
VAL HG12 H N N 385 
VAL HG13 H N N 386 
VAL HG21 H N N 387 
VAL HG22 H N N 388 
VAL HG23 H N N 389 
VAL HXT  H N N 390 
# 
loop_
_chem_comp_bond.comp_id 
_chem_comp_bond.atom_id_1 
_chem_comp_bond.atom_id_2 
_chem_comp_bond.value_order 
_chem_comp_bond.pdbx_aromatic_flag 
_chem_comp_bond.pdbx_stereo_config 
_chem_comp_bond.pdbx_ordinal 
ALA N   CA   sing N N 1   
ALA N   H    sing N N 2   
ALA N   H2   sing N N 3   
ALA CA  C    sing N N 4   
ALA CA  CB   sing N N 5   
ALA CA  HA   sing N N 6   
ALA C   O    doub N N 7   
ALA C   OXT  sing N N 8   
ALA CB  HB1  sing N N 9   
ALA CB  HB2  sing N N 10  
ALA CB  HB3  sing N N 11  
ALA OXT HXT  sing N N 12  
ARG N   CA   sing N N 13  
ARG N   H    sing N N 14  
ARG N   H2   sing N N 15  
ARG CA  C    sing N N 16  
ARG CA  CB   sing N N 17  
ARG CA  HA   sing N N 18  
ARG C   O    doub N N 19  
ARG C   OXT  sing N N 20  
ARG CB  CG   sing N N 21  
ARG CB  HB2  sing N N 22  
ARG CB  HB3  sing N N 23  
ARG CG  CD   sing N N 24  
ARG CG  HG2  sing N N 25  
ARG CG  HG3  sing N N 26  
ARG CD  NE   sing N N 27  
ARG CD  HD2  sing N N 28  
ARG CD  HD3  sing N N 29  
ARG NE  CZ   sing N N 30  
ARG NE  HE   sing N N 31  
ARG CZ  NH1  sing N N 32  
ARG CZ  NH2  doub N N 33  
ARG NH1 HH11 sing N N 34  
ARG NH1 HH12 sing N N 35  
ARG NH2 HH21 sing N N 36  
ARG NH2 HH22 sing N N 37  
ARG OXT HXT  sing N N 38  
ASN N   CA   sing N N 39  
ASN N   H    sing N N 40  
ASN N   H2   sing N N 41  
ASN CA  C    sing N N 42  
ASN CA  CB   sing N N 43  
ASN CA  HA   sing N N 44  
ASN C   O    doub N N 45  
ASN C   OXT  sing N N 46  
ASN CB  CG   sing N N 47  
ASN CB  HB2  sing N N 48  
ASN CB  HB3  sing N N 49  
ASN CG  OD1  doub N N 50  
ASN CG  ND2  sing N N 51  
ASN ND2 HD21 sing N N 52  
ASN ND2 HD22 sing N N 53  
ASN OXT HXT  sing N N 54  
ASP N   CA   sing N N 55  
ASP N   H    sing N N 56  
ASP N   H2   sing N N 57  
ASP CA  C    sing N N 58  
ASP CA  CB   sing N N 59  
ASP CA  HA   sing N N 60  
ASP C   O    doub N N 61  
ASP C   OXT  sing N N 62  
ASP CB  CG   sing N N 63  
ASP CB  HB2  sing N N 64  
ASP CB  HB3  sing N N 65  
ASP CG  OD1  doub N N 66  
ASP CG  OD2  sing N N 67  
ASP OD2 HD2  sing N N 68  
ASP OXT HXT  sing N N 69  
CYS N   CA   sing N N 70  
CYS N   H    sing N N 71  
CYS N   H2   sing N N 72  
CYS CA  C    sing N N 73  
CYS CA  CB   sing N N 74  
CYS CA  HA   sing N N 75  
CYS C   O    doub N N 76  
CYS C   OXT  sing N N 77  
CYS CB  SG   sing N N 78  
CYS CB  HB2  sing N N 79  
CYS CB  HB3  sing N N 80  
CYS SG  HG   sing N N 81  
CYS OXT HXT  sing N N 82  
GLN N   CA   sing N N 83  
GLN N   H    sing N N 84  
GLN N   H2   sing N N 85  
GLN CA  C    sing N N 86  
GLN CA  CB   sing N N 87  
GLN CA  HA   sing N N 88  
GLN C   O    doub N N 89  
GLN C   OXT  sing N N 90  
GLN CB  CG   sing N N 91  
GLN CB  HB2  sing N N 92  
GLN CB  HB3  sing N N 93  
GLN CG  CD   sing N N 94  
GLN CG  HG2  sing N N 95  
GLN CG  HG3  sing N N 96  
GLN CD  OE1  doub N N 97  
GLN CD  NE2  sing N N 98  
GLN NE2 HE21 sing N N 99  
GLN NE2 HE22 sing N N 100 
GLN OXT HXT  sing N N 101 
GLU N   CA   sing N N 102 
GLU N   H    sing N N 103 
GLU N   H2   sing N N 104 
GLU CA  C    sing N N 105 
GLU CA  CB   sing N N 106 
GLU CA  HA   sing N N 107 
GLU C   O    doub N N 108 
GLU C   OXT  sing N N 109 
GLU CB  CG   sing N N 110 
GLU CB  HB2  sing N N 111 
GLU CB  HB3  sing N N 112 
GLU CG  CD   sing N N 113 
GLU CG  HG2  sing N N 114 
GLU CG  HG3  sing N N 115 
GLU CD  OE1  doub N N 116 
GLU CD  OE2  sing N N 117 
GLU OE2 HE2  sing N N 118 
GLU OXT HXT  sing N N 119 
GLY N   CA   sing N N 120 
GLY N   H    sing N N 121 
GLY N   H2   sing N N 122 
GLY CA  C    sing N N 123 
GLY CA  HA2  sing N N 124 
GLY CA  HA3  sing N N 125 
GLY C   O    doub N N 126 
GLY C   OXT  sing N N 127 
GLY OXT HXT  sing N N 128 
HIS N   CA   sing N N 129 
HIS N   H    sing N N 130 
HIS N   H2   sing N N 131 
HIS CA  C    sing N N 132 
HIS CA  CB   sing N N 133 
HIS CA  HA   sing N N 134 
HIS C   O    doub N N 135 
HIS C   OXT  sing N N 136 
HIS CB  CG   sing N N 137 
HIS CB  HB2  sing N N 138 
HIS CB  HB3  sing N N 139 
HIS CG  ND1  sing Y N 140 
HIS CG  CD2  doub Y N 141 
HIS ND1 CE1  doub Y N 142 
HIS ND1 HD1  sing N N 143 
HIS CD2 NE2  sing Y N 144 
HIS CD2 HD2  sing N N 145 
HIS CE1 NE2  sing Y N 146 
HIS CE1 HE1  sing N N 147 
HIS NE2 HE2  sing N N 148 
HIS OXT HXT  sing N N 149 
HOH O   H1   sing N N 150 
HOH O   H2   sing N N 151 
ILE N   CA   sing N N 152 
ILE N   H    sing N N 153 
ILE N   H2   sing N N 154 
ILE CA  C    sing N N 155 
ILE CA  CB   sing N N 156 
ILE CA  HA   sing N N 157 
ILE C   O    doub N N 158 
ILE C   OXT  sing N N 159 
ILE CB  CG1  sing N N 160 
ILE CB  CG2  sing N N 161 
ILE CB  HB   sing N N 162 
ILE CG1 CD1  sing N N 163 
ILE CG1 HG12 sing N N 164 
ILE CG1 HG13 sing N N 165 
ILE CG2 HG21 sing N N 166 
ILE CG2 HG22 sing N N 167 
ILE CG2 HG23 sing N N 168 
ILE CD1 HD11 sing N N 169 
ILE CD1 HD12 sing N N 170 
ILE CD1 HD13 sing N N 171 
ILE OXT HXT  sing N N 172 
LEU N   CA   sing N N 173 
LEU N   H    sing N N 174 
LEU N   H2   sing N N 175 
LEU CA  C    sing N N 176 
LEU CA  CB   sing N N 177 
LEU CA  HA   sing N N 178 
LEU C   O    doub N N 179 
LEU C   OXT  sing N N 180 
LEU CB  CG   sing N N 181 
LEU CB  HB2  sing N N 182 
LEU CB  HB3  sing N N 183 
LEU CG  CD1  sing N N 184 
LEU CG  CD2  sing N N 185 
LEU CG  HG   sing N N 186 
LEU CD1 HD11 sing N N 187 
LEU CD1 HD12 sing N N 188 
LEU CD1 HD13 sing N N 189 
LEU CD2 HD21 sing N N 190 
LEU CD2 HD22 sing N N 191 
LEU CD2 HD23 sing N N 192 
LEU OXT HXT  sing N N 193 
LYS N   CA   sing N N 194 
LYS N   H    sing N N 195 
LYS N   H2   sing N N 196 
LYS CA  C    sing N N 197 
LYS CA  CB   sing N N 198 
LYS CA  HA   sing N N 199 
LYS C   O    doub N N 200 
LYS C   OXT  sing N N 201 
LYS CB  CG   sing N N 202 
LYS CB  HB2  sing N N 203 
LYS CB  HB3  sing N N 204 
LYS CG  CD   sing N N 205 
LYS CG  HG2  sing N N 206 
LYS CG  HG3  sing N N 207 
LYS CD  CE   sing N N 208 
LYS CD  HD2  sing N N 209 
LYS CD  HD3  sing N N 210 
LYS CE  NZ   sing N N 211 
LYS CE  HE2  sing N N 212 
LYS CE  HE3  sing N N 213 
LYS NZ  HZ1  sing N N 214 
LYS NZ  HZ2  sing N N 215 
LYS NZ  HZ3  sing N N 216 
LYS OXT HXT  sing N N 217 
MET N   CA   sing N N 218 
MET N   H    sing N N 219 
MET N   H2   sing N N 220 
MET CA  C    sing N N 221 
MET CA  CB   sing N N 222 
MET CA  HA   sing N N 223 
MET C   O    doub N N 224 
MET C   OXT  sing N N 225 
MET CB  CG   sing N N 226 
MET CB  HB2  sing N N 227 
MET CB  HB3  sing N N 228 
MET CG  SD   sing N N 229 
MET CG  HG2  sing N N 230 
MET CG  HG3  sing N N 231 
MET SD  CE   sing N N 232 
MET CE  HE1  sing N N 233 
MET CE  HE2  sing N N 234 
MET CE  HE3  sing N N 235 
MET OXT HXT  sing N N 236 
PHE N   CA   sing N N 237 
PHE N   H    sing N N 238 
PHE N   H2   sing N N 239 
PHE CA  C    sing N N 240 
PHE CA  CB   sing N N 241 
PHE CA  HA   sing N N 242 
PHE C   O    doub N N 243 
PHE C   OXT  sing N N 244 
PHE CB  CG   sing N N 245 
PHE CB  HB2  sing N N 246 
PHE CB  HB3  sing N N 247 
PHE CG  CD1  doub Y N 248 
PHE CG  CD2  sing Y N 249 
PHE CD1 CE1  sing Y N 250 
PHE CD1 HD1  sing N N 251 
PHE CD2 CE2  doub Y N 252 
PHE CD2 HD2  sing N N 253 
PHE CE1 CZ   doub Y N 254 
PHE CE1 HE1  sing N N 255 
PHE CE2 CZ   sing Y N 256 
PHE CE2 HE2  sing N N 257 
PHE CZ  HZ   sing N N 258 
PHE OXT HXT  sing N N 259 
PRO N   CA   sing N N 260 
PRO N   CD   sing N N 261 
PRO N   H    sing N N 262 
PRO CA  C    sing N N 263 
PRO CA  CB   sing N N 264 
PRO CA  HA   sing N N 265 
PRO C   O    doub N N 266 
PRO C   OXT  sing N N 267 
PRO CB  CG   sing N N 268 
PRO CB  HB2  sing N N 269 
PRO CB  HB3  sing N N 270 
PRO CG  CD   sing N N 271 
PRO CG  HG2  sing N N 272 
PRO CG  HG3  sing N N 273 
PRO CD  HD2  sing N N 274 
PRO CD  HD3  sing N N 275 
PRO OXT HXT  sing N N 276 
SER N   CA   sing N N 277 
SER N   H    sing N N 278 
SER N   H2   sing N N 279 
SER CA  C    sing N N 280 
SER CA  CB   sing N N 281 
SER CA  HA   sing N N 282 
SER C   O    doub N N 283 
SER C   OXT  sing N N 284 
SER CB  OG   sing N N 285 
SER CB  HB2  sing N N 286 
SER CB  HB3  sing N N 287 
SER OG  HG   sing N N 288 
SER OXT HXT  sing N N 289 
THR N   CA   sing N N 290 
THR N   H    sing N N 291 
THR N   H2   sing N N 292 
THR CA  C    sing N N 293 
THR CA  CB   sing N N 294 
THR CA  HA   sing N N 295 
THR C   O    doub N N 296 
THR C   OXT  sing N N 297 
THR CB  OG1  sing N N 298 
THR CB  CG2  sing N N 299 
THR CB  HB   sing N N 300 
THR OG1 HG1  sing N N 301 
THR CG2 HG21 sing N N 302 
THR CG2 HG22 sing N N 303 
THR CG2 HG23 sing N N 304 
THR OXT HXT  sing N N 305 
TRP N   CA   sing N N 306 
TRP N   H    sing N N 307 
TRP N   H2   sing N N 308 
TRP CA  C    sing N N 309 
TRP CA  CB   sing N N 310 
TRP CA  HA   sing N N 311 
TRP C   O    doub N N 312 
TRP C   OXT  sing N N 313 
TRP CB  CG   sing N N 314 
TRP CB  HB2  sing N N 315 
TRP CB  HB3  sing N N 316 
TRP CG  CD1  doub Y N 317 
TRP CG  CD2  sing Y N 318 
TRP CD1 NE1  sing Y N 319 
TRP CD1 HD1  sing N N 320 
TRP CD2 CE2  doub Y N 321 
TRP CD2 CE3  sing Y N 322 
TRP NE1 CE2  sing Y N 323 
TRP NE1 HE1  sing N N 324 
TRP CE2 CZ2  sing Y N 325 
TRP CE3 CZ3  doub Y N 326 
TRP CE3 HE3  sing N N 327 
TRP CZ2 CH2  doub Y N 328 
TRP CZ2 HZ2  sing N N 329 
TRP CZ3 CH2  sing Y N 330 
TRP CZ3 HZ3  sing N N 331 
TRP CH2 HH2  sing N N 332 
TRP OXT HXT  sing N N 333 
TYR N   CA   sing N N 334 
TYR N   H    sing N N 335 
TYR N   H2   sing N N 336 
TYR CA  C    sing N N 337 
TYR CA  CB   sing N N 338 
TYR CA  HA   sing N N 339 
TYR C   O    doub N N 340 
TYR C   OXT  sing N N 341 
TYR CB  CG   sing N N 342 
TYR CB  HB2  sing N N 343 
TYR CB  HB3  sing N N 344 
TYR CG  CD1  doub Y N 345 
TYR CG  CD2  sing Y N 346 
TYR CD1 CE1  sing Y N 347 
TYR CD1 HD1  sing N N 348 
TYR CD2 CE2  doub Y N 349 
TYR CD2 HD2  sing N N 350 
TYR CE1 CZ   doub Y N 351 
TYR CE1 HE1  sing N N 352 
TYR CE2 CZ   sing Y N 353 
TYR CE2 HE2  sing N N 354 
TYR CZ  OH   sing N N 355 
TYR OH  HH   sing N N 356 
TYR OXT HXT  sing N N 357 
VAL N   CA   sing N N 358 
VAL N   H    sing N N 359 
VAL N   H2   sing N N 360 
VAL CA  C    sing N N 361 
VAL CA  CB   sing N N 362 
VAL CA  HA   sing N N 363 
VAL C   O    doub N N 364 
VAL C   OXT  sing N N 365 
VAL CB  CG1  sing N N 366 
VAL CB  CG2  sing N N 367 
VAL CB  HB   sing N N 368 
VAL CG1 HG11 sing N N 369 
VAL CG1 HG12 sing N N 370 
VAL CG1 HG13 sing N N 371 
VAL CG2 HG21 sing N N 372 
VAL CG2 HG22 sing N N 373 
VAL CG2 HG23 sing N N 374 
VAL OXT HXT  sing N N 375 
# 
_pdbx_audit_support.funding_organization   'National Research Foundation (NRF, Korea)' 
_pdbx_audit_support.country                'Korea, Republic Of' 
_pdbx_audit_support.grant_number           ? 
_pdbx_audit_support.ordinal                1 
# 
_pdbx_entity_nonpoly.entity_id   2 
_pdbx_entity_nonpoly.name        water 
_pdbx_entity_nonpoly.comp_id     HOH 
# 
_pdbx_initial_refinement_model.id               1 
_pdbx_initial_refinement_model.entity_id_list   ? 
_pdbx_initial_refinement_model.type             'experimental model' 
_pdbx_initial_refinement_model.source_name      PDB 
_pdbx_initial_refinement_model.accession_code   4KDZ 
_pdbx_initial_refinement_model.details          ? 
# 
_pdbx_struct_assembly_auth_evidence.id                     1 
_pdbx_struct_assembly_auth_evidence.assembly_id            1 
_pdbx_struct_assembly_auth_evidence.experimental_support   'gel filtration' 
_pdbx_struct_assembly_auth_evidence.details                'Biological homodimer' 
# 
